data_1PQ3
#
_entry.id   1PQ3
#
_cell.length_a   142.994
_cell.length_b   142.994
_cell.length_c   127.328
_cell.angle_alpha   90.00
_cell.angle_beta   90.00
_cell.angle_gamma   120.00
#
_symmetry.space_group_name_H-M   'P 32'
#
loop_
_entity.id
_entity.type
_entity.pdbx_description
1 polymer 'Arginase II, mitochondrial precursor'
2 non-polymer 'SULFATE ION'
3 non-polymer 'MANGANESE (II) ION'
4 non-polymer 'CHLORIDE ION'
5 non-polymer S-2-(BORONOETHYL)-L-CYSTEINE
6 water water
#
_entity_poly.entity_id   1
_entity_poly.type   'polypeptide(L)'
_entity_poly.pdbx_seq_one_letter_code
;HSVAVIGAPFSQGQKRKGVEHGPAAIREAGLMKRLSSLGCHLKDFGDLSFTPVPKDDLYNNLIVNPRSVGLANQELAEVV
SRAVSDGYSCVTLGGDHSLAIGTISGHARHCPDLCVVWVDAHADINTPLTTSSGNLHGQPVSFLLRELQDKVPQLPGFSW
IKPCISSASIVYIGLRDVDPPEHFILKNYDIQYFSMRDIDRLGIQKVMERTFDLLIGKRQRPIHLSFDIDAFDPTLAPAT
GTPVVGGLTYREGMYIAEEIHNTGLLSALDLVEVNPQLATSEEEAKTTANLAVDVIASSFGQTREG
;
_entity_poly.pdbx_strand_id   A,B,C,D,E,F
#
loop_
_chem_comp.id
_chem_comp.type
_chem_comp.name
_chem_comp.formula
CL non-polymer 'CHLORIDE ION' 'Cl -1'
MN non-polymer 'MANGANESE (II) ION' 'Mn 2'
SO4 non-polymer 'SULFATE ION' 'O4 S -2'
#
# COMPACT_ATOMS: atom_id res chain seq x y z
N HIS A 1 12.44 66.18 5.48
CA HIS A 1 11.31 66.83 6.22
C HIS A 1 11.50 66.61 7.72
N SER A 2 10.76 67.35 8.54
CA SER A 2 10.87 67.20 9.99
C SER A 2 9.70 66.39 10.54
N VAL A 3 10.00 65.53 11.50
CA VAL A 3 8.99 64.68 12.09
C VAL A 3 8.92 64.85 13.59
N ALA A 4 7.71 64.87 14.11
CA ALA A 4 7.48 64.98 15.56
C ALA A 4 6.89 63.66 16.02
N VAL A 5 7.27 63.21 17.21
CA VAL A 5 6.75 61.96 17.73
C VAL A 5 6.11 62.15 19.11
N ILE A 6 4.83 61.82 19.23
CA ILE A 6 4.10 61.96 20.48
C ILE A 6 3.55 60.60 20.93
N GLY A 7 3.93 60.20 22.13
CA GLY A 7 3.45 58.94 22.66
C GLY A 7 2.24 59.22 23.54
N ALA A 8 1.11 58.59 23.23
CA ALA A 8 -0.11 58.77 24.01
C ALA A 8 -0.47 57.43 24.67
N PRO A 9 0.08 57.15 25.87
CA PRO A 9 -0.21 55.90 26.58
C PRO A 9 -1.62 55.94 27.18
N PHE A 10 -2.63 55.93 26.34
CA PHE A 10 -4.02 55.98 26.80
C PHE A 10 -4.70 54.66 26.53
N SER A 11 -5.51 54.19 27.47
CA SER A 11 -6.18 52.90 27.29
C SER A 11 -7.64 52.90 27.70
N GLN A 12 -8.17 54.06 28.06
CA GLN A 12 -9.55 54.10 28.51
C GLN A 12 -10.60 54.21 27.42
N GLY A 13 -10.17 54.07 26.17
CA GLY A 13 -11.11 54.11 25.07
C GLY A 13 -11.66 52.70 24.86
N GLN A 14 -11.17 51.76 25.66
CA GLN A 14 -11.61 50.38 25.56
C GLN A 14 -11.37 49.69 26.90
N LYS A 15 -11.55 48.37 26.97
CA LYS A 15 -11.40 47.71 28.26
C LYS A 15 -10.15 46.87 28.52
N ARG A 16 -9.46 46.42 27.49
CA ARG A 16 -8.27 45.62 27.76
C ARG A 16 -7.12 46.49 28.27
N LYS A 17 -6.40 45.95 29.24
CA LYS A 17 -5.27 46.65 29.81
C LYS A 17 -4.04 46.29 28.99
N GLY A 18 -3.20 47.28 28.68
CA GLY A 18 -2.01 46.99 27.90
C GLY A 18 -1.72 47.92 26.75
N VAL A 19 -2.75 48.51 26.15
CA VAL A 19 -2.51 49.42 25.05
C VAL A 19 -1.70 50.63 25.50
N GLU A 20 -1.67 50.87 26.81
CA GLU A 20 -0.92 52.02 27.32
C GLU A 20 0.58 51.79 27.15
N HIS A 21 0.96 50.53 26.94
CA HIS A 21 2.37 50.17 26.74
C HIS A 21 2.74 50.15 25.26
N GLY A 22 1.77 50.47 24.41
CA GLY A 22 2.02 50.49 22.98
C GLY A 22 3.21 51.34 22.60
N PRO A 23 3.24 52.61 23.02
CA PRO A 23 4.34 53.53 22.70
C PRO A 23 5.70 52.95 23.05
N ALA A 24 5.83 52.48 24.28
CA ALA A 24 7.08 51.90 24.75
C ALA A 24 7.53 50.75 23.88
N ALA A 25 6.59 49.90 23.48
CA ALA A 25 6.90 48.74 22.65
C ALA A 25 7.42 49.20 21.28
N ILE A 26 6.75 50.17 20.68
CA ILE A 26 7.15 50.68 19.38
C ILE A 26 8.52 51.37 19.50
N ARG A 27 8.71 52.09 20.59
CA ARG A 27 9.97 52.78 20.84
C ARG A 27 11.08 51.75 20.99
N GLU A 28 10.77 50.68 21.71
CA GLU A 28 11.74 49.64 21.94
C GLU A 28 11.98 48.75 20.74
N ALA A 29 11.36 49.12 19.62
CA ALA A 29 11.52 48.37 18.39
C ALA A 29 12.35 49.20 17.40
N GLY A 30 12.96 50.27 17.92
CA GLY A 30 13.83 51.10 17.10
C GLY A 30 13.27 52.27 16.30
N LEU A 31 11.98 52.56 16.48
CA LEU A 31 11.35 53.65 15.73
C LEU A 31 12.24 54.89 15.53
N MET A 32 12.70 55.47 16.63
CA MET A 32 13.49 56.68 16.60
C MET A 32 14.76 56.70 15.76
N LYS A 33 15.70 55.79 16.00
CA LYS A 33 16.91 55.83 15.21
C LYS A 33 16.65 55.34 13.80
N ARG A 34 15.48 54.74 13.63
CA ARG A 34 15.06 54.22 12.34
C ARG A 34 14.64 55.40 11.47
N LEU A 35 13.94 56.36 12.07
CA LEU A 35 13.50 57.55 11.35
C LEU A 35 14.68 58.43 10.95
N SER A 36 15.64 58.58 11.87
CA SER A 36 16.85 59.37 11.61
C SER A 36 17.62 58.76 10.47
N SER A 37 17.70 57.43 10.48
CA SER A 37 18.41 56.69 9.47
C SER A 37 17.89 57.10 8.10
N LEU A 38 16.63 57.52 8.05
CA LEU A 38 16.02 57.95 6.80
C LEU A 38 16.46 59.35 6.43
N GLY A 39 16.73 60.16 7.45
CA GLY A 39 17.18 61.51 7.21
C GLY A 39 16.21 62.53 7.74
N CYS A 40 15.23 62.07 8.52
CA CYS A 40 14.24 62.97 9.10
C CYS A 40 14.77 63.72 10.31
N HIS A 41 14.34 64.96 10.46
CA HIS A 41 14.76 65.77 11.60
C HIS A 41 13.70 65.51 12.67
N LEU A 42 14.12 64.86 13.75
CA LEU A 42 13.20 64.48 14.82
C LEU A 42 13.07 65.37 16.03
N LYS A 43 11.84 65.44 16.54
CA LYS A 43 11.50 66.23 17.71
C LYS A 43 10.62 65.33 18.57
N ASP A 44 11.24 64.63 19.51
CA ASP A 44 10.49 63.73 20.37
C ASP A 44 9.81 64.42 21.54
N PHE A 45 8.48 64.52 21.51
CA PHE A 45 7.75 65.17 22.60
C PHE A 45 7.61 64.25 23.80
N GLY A 46 8.24 63.07 23.72
CA GLY A 46 8.16 62.11 24.81
C GLY A 46 6.79 61.45 24.91
N ASP A 47 6.52 60.82 26.05
CA ASP A 47 5.24 60.16 26.28
C ASP A 47 4.37 61.01 27.19
N LEU A 48 3.31 61.57 26.63
CA LEU A 48 2.39 62.41 27.37
C LEU A 48 1.82 61.67 28.57
N SER A 49 1.43 62.44 29.58
CA SER A 49 0.85 61.91 30.81
C SER A 49 -0.52 62.58 30.95
N PHE A 50 -1.58 61.89 30.56
CA PHE A 50 -2.91 62.49 30.63
C PHE A 50 -3.46 62.53 32.06
N THR A 51 -4.21 63.58 32.36
CA THR A 51 -4.81 63.77 33.69
C THR A 51 -6.02 62.86 33.82
N PRO A 52 -6.02 61.96 34.81
CA PRO A 52 -7.16 61.04 34.99
C PRO A 52 -8.42 61.74 35.48
N VAL A 53 -9.54 61.03 35.43
CA VAL A 53 -10.80 61.58 35.89
C VAL A 53 -11.49 60.59 36.81
N PRO A 54 -11.32 60.76 38.14
CA PRO A 54 -11.92 59.90 39.16
C PRO A 54 -13.44 59.92 39.05
N LYS A 55 -14.06 58.77 39.22
CA LYS A 55 -15.51 58.70 39.10
C LYS A 55 -15.95 59.28 37.76
N ASP A 56 -15.72 58.48 36.72
CA ASP A 56 -16.09 58.80 35.38
C ASP A 56 -16.82 57.53 34.96
N ASP A 57 -18.11 57.49 35.28
CA ASP A 57 -18.93 56.31 34.98
C ASP A 57 -19.70 56.38 33.69
N LEU A 58 -20.38 55.27 33.41
CA LEU A 58 -21.14 55.12 32.20
C LEU A 58 -22.19 56.19 32.01
N TYR A 59 -22.23 56.75 30.80
CA TYR A 59 -23.23 57.75 30.48
C TYR A 59 -24.37 56.90 29.94
N ASN A 60 -25.58 57.18 30.41
CA ASN A 60 -26.77 56.44 30.00
C ASN A 60 -26.55 54.95 30.20
N ASN A 61 -25.62 54.62 31.07
CA ASN A 61 -25.33 53.22 31.41
C ASN A 61 -24.58 52.34 30.39
N LEU A 62 -23.90 52.93 29.42
CA LEU A 62 -23.13 52.09 28.49
C LEU A 62 -21.82 52.73 28.03
N ILE A 63 -21.85 54.01 27.66
CA ILE A 63 -20.65 54.69 27.21
C ILE A 63 -19.65 54.67 28.36
N VAL A 64 -18.46 54.10 28.11
CA VAL A 64 -17.41 53.98 29.15
C VAL A 64 -16.34 55.08 29.18
N ASN A 65 -16.04 55.55 30.39
CA ASN A 65 -15.03 56.60 30.62
C ASN A 65 -15.13 57.79 29.66
N PRO A 66 -16.34 58.33 29.48
CA PRO A 66 -16.56 59.47 28.58
C PRO A 66 -15.67 60.69 28.85
N ARG A 67 -15.74 61.22 30.07
CA ARG A 67 -14.99 62.40 30.43
C ARG A 67 -13.49 62.17 30.56
N SER A 68 -13.11 60.94 30.88
CA SER A 68 -11.70 60.61 30.98
C SER A 68 -11.10 60.63 29.58
N VAL A 69 -11.89 60.16 28.60
CA VAL A 69 -11.46 60.12 27.20
C VAL A 69 -11.50 61.51 26.60
N GLY A 70 -12.54 62.27 26.95
CA GLY A 70 -12.66 63.61 26.42
C GLY A 70 -11.55 64.55 26.84
N LEU A 71 -11.04 64.35 28.05
CA LEU A 71 -9.98 65.19 28.58
C LEU A 71 -8.62 64.80 28.03
N ALA A 72 -8.39 63.50 27.87
CA ALA A 72 -7.13 63.01 27.35
C ALA A 72 -6.97 63.50 25.92
N ASN A 73 -8.06 63.45 25.17
CA ASN A 73 -8.05 63.87 23.78
C ASN A 73 -7.91 65.36 23.64
N GLN A 74 -8.55 66.13 24.51
CA GLN A 74 -8.42 67.56 24.44
C GLN A 74 -6.93 67.73 24.53
N GLU A 75 -6.41 67.39 25.70
CA GLU A 75 -5.00 67.51 25.95
C GLU A 75 -4.08 67.14 24.77
N LEU A 76 -4.26 65.96 24.19
CA LEU A 76 -3.46 65.54 23.03
C LEU A 76 -3.63 66.47 21.84
N ALA A 77 -4.84 66.99 21.68
CA ALA A 77 -5.16 67.89 20.56
C ALA A 77 -4.30 69.13 20.56
N GLU A 78 -3.83 69.55 21.73
CA GLU A 78 -3.01 70.74 21.80
C GLU A 78 -1.55 70.47 21.47
N VAL A 79 -1.04 69.35 21.95
CA VAL A 79 0.34 68.99 21.66
C VAL A 79 0.48 68.81 20.14
N VAL A 80 -0.51 68.15 19.55
CA VAL A 80 -0.53 67.91 18.12
C VAL A 80 -0.63 69.16 17.27
N SER A 81 -1.49 70.10 17.66
CA SER A 81 -1.63 71.34 16.87
C SER A 81 -0.39 72.21 17.11
N ARG A 82 0.33 71.93 18.18
CA ARG A 82 1.54 72.67 18.50
C ARG A 82 2.58 72.24 17.47
N ALA A 83 2.77 70.93 17.37
CA ALA A 83 3.73 70.34 16.43
C ALA A 83 3.39 70.69 14.98
N VAL A 84 2.14 70.45 14.60
CA VAL A 84 1.72 70.75 13.23
C VAL A 84 2.00 72.21 12.94
N SER A 85 1.83 73.03 13.96
CA SER A 85 2.04 74.47 13.89
C SER A 85 3.48 74.82 13.53
N ASP A 86 4.43 74.16 14.19
CA ASP A 86 5.84 74.41 13.93
C ASP A 86 6.33 73.72 12.67
N GLY A 87 5.39 73.23 11.86
CA GLY A 87 5.77 72.58 10.62
C GLY A 87 6.15 71.11 10.68
N TYR A 88 5.96 70.47 11.84
CA TYR A 88 6.29 69.05 11.95
C TYR A 88 5.20 68.16 11.39
N SER A 89 5.60 66.98 10.92
CA SER A 89 4.66 65.98 10.47
C SER A 89 4.49 65.27 11.80
N CYS A 90 3.27 65.25 12.30
CA CYS A 90 3.01 64.65 13.59
C CYS A 90 2.75 63.16 13.60
N VAL A 91 3.59 62.42 14.32
CA VAL A 91 3.45 60.98 14.44
C VAL A 91 3.02 60.62 15.86
N THR A 92 1.79 60.10 16.01
CA THR A 92 1.29 59.74 17.33
C THR A 92 1.24 58.23 17.55
N LEU A 93 1.84 57.78 18.65
CA LEU A 93 1.86 56.36 18.97
C LEU A 93 0.83 56.04 20.06
N GLY A 94 -0.19 55.27 19.69
CA GLY A 94 -1.26 54.95 20.61
C GLY A 94 -1.01 53.83 21.59
N GLY A 95 -1.59 53.98 22.79
CA GLY A 95 -2.93 53.49 23.10
C GLY A 95 -3.99 53.23 22.04
N ASP A 96 -5.24 53.19 22.50
CA ASP A 96 -6.38 52.89 21.64
C ASP A 96 -6.75 53.96 20.62
N HIS A 97 -7.53 53.57 19.62
CA HIS A 97 -7.93 54.47 18.56
C HIS A 97 -8.85 55.65 18.91
N SER A 98 -9.31 55.74 20.14
CA SER A 98 -10.15 56.87 20.49
C SER A 98 -9.29 58.14 20.43
N LEU A 99 -7.97 57.95 20.54
CA LEU A 99 -7.01 59.05 20.49
C LEU A 99 -7.11 59.84 19.19
N ALA A 100 -7.60 59.20 18.14
CA ALA A 100 -7.74 59.85 16.84
C ALA A 100 -8.58 61.12 16.96
N ILE A 101 -9.50 61.14 17.92
CA ILE A 101 -10.34 62.30 18.13
C ILE A 101 -9.43 63.51 18.35
N GLY A 102 -8.47 63.34 19.25
CA GLY A 102 -7.53 64.40 19.56
C GLY A 102 -6.56 64.75 18.44
N THR A 103 -5.89 63.74 17.89
CA THR A 103 -4.92 63.96 16.80
C THR A 103 -5.54 64.64 15.57
N ILE A 104 -6.71 64.18 15.12
CA ILE A 104 -7.35 64.79 13.97
C ILE A 104 -7.91 66.16 14.34
N SER A 105 -8.36 66.31 15.58
CA SER A 105 -8.88 67.62 16.00
C SER A 105 -7.72 68.61 15.97
N GLY A 106 -6.66 68.30 16.71
CA GLY A 106 -5.50 69.17 16.76
C GLY A 106 -4.86 69.44 15.42
N HIS A 107 -4.88 68.45 14.54
CA HIS A 107 -4.29 68.59 13.23
C HIS A 107 -5.17 69.52 12.37
N ALA A 108 -6.47 69.31 12.39
CA ALA A 108 -7.39 70.11 11.59
C ALA A 108 -7.30 71.58 12.01
N ARG A 109 -6.97 71.78 13.28
CA ARG A 109 -6.85 73.10 13.85
C ARG A 109 -5.94 73.99 12.99
N HIS A 110 -5.00 73.39 12.27
CA HIS A 110 -4.10 74.16 11.44
C HIS A 110 -4.17 73.80 9.96
N CYS A 111 -4.77 72.66 9.67
CA CYS A 111 -4.91 72.21 8.29
C CYS A 111 -6.38 71.81 8.10
N PRO A 112 -7.28 72.80 8.10
CA PRO A 112 -8.72 72.61 7.94
C PRO A 112 -9.10 71.80 6.71
N ASP A 113 -8.24 71.83 5.70
CA ASP A 113 -8.52 71.11 4.46
C ASP A 113 -7.93 69.70 4.44
N LEU A 114 -7.54 69.16 5.59
CA LEU A 114 -6.94 67.84 5.62
C LEU A 114 -7.96 66.79 5.22
N CYS A 115 -7.46 65.68 4.66
CA CYS A 115 -8.28 64.55 4.26
C CYS A 115 -7.75 63.38 5.10
N VAL A 116 -8.56 62.35 5.29
CA VAL A 116 -8.15 61.23 6.13
C VAL A 116 -8.14 59.85 5.46
N VAL A 117 -7.06 59.11 5.66
CA VAL A 117 -6.95 57.75 5.14
C VAL A 117 -6.94 56.86 6.37
N TRP A 118 -8.04 56.16 6.59
CA TRP A 118 -8.22 55.29 7.75
C TRP A 118 -8.00 53.81 7.40
N VAL A 119 -6.87 53.26 7.83
CA VAL A 119 -6.54 51.87 7.56
C VAL A 119 -6.87 51.08 8.83
N ASP A 120 -7.91 50.27 8.75
CA ASP A 120 -8.41 49.55 9.91
C ASP A 120 -9.29 48.38 9.47
N ALA A 121 -9.49 47.40 10.36
CA ALA A 121 -10.35 46.28 10.04
C ALA A 121 -11.79 46.72 10.36
N HIS A 122 -11.89 47.76 11.19
CA HIS A 122 -13.17 48.31 11.60
C HIS A 122 -13.32 49.74 11.09
N ALA A 123 -14.54 50.24 11.04
CA ALA A 123 -14.79 51.60 10.56
C ALA A 123 -14.79 52.63 11.68
N ASP A 124 -14.82 52.14 12.92
CA ASP A 124 -14.83 53.00 14.10
C ASP A 124 -15.77 54.18 13.97
N ILE A 125 -16.90 53.96 13.32
CA ILE A 125 -17.87 55.03 13.13
C ILE A 125 -19.21 54.85 13.88
N ASN A 126 -19.19 54.12 14.98
CA ASN A 126 -20.40 53.96 15.80
C ASN A 126 -20.58 55.23 16.59
N THR A 127 -21.83 55.60 16.89
CA THR A 127 -22.09 56.79 17.68
C THR A 127 -22.45 56.26 19.06
N PRO A 128 -22.59 57.15 20.05
CA PRO A 128 -22.94 56.66 21.39
C PRO A 128 -24.36 56.07 21.37
N LEU A 129 -25.06 56.34 20.27
CA LEU A 129 -26.43 55.91 20.06
C LEU A 129 -26.49 54.50 19.50
N THR A 130 -25.51 54.15 18.67
CA THR A 130 -25.48 52.84 18.01
C THR A 130 -24.51 51.79 18.54
N THR A 131 -23.59 52.19 19.42
CA THR A 131 -22.62 51.27 19.97
C THR A 131 -23.25 50.13 20.78
N SER A 132 -22.61 48.97 20.78
CA SER A 132 -23.10 47.83 21.55
C SER A 132 -22.18 47.58 22.73
N SER A 133 -20.91 47.95 22.59
CA SER A 133 -19.95 47.75 23.65
C SER A 133 -19.88 48.94 24.60
N GLY A 134 -19.96 50.15 24.03
CA GLY A 134 -19.89 51.34 24.86
C GLY A 134 -18.46 51.86 24.89
N ASN A 135 -17.53 51.11 24.34
CA ASN A 135 -16.14 51.53 24.30
C ASN A 135 -16.05 52.67 23.28
N LEU A 136 -15.27 53.71 23.60
CA LEU A 136 -15.17 54.85 22.70
C LEU A 136 -14.19 54.70 21.54
N HIS A 137 -13.27 53.75 21.62
CA HIS A 137 -12.31 53.55 20.54
C HIS A 137 -12.94 53.02 19.26
N GLY A 138 -14.26 52.81 19.30
CA GLY A 138 -14.95 52.31 18.12
C GLY A 138 -15.94 53.37 17.64
N GLN A 139 -15.77 54.58 18.16
CA GLN A 139 -16.62 55.71 17.83
C GLN A 139 -15.93 57.01 17.36
N PRO A 140 -14.58 57.01 17.23
CA PRO A 140 -13.81 58.19 16.80
C PRO A 140 -14.39 58.99 15.63
N VAL A 141 -14.51 58.34 14.48
CA VAL A 141 -15.02 58.99 13.28
C VAL A 141 -16.39 59.66 13.49
N SER A 142 -17.17 59.22 14.46
CA SER A 142 -18.48 59.82 14.72
C SER A 142 -18.39 61.27 15.14
N PHE A 143 -17.50 61.52 16.09
CA PHE A 143 -17.35 62.87 16.60
C PHE A 143 -16.63 63.81 15.64
N LEU A 144 -16.05 63.26 14.57
CA LEU A 144 -15.32 64.06 13.60
C LEU A 144 -16.07 64.45 12.34
N LEU A 145 -16.96 63.59 11.86
CA LEU A 145 -17.71 63.92 10.64
C LEU A 145 -18.85 64.91 10.88
N ARG A 146 -18.94 65.90 9.99
CA ARG A 146 -19.98 66.91 10.15
C ARG A 146 -21.39 66.42 9.83
N GLU A 147 -21.54 65.56 8.85
CA GLU A 147 -22.85 65.05 8.50
C GLU A 147 -23.49 64.19 9.58
N LEU A 148 -22.67 63.67 10.49
CA LEU A 148 -23.18 62.84 11.56
C LEU A 148 -23.61 63.70 12.74
N GLN A 149 -22.99 64.88 12.84
CA GLN A 149 -23.28 65.85 13.88
C GLN A 149 -24.47 65.56 14.78
N ASP A 150 -25.65 65.89 14.25
CA ASP A 150 -26.93 65.76 14.92
C ASP A 150 -27.47 64.35 15.21
N LYS A 151 -26.67 63.34 14.93
CA LYS A 151 -27.07 61.95 15.19
C LYS A 151 -26.09 61.39 16.20
N VAL A 152 -25.32 62.30 16.80
CA VAL A 152 -24.31 61.95 17.78
C VAL A 152 -24.56 62.61 19.14
N PRO A 153 -25.14 61.88 20.09
CA PRO A 153 -25.43 62.40 21.42
C PRO A 153 -24.20 63.06 22.04
N GLN A 154 -24.39 64.14 22.76
CA GLN A 154 -23.23 64.79 23.38
C GLN A 154 -22.95 64.17 24.74
N LEU A 155 -21.71 63.74 24.93
CA LEU A 155 -21.27 63.08 26.17
C LEU A 155 -20.54 64.03 27.10
N PRO A 156 -20.30 63.58 28.34
CA PRO A 156 -19.59 64.37 29.34
C PRO A 156 -18.11 64.49 28.98
N GLY A 157 -17.61 65.71 28.82
CA GLY A 157 -16.21 65.91 28.48
C GLY A 157 -15.96 66.08 27.00
N PHE A 158 -17.03 66.02 26.20
CA PHE A 158 -16.93 66.16 24.74
C PHE A 158 -17.37 67.51 24.20
N SER A 159 -17.66 68.44 25.11
CA SER A 159 -18.10 69.76 24.72
C SER A 159 -17.14 70.46 23.75
N TRP A 160 -15.84 70.38 24.02
CA TRP A 160 -14.84 71.01 23.18
C TRP A 160 -14.78 70.48 21.75
N ILE A 161 -15.15 69.22 21.57
CA ILE A 161 -15.09 68.62 20.24
C ILE A 161 -16.07 69.23 19.25
N LYS A 162 -15.53 69.65 18.11
CA LYS A 162 -16.32 70.26 17.04
C LYS A 162 -16.02 69.52 15.72
N PRO A 163 -17.06 68.96 15.11
CA PRO A 163 -16.96 68.22 13.84
C PRO A 163 -16.17 68.99 12.79
N CYS A 164 -15.05 68.43 12.33
CA CYS A 164 -14.24 69.11 11.34
C CYS A 164 -14.39 68.68 9.88
N ILE A 165 -13.86 67.51 9.51
CA ILE A 165 -13.93 67.07 8.12
C ILE A 165 -15.32 66.61 7.67
N SER A 166 -15.53 66.53 6.36
CA SER A 166 -16.80 66.07 5.82
C SER A 166 -16.64 64.60 5.45
N SER A 167 -17.76 63.91 5.30
CA SER A 167 -17.73 62.49 4.97
C SER A 167 -16.98 62.21 3.68
N ALA A 168 -16.93 63.20 2.79
CA ALA A 168 -16.26 63.03 1.52
C ALA A 168 -14.76 63.17 1.65
N SER A 169 -14.30 63.50 2.84
CA SER A 169 -12.87 63.69 3.06
C SER A 169 -12.15 62.56 3.79
N ILE A 170 -12.80 61.41 3.89
CA ILE A 170 -12.19 60.27 4.56
C ILE A 170 -12.38 59.02 3.70
N VAL A 171 -11.36 58.18 3.67
CA VAL A 171 -11.41 56.94 2.91
C VAL A 171 -10.92 55.78 3.78
N TYR A 172 -11.66 54.68 3.75
CA TYR A 172 -11.34 53.50 4.56
C TYR A 172 -10.63 52.43 3.75
N ILE A 173 -9.65 51.78 4.35
CA ILE A 173 -8.94 50.69 3.69
C ILE A 173 -8.74 49.55 4.68
N GLY A 174 -9.19 48.35 4.28
CA GLY A 174 -9.04 47.16 5.10
C GLY A 174 -10.27 46.62 5.83
N LEU A 175 -11.38 47.38 5.82
CA LEU A 175 -12.61 46.95 6.50
C LEU A 175 -12.99 45.50 6.24
N ARG A 176 -13.36 44.79 7.31
CA ARG A 176 -13.75 43.39 7.23
C ARG A 176 -14.69 43.01 8.39
N ASP A 177 -14.85 43.92 9.36
CA ASP A 177 -15.74 43.67 10.48
C ASP A 177 -16.57 44.93 10.80
N VAL A 178 -17.64 45.11 10.04
CA VAL A 178 -18.52 46.24 10.19
C VAL A 178 -19.86 45.97 10.77
N ASP A 179 -20.16 46.71 11.85
CA ASP A 179 -21.49 46.54 12.56
C ASP A 179 -22.61 47.07 11.64
N PRO A 180 -23.82 46.54 11.73
CA PRO A 180 -24.91 46.98 10.89
C PRO A 180 -25.15 48.50 10.91
N PRO A 181 -25.13 49.12 12.11
CA PRO A 181 -25.35 50.57 12.16
C PRO A 181 -24.29 51.34 11.39
N GLU A 182 -23.05 50.88 11.47
CA GLU A 182 -21.92 51.52 10.77
C GLU A 182 -22.14 51.38 9.28
N HIS A 183 -22.59 50.19 8.88
CA HIS A 183 -22.83 49.98 7.47
C HIS A 183 -23.95 50.91 6.99
N PHE A 184 -24.97 51.12 7.82
CA PHE A 184 -26.07 52.00 7.47
C PHE A 184 -25.54 53.42 7.25
N ILE A 185 -24.76 53.90 8.19
CA ILE A 185 -24.23 55.25 8.06
C ILE A 185 -23.19 55.38 6.95
N LEU A 186 -22.38 54.35 6.71
CA LEU A 186 -21.40 54.42 5.63
C LEU A 186 -22.13 54.57 4.30
N LYS A 187 -23.22 53.84 4.14
CA LYS A 187 -24.03 53.86 2.92
C LYS A 187 -24.90 55.12 2.80
N ASN A 188 -25.41 55.60 3.93
CA ASN A 188 -26.27 56.77 3.95
C ASN A 188 -25.55 58.09 3.63
N TYR A 189 -24.30 58.22 4.02
CA TYR A 189 -23.55 59.45 3.74
C TYR A 189 -22.51 59.25 2.65
N ASP A 190 -22.67 58.16 1.90
CA ASP A 190 -21.78 57.82 0.80
C ASP A 190 -20.28 57.83 1.08
N ILE A 191 -19.90 57.46 2.30
CA ILE A 191 -18.49 57.44 2.64
C ILE A 191 -17.81 56.32 1.84
N GLN A 192 -16.64 56.63 1.30
CA GLN A 192 -15.85 55.69 0.50
C GLN A 192 -15.01 54.73 1.31
N TYR A 193 -15.02 53.47 0.91
CA TYR A 193 -14.22 52.48 1.62
C TYR A 193 -13.84 51.35 0.69
N PHE A 194 -12.76 50.67 1.05
CA PHE A 194 -12.27 49.54 0.31
C PHE A 194 -12.11 48.41 1.32
N SER A 195 -13.07 47.49 1.31
CA SER A 195 -13.10 46.35 2.21
C SER A 195 -12.09 45.31 1.74
N MET A 196 -11.81 44.33 2.58
CA MET A 196 -10.85 43.31 2.22
C MET A 196 -11.27 42.66 0.91
N ARG A 197 -12.57 42.67 0.65
CA ARG A 197 -13.06 42.09 -0.59
C ARG A 197 -12.72 42.98 -1.78
N ASP A 198 -12.88 44.29 -1.61
CA ASP A 198 -12.56 45.24 -2.67
C ASP A 198 -11.09 45.08 -3.03
N ILE A 199 -10.24 44.95 -2.01
CA ILE A 199 -8.81 44.76 -2.21
C ILE A 199 -8.56 43.46 -2.97
N ASP A 200 -9.30 42.41 -2.62
CA ASP A 200 -9.18 41.10 -3.28
C ASP A 200 -9.54 41.18 -4.76
N ARG A 201 -10.58 41.96 -5.06
CA ARG A 201 -11.06 42.13 -6.43
C ARG A 201 -10.29 43.16 -7.27
N LEU A 202 -9.78 44.22 -6.63
CA LEU A 202 -9.07 45.28 -7.34
C LEU A 202 -7.55 45.25 -7.32
N GLY A 203 -6.98 44.73 -6.23
CA GLY A 203 -5.53 44.70 -6.10
C GLY A 203 -5.18 45.92 -5.28
N ILE A 204 -4.22 45.79 -4.36
CA ILE A 204 -3.88 46.92 -3.52
C ILE A 204 -3.43 48.18 -4.28
N GLN A 205 -2.74 48.03 -5.40
CA GLN A 205 -2.31 49.23 -6.11
C GLN A 205 -3.48 49.95 -6.75
N LYS A 206 -4.45 49.19 -7.26
CA LYS A 206 -5.64 49.81 -7.86
C LYS A 206 -6.41 50.55 -6.75
N VAL A 207 -6.34 50.02 -5.54
CA VAL A 207 -7.02 50.63 -4.40
C VAL A 207 -6.41 52.00 -4.07
N MET A 208 -5.08 52.08 -4.07
CA MET A 208 -4.42 53.34 -3.77
C MET A 208 -4.63 54.36 -4.89
N GLU A 209 -4.72 53.92 -6.14
CA GLU A 209 -4.95 54.84 -7.26
C GLU A 209 -6.24 55.58 -6.97
N ARG A 210 -7.25 54.82 -6.56
CA ARG A 210 -8.56 55.37 -6.30
C ARG A 210 -8.72 56.22 -5.05
N THR A 211 -8.15 55.83 -3.93
CA THR A 211 -8.33 56.64 -2.75
C THR A 211 -7.71 58.02 -2.99
N PHE A 212 -6.60 58.08 -3.72
CA PHE A 212 -5.99 59.38 -3.98
C PHE A 212 -6.76 60.20 -5.00
N ASP A 213 -7.54 59.54 -5.85
CA ASP A 213 -8.40 60.22 -6.81
C ASP A 213 -9.52 60.89 -6.05
N LEU A 214 -10.12 60.18 -5.11
CA LEU A 214 -11.19 60.75 -4.32
C LEU A 214 -10.65 61.93 -3.51
N LEU A 215 -9.58 61.67 -2.76
CA LEU A 215 -9.01 62.68 -1.87
C LEU A 215 -8.19 63.84 -2.43
N ILE A 216 -7.18 63.56 -3.24
CA ILE A 216 -6.33 64.61 -3.76
C ILE A 216 -6.31 64.73 -5.26
N GLY A 217 -7.39 64.30 -5.91
CA GLY A 217 -7.46 64.38 -7.35
C GLY A 217 -7.51 65.79 -7.91
N LYS A 218 -8.37 66.64 -7.34
CA LYS A 218 -8.52 68.00 -7.82
C LYS A 218 -7.54 69.00 -7.23
N ARG A 219 -6.96 68.68 -6.08
CA ARG A 219 -6.04 69.62 -5.45
C ARG A 219 -5.16 68.95 -4.40
N GLN A 220 -4.04 69.58 -4.09
CA GLN A 220 -3.12 69.08 -3.08
C GLN A 220 -3.67 69.44 -1.71
N ARG A 221 -3.54 68.53 -0.76
CA ARG A 221 -3.97 68.82 0.59
C ARG A 221 -3.36 67.88 1.62
N PRO A 222 -3.23 68.35 2.85
CA PRO A 222 -2.66 67.58 3.97
C PRO A 222 -3.35 66.25 4.17
N ILE A 223 -2.55 65.20 4.35
CA ILE A 223 -3.11 63.88 4.57
C ILE A 223 -2.84 63.40 5.97
N HIS A 224 -3.90 62.89 6.60
CA HIS A 224 -3.82 62.34 7.95
C HIS A 224 -3.99 60.84 7.78
N LEU A 225 -2.96 60.08 8.13
CA LEU A 225 -3.02 58.63 8.03
C LEU A 225 -3.25 58.01 9.40
N SER A 226 -4.47 57.55 9.64
CA SER A 226 -4.77 56.91 10.91
C SER A 226 -4.67 55.41 10.66
N PHE A 227 -3.64 54.80 11.22
CA PHE A 227 -3.38 53.37 11.02
C PHE A 227 -3.57 52.53 12.27
N ASP A 228 -4.56 51.63 12.21
CA ASP A 228 -4.88 50.71 13.29
C ASP A 228 -4.10 49.42 12.98
N ILE A 229 -3.24 49.00 13.88
CA ILE A 229 -2.45 47.80 13.60
C ILE A 229 -3.29 46.56 13.28
N ASP A 230 -4.55 46.51 13.74
CA ASP A 230 -5.40 45.36 13.46
C ASP A 230 -5.91 45.28 12.02
N ALA A 231 -5.44 46.21 11.20
CA ALA A 231 -5.78 46.21 9.79
C ALA A 231 -4.97 45.08 9.17
N PHE A 232 -3.88 44.71 9.85
CA PHE A 232 -3.04 43.62 9.37
C PHE A 232 -3.67 42.32 9.86
N ASP A 233 -3.38 41.22 9.17
CA ASP A 233 -3.91 39.93 9.57
C ASP A 233 -3.30 39.58 10.93
N PRO A 234 -4.11 39.06 11.86
CA PRO A 234 -3.66 38.68 13.19
C PRO A 234 -2.37 37.87 13.26
N THR A 235 -2.06 37.12 12.20
CA THR A 235 -0.82 36.34 12.23
C THR A 235 0.38 37.26 12.13
N LEU A 236 0.21 38.41 11.48
CA LEU A 236 1.27 39.39 11.32
C LEU A 236 1.33 40.36 12.51
N ALA A 237 0.15 40.65 13.08
CA ALA A 237 0.04 41.58 14.21
C ALA A 237 -0.79 40.98 15.34
N PRO A 238 -0.22 40.05 16.10
CA PRO A 238 -0.89 39.38 17.22
C PRO A 238 -1.29 40.28 18.38
N ALA A 239 -0.34 41.11 18.81
CA ALA A 239 -0.54 41.97 19.96
C ALA A 239 -1.51 43.12 19.79
N THR A 240 -2.79 42.79 19.71
CA THR A 240 -3.79 43.84 19.57
C THR A 240 -5.13 43.39 20.14
N GLY A 241 -5.89 44.35 20.63
CA GLY A 241 -7.17 44.09 21.25
C GLY A 241 -8.32 43.45 20.51
N THR A 242 -8.42 43.66 19.20
CA THR A 242 -9.53 43.06 18.45
C THR A 242 -9.14 42.48 17.10
N PRO A 243 -8.44 41.33 17.12
CA PRO A 243 -8.00 40.67 15.89
C PRO A 243 -9.19 40.34 15.00
N VAL A 244 -8.94 40.17 13.70
CA VAL A 244 -9.99 39.81 12.75
C VAL A 244 -9.24 39.13 11.61
N VAL A 245 -9.54 37.86 11.35
CA VAL A 245 -8.87 37.12 10.29
C VAL A 245 -9.10 37.70 8.90
N GLY A 246 -8.26 37.30 7.95
CA GLY A 246 -8.39 37.77 6.58
C GLY A 246 -8.05 39.24 6.39
N GLY A 247 -7.04 39.70 7.12
CA GLY A 247 -6.64 41.09 7.03
C GLY A 247 -5.57 41.39 6.00
N LEU A 248 -4.98 42.58 6.13
CA LEU A 248 -3.93 43.03 5.23
C LEU A 248 -2.68 42.18 5.33
N THR A 249 -2.02 42.06 4.19
CA THR A 249 -0.81 41.29 4.08
C THR A 249 0.34 42.24 4.45
N TYR A 250 1.46 41.71 4.90
CA TYR A 250 2.58 42.57 5.26
C TYR A 250 2.91 43.48 4.07
N ARG A 251 3.03 42.86 2.90
CA ARG A 251 3.34 43.56 1.68
C ARG A 251 2.36 44.68 1.35
N GLU A 252 1.07 44.37 1.37
CA GLU A 252 0.03 45.37 1.07
C GLU A 252 0.08 46.51 2.08
N GLY A 253 0.39 46.19 3.32
CA GLY A 253 0.47 47.20 4.36
C GLY A 253 1.57 48.16 4.01
N MET A 254 2.71 47.60 3.62
CA MET A 254 3.87 48.40 3.24
C MET A 254 3.56 49.18 1.96
N TYR A 255 2.82 48.55 1.06
CA TYR A 255 2.46 49.20 -0.21
C TYR A 255 1.65 50.46 0.04
N ILE A 256 0.69 50.39 0.96
CA ILE A 256 -0.14 51.53 1.29
C ILE A 256 0.76 52.66 1.79
N ALA A 257 1.59 52.35 2.78
CA ALA A 257 2.51 53.32 3.36
C ALA A 257 3.42 53.92 2.29
N GLU A 258 4.01 53.09 1.43
CA GLU A 258 4.90 53.59 0.39
C GLU A 258 4.16 54.57 -0.51
N GLU A 259 2.96 54.19 -0.91
CA GLU A 259 2.15 55.02 -1.79
C GLU A 259 1.84 56.38 -1.16
N ILE A 260 1.51 56.38 0.12
CA ILE A 260 1.21 57.62 0.83
C ILE A 260 2.46 58.50 0.79
N HIS A 261 3.60 57.93 1.15
CA HIS A 261 4.85 58.68 1.11
C HIS A 261 5.03 59.32 -0.27
N ASN A 262 4.75 58.55 -1.33
CA ASN A 262 4.90 59.04 -2.69
C ASN A 262 4.04 60.24 -3.03
N THR A 263 3.05 60.54 -2.21
CA THR A 263 2.20 61.70 -2.47
C THR A 263 2.93 62.96 -2.02
N GLY A 264 3.80 62.80 -1.03
CA GLY A 264 4.53 63.92 -0.47
C GLY A 264 3.59 64.81 0.33
N LEU A 265 2.38 64.32 0.60
CA LEU A 265 1.41 65.12 1.34
C LEU A 265 1.12 64.72 2.77
N LEU A 266 1.83 63.74 3.31
CA LEU A 266 1.60 63.29 4.68
C LEU A 266 1.90 64.37 5.75
N SER A 267 0.90 64.74 6.56
CA SER A 267 1.09 65.73 7.62
C SER A 267 1.17 65.06 8.99
N ALA A 268 0.27 64.12 9.22
CA ALA A 268 0.24 63.42 10.50
C ALA A 268 -0.04 61.94 10.32
N LEU A 269 0.32 61.16 11.32
CA LEU A 269 0.11 59.72 11.27
C LEU A 269 -0.15 59.15 12.66
N ASP A 270 -1.12 58.25 12.73
CA ASP A 270 -1.46 57.60 14.00
C ASP A 270 -1.17 56.11 13.86
N LEU A 271 -0.44 55.55 14.81
CA LEU A 271 -0.15 54.13 14.79
C LEU A 271 -0.72 53.68 16.13
N VAL A 272 -1.92 53.11 16.11
CA VAL A 272 -2.61 52.71 17.32
C VAL A 272 -2.94 51.24 17.53
N GLU A 273 -3.44 50.95 18.73
CA GLU A 273 -3.89 49.63 19.14
C GLU A 273 -2.87 48.53 19.32
N VAL A 274 -1.61 48.88 19.48
CA VAL A 274 -0.59 47.87 19.70
C VAL A 274 -0.62 47.57 21.18
N ASN A 275 -0.99 46.34 21.54
CA ASN A 275 -1.07 45.93 22.96
C ASN A 275 -0.15 44.74 23.22
N PRO A 276 1.04 44.99 23.78
CA PRO A 276 2.02 43.94 24.08
C PRO A 276 1.48 42.79 24.95
N GLN A 277 0.83 43.15 26.05
CA GLN A 277 0.31 42.15 26.98
C GLN A 277 -0.64 41.15 26.33
N LEU A 278 -1.31 41.54 25.26
CA LEU A 278 -2.22 40.62 24.60
C LEU A 278 -1.51 39.59 23.72
N ALA A 279 -0.19 39.58 23.74
CA ALA A 279 0.58 38.63 22.93
C ALA A 279 0.83 37.34 23.71
N THR A 280 0.83 36.22 22.99
CA THR A 280 1.05 34.91 23.59
C THR A 280 2.47 34.74 24.09
N SER A 281 3.44 35.27 23.35
CA SER A 281 4.83 35.15 23.75
C SER A 281 5.59 36.44 23.53
N GLU A 282 6.86 36.43 23.92
CA GLU A 282 7.71 37.60 23.79
C GLU A 282 7.93 37.94 22.30
N GLU A 283 8.10 36.91 21.48
CA GLU A 283 8.33 37.10 20.05
C GLU A 283 7.11 37.67 19.33
N GLU A 284 5.91 37.29 19.75
CA GLU A 284 4.70 37.80 19.11
C GLU A 284 4.54 39.29 19.35
N ALA A 285 4.95 39.73 20.54
CA ALA A 285 4.87 41.14 20.90
C ALA A 285 5.91 41.92 20.09
N LYS A 286 7.08 41.32 19.91
CA LYS A 286 8.13 41.99 19.17
C LYS A 286 7.77 42.09 17.71
N THR A 287 7.08 41.07 17.21
CA THR A 287 6.67 41.03 15.81
C THR A 287 5.70 42.17 15.51
N THR A 288 4.77 42.40 16.42
CA THR A 288 3.79 43.45 16.21
C THR A 288 4.45 44.83 16.30
N ALA A 289 5.31 45.04 17.28
CA ALA A 289 6.01 46.31 17.41
C ALA A 289 6.83 46.60 16.16
N ASN A 290 7.57 45.60 15.68
CA ASN A 290 8.40 45.79 14.50
C ASN A 290 7.57 46.10 13.28
N LEU A 291 6.37 45.56 13.22
CA LEU A 291 5.51 45.81 12.08
C LEU A 291 5.07 47.28 12.15
N ALA A 292 4.81 47.74 13.36
CA ALA A 292 4.39 49.12 13.59
C ALA A 292 5.46 50.11 13.10
N VAL A 293 6.72 49.82 13.40
CA VAL A 293 7.83 50.67 12.99
C VAL A 293 7.96 50.64 11.46
N ASP A 294 7.86 49.46 10.86
CA ASP A 294 7.97 49.36 9.40
C ASP A 294 6.91 50.21 8.71
N VAL A 295 5.70 50.25 9.27
CA VAL A 295 4.63 51.05 8.70
C VAL A 295 4.98 52.53 8.78
N ILE A 296 5.42 52.97 9.95
CA ILE A 296 5.78 54.37 10.13
C ILE A 296 7.01 54.71 9.28
N ALA A 297 8.05 53.87 9.36
CA ALA A 297 9.26 54.12 8.60
C ALA A 297 8.94 54.18 7.12
N SER A 298 8.10 53.27 6.66
CA SER A 298 7.72 53.22 5.26
C SER A 298 6.90 54.43 4.83
N SER A 299 6.06 54.94 5.72
CA SER A 299 5.25 56.12 5.42
C SER A 299 6.12 57.35 5.22
N PHE A 300 7.32 57.32 5.78
CA PHE A 300 8.23 58.45 5.68
C PHE A 300 9.42 58.26 4.74
N GLY A 301 9.30 57.31 3.82
CA GLY A 301 10.38 57.11 2.87
C GLY A 301 11.06 55.75 2.77
N GLN A 302 11.12 54.97 3.86
CA GLN A 302 11.77 53.66 3.77
C GLN A 302 11.29 52.90 2.54
N THR A 303 12.24 52.32 1.80
CA THR A 303 11.93 51.60 0.58
C THR A 303 12.31 50.12 0.58
N ARG A 304 11.63 49.36 -0.27
CA ARG A 304 11.90 47.93 -0.40
C ARG A 304 12.94 47.67 -1.50
N GLU A 305 13.35 48.73 -2.19
CA GLU A 305 14.38 48.58 -3.22
C GLU A 305 15.50 49.61 -3.09
N GLY A 306 15.80 49.96 -1.84
CA GLY A 306 16.86 50.89 -1.52
C GLY A 306 16.85 52.31 -2.08
N HIS B 1 15.33 13.86 -17.74
CA HIS B 1 16.68 14.47 -17.97
C HIS B 1 17.60 14.09 -16.81
N SER B 2 18.91 14.26 -16.99
CA SER B 2 19.87 13.93 -15.95
C SER B 2 20.24 15.14 -15.09
N VAL B 3 20.38 14.88 -13.80
CA VAL B 3 20.70 15.91 -12.83
C VAL B 3 21.94 15.54 -12.02
N ALA B 4 22.79 16.53 -11.75
CA ALA B 4 23.99 16.31 -10.97
C ALA B 4 23.81 17.12 -9.70
N VAL B 5 24.31 16.59 -8.59
CA VAL B 5 24.18 17.27 -7.31
C VAL B 5 25.56 17.46 -6.69
N ILE B 6 25.89 18.70 -6.33
CA ILE B 6 27.17 19.00 -5.72
C ILE B 6 26.92 19.74 -4.42
N GLY B 7 27.55 19.27 -3.36
CA GLY B 7 27.39 19.91 -2.07
C GLY B 7 28.58 20.82 -1.84
N ALA B 8 28.32 22.10 -1.61
CA ALA B 8 29.39 23.06 -1.38
C ALA B 8 29.30 23.63 0.03
N PRO B 9 29.88 22.93 1.01
CA PRO B 9 29.88 23.34 2.42
C PRO B 9 30.81 24.52 2.67
N PHE B 10 30.57 25.63 1.99
CA PHE B 10 31.42 26.79 2.16
C PHE B 10 30.72 27.84 3.01
N SER B 11 31.46 28.57 3.82
CA SER B 11 30.85 29.58 4.66
C SER B 11 31.64 30.87 4.77
N GLN B 12 32.81 30.92 4.15
CA GLN B 12 33.65 32.11 4.23
C GLN B 12 33.30 33.30 3.33
N GLY B 13 32.06 33.33 2.88
CA GLY B 13 31.61 34.44 2.07
C GLY B 13 30.87 35.36 3.03
N GLN B 14 30.81 34.94 4.29
CA GLN B 14 30.14 35.69 5.34
C GLN B 14 30.64 35.25 6.71
N LYS B 15 30.16 35.87 7.77
CA LYS B 15 30.64 35.56 9.11
C LYS B 15 29.88 34.56 9.98
N ARG B 16 28.62 34.29 9.66
CA ARG B 16 27.81 33.36 10.45
C ARG B 16 28.28 31.94 10.26
N LYS B 17 28.42 31.23 11.37
CA LYS B 17 28.82 29.84 11.29
C LYS B 17 27.58 28.96 11.15
N GLY B 18 27.66 27.96 10.28
CA GLY B 18 26.53 27.07 10.09
C GLY B 18 26.09 26.84 8.66
N VAL B 19 26.33 27.80 7.75
CA VAL B 19 25.93 27.63 6.36
C VAL B 19 26.68 26.48 5.71
N GLU B 20 27.77 26.04 6.33
CA GLU B 20 28.55 24.94 5.78
C GLU B 20 27.80 23.61 6.01
N HIS B 21 26.78 23.64 6.86
CA HIS B 21 25.97 22.45 7.13
C HIS B 21 24.74 22.42 6.24
N GLY B 22 24.51 23.49 5.49
CA GLY B 22 23.36 23.55 4.61
C GLY B 22 23.21 22.31 3.76
N PRO B 23 24.27 21.90 3.04
CA PRO B 23 24.23 20.70 2.18
C PRO B 23 23.69 19.48 2.92
N ALA B 24 24.23 19.22 4.10
CA ALA B 24 23.80 18.08 4.90
C ALA B 24 22.32 18.20 5.28
N ALA B 25 21.88 19.39 5.67
CA ALA B 25 20.49 19.62 6.04
C ALA B 25 19.57 19.29 4.87
N ILE B 26 19.85 19.87 3.71
CA ILE B 26 19.03 19.63 2.54
C ILE B 26 19.03 18.15 2.16
N ARG B 27 20.20 17.52 2.19
CA ARG B 27 20.34 16.10 1.86
C ARG B 27 19.49 15.26 2.79
N GLU B 28 19.56 15.58 4.07
CA GLU B 28 18.83 14.86 5.10
C GLU B 28 17.33 15.11 5.02
N ALA B 29 16.92 16.09 4.22
CA ALA B 29 15.51 16.38 4.06
C ALA B 29 14.95 15.53 2.91
N GLY B 30 15.79 14.65 2.37
CA GLY B 30 15.36 13.75 1.30
C GLY B 30 15.52 14.20 -0.14
N LEU B 31 16.34 15.22 -0.37
CA LEU B 31 16.54 15.74 -1.71
C LEU B 31 16.78 14.65 -2.75
N MET B 32 17.78 13.83 -2.50
CA MET B 32 18.14 12.78 -3.44
C MET B 32 17.03 11.82 -3.89
N LYS B 33 16.38 11.16 -2.94
CA LYS B 33 15.36 10.23 -3.35
C LYS B 33 14.12 10.96 -3.87
N ARG B 34 14.02 12.22 -3.51
CA ARG B 34 12.91 13.03 -3.97
C ARG B 34 13.12 13.31 -5.45
N LEU B 35 14.38 13.40 -5.88
CA LEU B 35 14.65 13.66 -7.29
C LEU B 35 14.41 12.42 -8.16
N SER B 36 14.84 11.23 -7.73
CA SER B 36 14.57 10.05 -8.56
C SER B 36 13.08 9.81 -8.61
N SER B 37 12.39 10.13 -7.51
CA SER B 37 10.95 9.96 -7.45
C SER B 37 10.28 10.61 -8.68
N LEU B 38 10.92 11.66 -9.20
CA LEU B 38 10.39 12.35 -10.38
C LEU B 38 10.79 11.59 -11.63
N GLY B 39 11.91 10.88 -11.57
CA GLY B 39 12.36 10.12 -12.72
C GLY B 39 13.71 10.58 -13.24
N CYS B 40 14.31 11.54 -12.55
CA CYS B 40 15.60 12.07 -12.95
C CYS B 40 16.73 11.05 -12.78
N HIS B 41 17.69 11.08 -13.69
CA HIS B 41 18.84 10.20 -13.60
C HIS B 41 19.84 11.00 -12.76
N LEU B 42 20.27 10.45 -11.63
CA LEU B 42 21.18 11.16 -10.73
C LEU B 42 22.66 10.81 -10.71
N LYS B 43 23.47 11.84 -10.50
CA LYS B 43 24.92 11.72 -10.41
C LYS B 43 25.29 12.60 -9.22
N ASP B 44 25.59 11.99 -8.08
CA ASP B 44 25.95 12.74 -6.91
C ASP B 44 27.48 12.88 -6.85
N PHE B 45 27.97 14.10 -6.92
CA PHE B 45 29.41 14.35 -6.85
C PHE B 45 29.89 14.42 -5.40
N GLY B 46 28.96 14.24 -4.47
CA GLY B 46 29.29 14.29 -3.07
C GLY B 46 29.40 15.73 -2.60
N ASP B 47 29.90 15.90 -1.38
CA ASP B 47 30.10 17.23 -0.81
C ASP B 47 31.57 17.59 -1.00
N LEU B 48 31.83 18.71 -1.67
CA LEU B 48 33.21 19.13 -1.91
C LEU B 48 33.90 19.56 -0.63
N SER B 49 35.21 19.41 -0.60
CA SER B 49 36.00 19.83 0.56
C SER B 49 36.97 20.87 0.01
N PHE B 50 36.73 22.13 0.34
CA PHE B 50 37.58 23.20 -0.16
C PHE B 50 38.87 23.42 0.63
N THR B 51 39.95 23.75 -0.10
CA THR B 51 41.26 24.01 0.50
C THR B 51 41.29 25.39 1.18
N PRO B 52 41.37 25.43 2.52
CA PRO B 52 41.41 26.67 3.29
C PRO B 52 42.67 27.45 2.95
N VAL B 53 42.65 28.75 3.23
CA VAL B 53 43.81 29.58 2.97
C VAL B 53 44.22 30.27 4.27
N PRO B 54 45.28 29.74 4.92
CA PRO B 54 45.79 30.29 6.18
C PRO B 54 46.29 31.72 6.04
N LYS B 55 45.89 32.57 6.97
CA LYS B 55 46.29 33.97 6.93
C LYS B 55 45.79 34.59 5.63
N ASP B 56 44.47 34.70 5.54
CA ASP B 56 43.82 35.30 4.40
C ASP B 56 43.07 36.47 5.02
N ASP B 57 43.77 37.59 5.14
CA ASP B 57 43.20 38.77 5.76
C ASP B 57 42.57 39.79 4.87
N LEU B 58 41.93 40.74 5.55
CA LEU B 58 41.21 41.82 4.92
C LEU B 58 42.04 42.51 3.87
N TYR B 59 41.41 42.77 2.73
CA TYR B 59 42.05 43.46 1.65
C TYR B 59 41.61 44.88 1.89
N ASN B 60 42.56 45.81 1.85
CA ASN B 60 42.25 47.21 2.09
C ASN B 60 41.46 47.40 3.37
N ASN B 61 41.59 46.43 4.26
CA ASN B 61 40.95 46.45 5.57
C ASN B 61 39.44 46.19 5.71
N LEU B 62 38.78 45.65 4.69
CA LEU B 62 37.35 45.34 4.86
C LEU B 62 36.91 44.08 4.14
N ILE B 63 37.42 43.85 2.93
CA ILE B 63 37.05 42.64 2.19
C ILE B 63 37.57 41.45 2.99
N VAL B 64 36.65 40.59 3.43
CA VAL B 64 36.98 39.42 4.23
C VAL B 64 37.27 38.16 3.40
N ASN B 65 38.19 37.35 3.91
CA ASN B 65 38.62 36.10 3.29
C ASN B 65 38.64 36.08 1.78
N PRO B 66 39.27 37.09 1.15
CA PRO B 66 39.34 37.15 -0.31
C PRO B 66 39.84 35.89 -1.01
N ARG B 67 41.09 35.51 -0.74
CA ARG B 67 41.67 34.36 -1.39
C ARG B 67 41.10 33.00 -0.97
N SER B 68 40.43 32.99 0.16
CA SER B 68 39.82 31.76 0.65
C SER B 68 38.55 31.55 -0.22
N VAL B 69 37.85 32.64 -0.47
CA VAL B 69 36.65 32.61 -1.31
C VAL B 69 37.02 32.40 -2.77
N GLY B 70 38.11 33.02 -3.21
CA GLY B 70 38.53 32.87 -4.59
C GLY B 70 38.97 31.46 -4.92
N LEU B 71 39.63 30.79 -3.97
CA LEU B 71 40.08 29.43 -4.21
C LEU B 71 38.92 28.43 -4.19
N ALA B 72 38.02 28.57 -3.22
CA ALA B 72 36.90 27.66 -3.14
C ALA B 72 36.05 27.73 -4.41
N ASN B 73 35.80 28.94 -4.90
CA ASN B 73 35.00 29.12 -6.10
C ASN B 73 35.70 28.57 -7.35
N GLN B 74 37.02 28.67 -7.38
CA GLN B 74 37.80 28.19 -8.53
C GLN B 74 37.70 26.68 -8.62
N GLU B 75 37.63 26.04 -7.46
CA GLU B 75 37.53 24.60 -7.38
C GLU B 75 36.13 24.15 -7.77
N LEU B 76 35.14 24.81 -7.20
CA LEU B 76 33.75 24.52 -7.48
C LEU B 76 33.46 24.72 -8.98
N ALA B 77 34.11 25.73 -9.57
CA ALA B 77 33.93 26.03 -10.97
C ALA B 77 34.33 24.87 -11.86
N GLU B 78 35.40 24.17 -11.48
CA GLU B 78 35.86 23.06 -12.29
C GLU B 78 34.93 21.86 -12.21
N VAL B 79 34.38 21.62 -11.03
CA VAL B 79 33.45 20.50 -10.86
C VAL B 79 32.14 20.76 -11.61
N VAL B 80 31.65 22.01 -11.55
CA VAL B 80 30.41 22.37 -12.21
C VAL B 80 30.55 22.30 -13.73
N SER B 81 31.66 22.80 -14.26
CA SER B 81 31.85 22.77 -15.70
C SER B 81 31.97 21.32 -16.17
N ARG B 82 32.49 20.47 -15.29
CA ARG B 82 32.67 19.05 -15.59
C ARG B 82 31.31 18.38 -15.74
N ALA B 83 30.42 18.65 -14.79
CA ALA B 83 29.08 18.10 -14.81
C ALA B 83 28.28 18.64 -16.00
N VAL B 84 28.30 19.97 -16.18
CA VAL B 84 27.59 20.59 -17.28
C VAL B 84 28.12 20.09 -18.61
N SER B 85 29.39 19.73 -18.61
CA SER B 85 30.04 19.24 -19.81
C SER B 85 29.54 17.84 -20.18
N ASP B 86 29.26 17.01 -19.18
CA ASP B 86 28.76 15.65 -19.41
C ASP B 86 27.25 15.65 -19.63
N GLY B 87 26.69 16.83 -19.90
CA GLY B 87 25.26 16.94 -20.15
C GLY B 87 24.35 17.02 -18.93
N TYR B 88 24.89 17.06 -17.73
CA TYR B 88 24.05 17.14 -16.54
C TYR B 88 23.54 18.54 -16.22
N SER B 89 22.40 18.61 -15.55
CA SER B 89 21.85 19.88 -15.10
C SER B 89 22.47 19.96 -13.72
N CYS B 90 23.27 20.99 -13.47
CA CYS B 90 23.95 21.06 -12.20
C CYS B 90 23.24 21.73 -11.04
N VAL B 91 23.06 20.96 -9.97
CA VAL B 91 22.40 21.45 -8.77
C VAL B 91 23.49 21.62 -7.71
N THR B 92 23.72 22.85 -7.27
CA THR B 92 24.75 23.08 -6.25
C THR B 92 24.08 23.49 -4.95
N LEU B 93 24.44 22.81 -3.88
CA LEU B 93 23.89 23.12 -2.57
C LEU B 93 24.94 23.93 -1.80
N GLY B 94 24.55 25.13 -1.38
CA GLY B 94 25.47 25.99 -0.64
C GLY B 94 25.37 25.87 0.87
N GLY B 95 26.48 26.11 1.55
CA GLY B 95 26.86 27.43 2.04
C GLY B 95 26.30 28.72 1.46
N ASP B 96 27.05 29.81 1.70
CA ASP B 96 26.68 31.15 1.28
C ASP B 96 26.67 31.43 -0.21
N HIS B 97 25.99 32.52 -0.58
CA HIS B 97 25.84 32.89 -1.97
C HIS B 97 27.08 33.33 -2.75
N SER B 98 28.24 33.35 -2.10
CA SER B 98 29.44 33.74 -2.84
C SER B 98 29.79 32.58 -3.79
N LEU B 99 29.24 31.40 -3.51
CA LEU B 99 29.49 30.25 -4.34
C LEU B 99 28.96 30.45 -5.76
N ALA B 100 28.08 31.43 -5.93
CA ALA B 100 27.51 31.72 -7.23
C ALA B 100 28.61 32.18 -8.20
N ILE B 101 29.74 32.60 -7.64
CA ILE B 101 30.86 33.05 -8.46
C ILE B 101 31.36 31.84 -9.24
N GLY B 102 31.67 30.77 -8.51
CA GLY B 102 32.16 29.55 -9.12
C GLY B 102 31.18 28.77 -9.98
N THR B 103 29.96 28.56 -9.50
CA THR B 103 28.98 27.82 -10.28
C THR B 103 28.62 28.54 -11.58
N ILE B 104 28.49 29.86 -11.55
CA ILE B 104 28.16 30.57 -12.78
C ILE B 104 29.38 30.65 -13.70
N SER B 105 30.58 30.68 -13.11
CA SER B 105 31.81 30.74 -13.90
C SER B 105 32.09 29.39 -14.57
N GLY B 106 31.85 28.31 -13.82
CA GLY B 106 32.05 26.98 -14.37
C GLY B 106 30.98 26.67 -15.42
N HIS B 107 29.75 27.10 -15.16
CA HIS B 107 28.66 26.87 -16.10
C HIS B 107 28.92 27.63 -17.38
N ALA B 108 29.21 28.93 -17.26
CA ALA B 108 29.48 29.79 -18.41
C ALA B 108 30.63 29.23 -19.25
N ARG B 109 31.46 28.41 -18.63
CA ARG B 109 32.58 27.81 -19.33
C ARG B 109 32.12 26.96 -20.51
N HIS B 110 30.93 26.38 -20.41
CA HIS B 110 30.41 25.55 -21.49
C HIS B 110 29.18 26.07 -22.18
N CYS B 111 28.49 27.02 -21.54
CA CYS B 111 27.27 27.62 -22.09
C CYS B 111 27.41 29.12 -21.97
N PRO B 112 28.28 29.72 -22.79
CA PRO B 112 28.55 31.15 -22.84
C PRO B 112 27.31 32.02 -22.96
N ASP B 113 26.28 31.50 -23.63
CA ASP B 113 25.05 32.27 -23.84
C ASP B 113 24.01 32.12 -22.72
N LEU B 114 24.39 31.51 -21.60
CA LEU B 114 23.44 31.34 -20.51
C LEU B 114 22.91 32.65 -19.95
N CYS B 115 21.69 32.63 -19.44
CA CYS B 115 21.07 33.78 -18.81
C CYS B 115 20.90 33.40 -17.35
N VAL B 116 20.72 34.38 -16.47
CA VAL B 116 20.59 34.11 -15.05
C VAL B 116 19.31 34.64 -14.40
N VAL B 117 18.67 33.80 -13.61
CA VAL B 117 17.47 34.21 -12.87
C VAL B 117 17.93 34.20 -11.41
N TRP B 118 17.92 35.37 -10.80
CA TRP B 118 18.39 35.51 -9.42
C TRP B 118 17.20 35.78 -8.49
N VAL B 119 16.83 34.76 -7.70
CA VAL B 119 15.73 34.84 -6.74
C VAL B 119 16.35 35.06 -5.38
N ASP B 120 16.12 36.24 -4.80
CA ASP B 120 16.79 36.58 -3.56
C ASP B 120 16.12 37.82 -2.97
N ALA B 121 16.29 38.04 -1.66
CA ALA B 121 15.74 39.23 -1.02
C ALA B 121 16.71 40.40 -1.27
N HIS B 122 17.96 40.05 -1.60
CA HIS B 122 19.02 41.02 -1.85
C HIS B 122 19.49 40.92 -3.30
N ALA B 123 20.24 41.93 -3.76
CA ALA B 123 20.74 41.95 -5.13
C ALA B 123 22.17 41.41 -5.24
N ASP B 124 22.82 41.26 -4.10
CA ASP B 124 24.19 40.77 -4.06
C ASP B 124 25.02 41.34 -5.20
N ILE B 125 24.91 42.64 -5.42
CA ILE B 125 25.65 43.26 -6.49
C ILE B 125 26.61 44.38 -6.03
N ASN B 126 26.98 44.35 -4.75
CA ASN B 126 27.95 45.31 -4.24
C ASN B 126 29.31 44.90 -4.79
N THR B 127 30.23 45.86 -4.94
CA THR B 127 31.57 45.56 -5.42
C THR B 127 32.49 45.76 -4.22
N PRO B 128 33.73 45.25 -4.29
CA PRO B 128 34.65 45.42 -3.15
C PRO B 128 34.77 46.91 -2.82
N LEU B 129 34.32 47.70 -3.78
CA LEU B 129 34.33 49.16 -3.75
C LEU B 129 33.18 49.82 -2.97
N THR B 130 31.98 49.23 -3.01
CA THR B 130 30.81 49.80 -2.35
C THR B 130 30.31 49.07 -1.10
N THR B 131 30.80 47.86 -0.87
CA THR B 131 30.36 47.10 0.30
C THR B 131 30.59 47.82 1.62
N SER B 132 29.71 47.56 2.59
CA SER B 132 29.83 48.14 3.92
C SER B 132 30.35 47.09 4.91
N SER B 133 30.05 45.83 4.63
CA SER B 133 30.45 44.74 5.52
C SER B 133 31.76 44.10 5.15
N GLY B 134 32.01 43.95 3.86
CA GLY B 134 33.23 43.32 3.42
C GLY B 134 32.98 41.86 3.13
N ASN B 135 31.78 41.39 3.44
CA ASN B 135 31.37 40.01 3.24
C ASN B 135 31.10 39.72 1.75
N LEU B 136 31.87 38.80 1.20
CA LEU B 136 31.77 38.49 -0.21
C LEU B 136 30.46 37.86 -0.73
N HIS B 137 29.62 37.32 0.15
CA HIS B 137 28.37 36.74 -0.33
C HIS B 137 27.37 37.80 -0.80
N GLY B 138 27.70 39.07 -0.59
CA GLY B 138 26.83 40.15 -1.03
C GLY B 138 27.40 40.83 -2.26
N GLN B 139 28.43 40.23 -2.84
CA GLN B 139 29.08 40.80 -4.02
C GLN B 139 29.18 39.89 -5.24
N PRO B 140 28.67 38.64 -5.17
CA PRO B 140 28.74 37.70 -6.30
C PRO B 140 28.56 38.28 -7.70
N VAL B 141 27.40 38.90 -7.93
CA VAL B 141 27.07 39.47 -9.23
C VAL B 141 28.11 40.45 -9.79
N SER B 142 28.78 41.20 -8.91
CA SER B 142 29.81 42.14 -9.35
C SER B 142 30.81 41.49 -10.28
N PHE B 143 31.45 40.43 -9.78
CA PHE B 143 32.47 39.72 -10.51
C PHE B 143 31.99 38.93 -11.73
N LEU B 144 30.71 39.02 -12.06
CA LEU B 144 30.19 38.27 -13.19
C LEU B 144 29.68 39.12 -14.35
N LEU B 145 29.27 40.34 -14.05
CA LEU B 145 28.76 41.26 -15.07
C LEU B 145 29.89 41.97 -15.80
N ARG B 146 29.82 41.99 -17.12
CA ARG B 146 30.86 42.59 -17.93
C ARG B 146 30.93 44.13 -17.90
N GLU B 147 29.78 44.81 -17.82
CA GLU B 147 29.76 46.27 -17.78
C GLU B 147 30.31 46.85 -16.48
N LEU B 148 30.41 46.01 -15.44
CA LEU B 148 30.90 46.46 -14.14
C LEU B 148 32.39 46.28 -13.89
N GLN B 149 33.06 45.37 -14.61
CA GLN B 149 34.47 45.10 -14.34
C GLN B 149 35.37 46.32 -14.14
N ASP B 150 34.97 47.47 -14.67
CA ASP B 150 35.76 48.69 -14.53
C ASP B 150 35.61 49.35 -13.16
N LYS B 151 34.60 48.92 -12.41
CA LYS B 151 34.36 49.47 -11.08
C LYS B 151 34.38 48.35 -10.07
N VAL B 152 35.13 47.31 -10.41
CA VAL B 152 35.26 46.14 -9.56
C VAL B 152 36.73 45.83 -9.27
N PRO B 153 37.29 46.41 -8.18
CA PRO B 153 38.68 46.15 -7.84
C PRO B 153 38.96 44.66 -7.90
N GLN B 154 40.17 44.30 -8.28
CA GLN B 154 40.54 42.90 -8.34
C GLN B 154 41.09 42.46 -7.00
N LEU B 155 40.54 41.38 -6.46
CA LEU B 155 40.96 40.88 -5.16
C LEU B 155 41.93 39.73 -5.28
N PRO B 156 42.72 39.49 -4.21
CA PRO B 156 43.69 38.40 -4.20
C PRO B 156 42.92 37.10 -4.38
N GLY B 157 43.35 36.25 -5.30
CA GLY B 157 42.67 34.98 -5.52
C GLY B 157 41.55 35.03 -6.54
N PHE B 158 41.22 36.22 -7.04
CA PHE B 158 40.15 36.39 -8.01
C PHE B 158 40.70 36.55 -9.42
N SER B 159 41.99 36.28 -9.57
CA SER B 159 42.68 36.39 -10.86
C SER B 159 41.93 35.65 -11.95
N TRP B 160 41.68 34.38 -11.68
CA TRP B 160 41.02 33.46 -12.61
C TRP B 160 39.64 33.85 -13.10
N ILE B 161 38.87 34.55 -12.28
CA ILE B 161 37.54 34.95 -12.69
C ILE B 161 37.57 35.89 -13.88
N LYS B 162 36.73 35.63 -14.88
CA LYS B 162 36.65 36.50 -16.05
C LYS B 162 35.20 36.84 -16.37
N PRO B 163 34.77 38.09 -16.10
CA PRO B 163 33.43 38.59 -16.35
C PRO B 163 32.84 38.06 -17.65
N CYS B 164 31.74 37.34 -17.54
CA CYS B 164 31.13 36.72 -18.70
C CYS B 164 29.81 37.32 -19.20
N ILE B 165 28.74 37.12 -18.42
CA ILE B 165 27.44 37.59 -18.84
C ILE B 165 27.22 39.11 -18.86
N SER B 166 26.38 39.55 -19.79
CA SER B 166 26.04 40.94 -19.95
C SER B 166 24.93 41.33 -18.98
N SER B 167 24.86 42.61 -18.65
CA SER B 167 23.87 43.09 -17.71
C SER B 167 22.43 42.83 -18.15
N ALA B 168 22.23 42.57 -19.44
CA ALA B 168 20.89 42.30 -19.94
C ALA B 168 20.48 40.83 -19.77
N SER B 169 21.44 39.96 -19.44
CA SER B 169 21.19 38.54 -19.29
C SER B 169 20.94 38.04 -17.85
N ILE B 170 20.55 38.94 -16.97
CA ILE B 170 20.26 38.56 -15.58
C ILE B 170 19.02 39.30 -15.11
N VAL B 171 18.10 38.58 -14.47
CA VAL B 171 16.89 39.19 -13.95
C VAL B 171 16.72 38.80 -12.48
N TYR B 172 16.32 39.77 -11.67
CA TYR B 172 16.13 39.55 -10.24
C TYR B 172 14.66 39.40 -9.91
N ILE B 173 14.37 38.60 -8.90
CA ILE B 173 12.99 38.40 -8.45
C ILE B 173 12.98 38.28 -6.95
N GLY B 174 12.22 39.16 -6.30
CA GLY B 174 12.10 39.11 -4.86
C GLY B 174 12.86 40.16 -4.07
N LEU B 175 13.59 41.04 -4.75
CA LEU B 175 14.35 42.07 -4.05
C LEU B 175 13.47 42.84 -3.06
N ARG B 176 14.00 43.07 -1.87
CA ARG B 176 13.26 43.81 -0.86
C ARG B 176 14.18 44.53 0.16
N ASP B 177 15.49 44.41 -0.04
CA ASP B 177 16.49 45.04 0.84
C ASP B 177 17.76 45.35 0.03
N VAL B 178 17.73 46.46 -0.71
CA VAL B 178 18.85 46.86 -1.55
C VAL B 178 19.60 48.07 -1.00
N ASP B 179 20.93 48.01 -0.98
CA ASP B 179 21.71 49.15 -0.50
C ASP B 179 21.70 50.25 -1.56
N PRO B 180 21.88 51.51 -1.16
CA PRO B 180 21.90 52.61 -2.15
C PRO B 180 22.89 52.40 -3.31
N PRO B 181 24.11 51.92 -3.03
CA PRO B 181 25.06 51.72 -4.14
C PRO B 181 24.54 50.69 -5.13
N GLU B 182 23.93 49.62 -4.59
CA GLU B 182 23.39 48.56 -5.43
C GLU B 182 22.29 49.12 -6.32
N HIS B 183 21.46 50.00 -5.76
CA HIS B 183 20.39 50.61 -6.52
C HIS B 183 20.94 51.50 -7.65
N PHE B 184 22.07 52.15 -7.38
CA PHE B 184 22.71 53.00 -8.38
C PHE B 184 23.19 52.12 -9.55
N ILE B 185 23.78 50.97 -9.21
CA ILE B 185 24.28 50.06 -10.23
C ILE B 185 23.17 49.43 -11.07
N LEU B 186 22.06 49.08 -10.44
CA LEU B 186 20.96 48.47 -11.18
C LEU B 186 20.36 49.47 -12.16
N LYS B 187 20.20 50.70 -11.72
CA LYS B 187 19.63 51.73 -12.58
C LYS B 187 20.58 52.16 -13.70
N ASN B 188 21.83 52.39 -13.33
CA ASN B 188 22.85 52.84 -14.26
C ASN B 188 23.07 51.88 -15.41
N TYR B 189 23.06 50.58 -15.13
CA TYR B 189 23.28 49.59 -16.17
C TYR B 189 22.00 48.96 -16.69
N ASP B 190 20.87 49.49 -16.27
CA ASP B 190 19.58 48.97 -16.70
C ASP B 190 19.36 47.48 -16.43
N ILE B 191 19.79 47.00 -15.28
CA ILE B 191 19.60 45.61 -14.95
C ILE B 191 18.12 45.44 -14.56
N GLN B 192 17.46 44.43 -15.14
CA GLN B 192 16.05 44.19 -14.88
C GLN B 192 15.78 43.46 -13.58
N TYR B 193 14.78 43.92 -12.85
CA TYR B 193 14.42 43.28 -11.60
C TYR B 193 12.95 43.48 -11.26
N PHE B 194 12.45 42.59 -10.41
CA PHE B 194 11.09 42.65 -9.91
C PHE B 194 11.15 42.51 -8.41
N SER B 195 11.03 43.63 -7.71
CA SER B 195 11.07 43.66 -6.27
C SER B 195 9.76 43.13 -5.75
N MET B 196 9.68 42.91 -4.44
CA MET B 196 8.45 42.42 -3.85
C MET B 196 7.34 43.40 -4.25
N ARG B 197 7.67 44.68 -4.33
CA ARG B 197 6.71 45.70 -4.71
C ARG B 197 6.19 45.46 -6.12
N ASP B 198 7.07 45.06 -7.03
CA ASP B 198 6.65 44.79 -8.40
C ASP B 198 5.74 43.57 -8.40
N ILE B 199 6.04 42.60 -7.55
CA ILE B 199 5.24 41.38 -7.45
C ILE B 199 3.86 41.73 -6.85
N ASP B 200 3.81 42.71 -5.96
CA ASP B 200 2.56 43.13 -5.36
C ASP B 200 1.64 43.79 -6.39
N ARG B 201 2.23 44.34 -7.45
CA ARG B 201 1.45 45.02 -8.46
C ARG B 201 1.11 44.20 -9.68
N LEU B 202 2.06 43.38 -10.13
CA LEU B 202 1.88 42.56 -11.32
C LEU B 202 1.41 41.14 -11.03
N GLY B 203 1.81 40.61 -9.89
CA GLY B 203 1.45 39.24 -9.58
C GLY B 203 2.56 38.35 -10.11
N ILE B 204 2.90 37.32 -9.34
CA ILE B 204 3.98 36.42 -9.73
C ILE B 204 3.87 35.88 -11.15
N GLN B 205 2.64 35.69 -11.63
CA GLN B 205 2.44 35.15 -12.97
C GLN B 205 2.94 36.12 -14.03
N LYS B 206 2.48 37.36 -13.93
CA LYS B 206 2.88 38.39 -14.87
C LYS B 206 4.39 38.64 -14.78
N VAL B 207 4.95 38.47 -13.59
CA VAL B 207 6.38 38.67 -13.38
C VAL B 207 7.21 37.65 -14.16
N MET B 208 6.77 36.40 -14.18
CA MET B 208 7.50 35.36 -14.89
C MET B 208 7.37 35.50 -16.41
N GLU B 209 6.24 36.02 -16.89
CA GLU B 209 6.04 36.19 -18.33
C GLU B 209 7.17 37.10 -18.79
N ARG B 210 7.26 38.24 -18.12
CA ARG B 210 8.27 39.23 -18.44
C ARG B 210 9.71 38.79 -18.28
N THR B 211 10.08 38.19 -17.16
CA THR B 211 11.48 37.80 -17.03
C THR B 211 11.85 36.86 -18.17
N PHE B 212 10.93 36.01 -18.60
CA PHE B 212 11.27 35.12 -19.71
C PHE B 212 11.30 35.88 -21.03
N ASP B 213 10.52 36.95 -21.11
CA ASP B 213 10.53 37.77 -22.32
C ASP B 213 11.91 38.41 -22.43
N LEU B 214 12.39 38.96 -21.32
CA LEU B 214 13.70 39.59 -21.30
C LEU B 214 14.81 38.61 -21.65
N LEU B 215 14.83 37.46 -20.98
CA LEU B 215 15.88 36.47 -21.18
C LEU B 215 15.83 35.58 -22.42
N ILE B 216 14.73 34.87 -22.63
CA ILE B 216 14.63 33.97 -23.78
C ILE B 216 13.58 34.37 -24.81
N GLY B 217 13.25 35.66 -24.83
CA GLY B 217 12.28 36.17 -25.79
C GLY B 217 12.67 36.00 -27.25
N LYS B 218 13.91 36.31 -27.60
CA LYS B 218 14.32 36.18 -29.00
C LYS B 218 14.98 34.84 -29.34
N ARG B 219 15.35 34.07 -28.33
CA ARG B 219 16.00 32.79 -28.59
C ARG B 219 16.11 31.90 -27.35
N GLN B 220 16.17 30.59 -27.58
CA GLN B 220 16.31 29.64 -26.50
C GLN B 220 17.73 29.71 -25.99
N ARG B 221 17.92 29.54 -24.69
CA ARG B 221 19.26 29.52 -24.14
C ARG B 221 19.32 28.98 -22.73
N PRO B 222 20.48 28.42 -22.34
CA PRO B 222 20.67 27.86 -21.00
C PRO B 222 20.24 28.81 -19.89
N ILE B 223 19.50 28.29 -18.92
CA ILE B 223 19.06 29.10 -17.81
C ILE B 223 19.78 28.67 -16.55
N HIS B 224 20.23 29.65 -15.78
CA HIS B 224 20.90 29.39 -14.52
C HIS B 224 20.06 30.00 -13.41
N LEU B 225 19.54 29.16 -12.53
CA LEU B 225 18.71 29.65 -11.43
C LEU B 225 19.50 29.69 -10.14
N SER B 226 19.78 30.89 -9.65
CA SER B 226 20.49 31.02 -8.39
C SER B 226 19.39 31.43 -7.42
N PHE B 227 19.02 30.49 -6.55
CA PHE B 227 17.94 30.68 -5.59
C PHE B 227 18.46 30.82 -4.16
N ASP B 228 18.24 31.99 -3.58
CA ASP B 228 18.65 32.25 -2.21
C ASP B 228 17.42 31.99 -1.34
N ILE B 229 17.57 31.05 -0.39
CA ILE B 229 16.46 30.69 0.48
C ILE B 229 15.85 31.89 1.21
N ASP B 230 16.61 32.97 1.42
CA ASP B 230 16.03 34.11 2.11
C ASP B 230 15.07 34.89 1.23
N ALA B 231 14.86 34.40 0.01
CA ALA B 231 13.92 35.02 -0.90
C ALA B 231 12.52 34.73 -0.35
N PHE B 232 12.39 33.64 0.41
CA PHE B 232 11.11 33.28 1.02
C PHE B 232 10.94 34.10 2.29
N ASP B 233 9.70 34.31 2.71
CA ASP B 233 9.46 35.07 3.93
C ASP B 233 10.12 34.33 5.09
N PRO B 234 10.64 35.07 6.08
CA PRO B 234 11.30 34.42 7.22
C PRO B 234 10.41 33.42 7.98
N THR B 235 9.09 33.56 7.87
CA THR B 235 8.23 32.60 8.55
C THR B 235 8.29 31.24 7.84
N LEU B 236 8.55 31.26 6.53
CA LEU B 236 8.69 30.01 5.76
C LEU B 236 10.12 29.48 5.81
N ALA B 237 11.10 30.38 5.91
CA ALA B 237 12.50 29.95 5.92
C ALA B 237 13.30 30.67 7.00
N PRO B 238 13.11 30.26 8.26
CA PRO B 238 13.77 30.81 9.45
C PRO B 238 15.29 30.60 9.48
N ALA B 239 15.70 29.39 9.11
CA ALA B 239 17.09 29.01 9.14
C ALA B 239 17.95 29.64 8.06
N THR B 240 18.22 30.95 8.22
CA THR B 240 19.03 31.66 7.25
C THR B 240 19.72 32.88 7.87
N GLY B 241 20.87 33.24 7.31
CA GLY B 241 21.65 34.36 7.81
C GLY B 241 21.08 35.78 7.83
N THR B 242 20.40 36.16 6.76
CA THR B 242 19.85 37.52 6.69
C THR B 242 18.37 37.56 6.31
N PRO B 243 17.50 37.26 7.26
CA PRO B 243 16.05 37.25 7.07
C PRO B 243 15.52 38.64 6.81
N VAL B 244 14.47 38.75 6.00
CA VAL B 244 13.85 40.03 5.71
C VAL B 244 12.34 39.84 5.47
N VAL B 245 11.53 40.30 6.42
CA VAL B 245 10.08 40.15 6.31
C VAL B 245 9.55 40.70 5.01
N GLY B 246 8.35 40.24 4.63
CA GLY B 246 7.71 40.67 3.41
C GLY B 246 8.18 39.91 2.19
N GLY B 247 8.61 38.67 2.40
CA GLY B 247 9.11 37.87 1.29
C GLY B 247 8.12 37.06 0.46
N LEU B 248 8.68 36.25 -0.44
CA LEU B 248 7.89 35.40 -1.31
C LEU B 248 7.06 34.46 -0.46
N THR B 249 5.93 34.08 -1.02
CA THR B 249 5.00 33.17 -0.40
C THR B 249 5.43 31.76 -0.81
N TYR B 250 4.98 30.72 -0.11
CA TYR B 250 5.36 29.35 -0.47
C TYR B 250 4.88 29.04 -1.89
N ARG B 251 3.67 29.51 -2.20
CA ARG B 251 3.10 29.28 -3.51
C ARG B 251 3.89 30.01 -4.60
N GLU B 252 4.23 31.27 -4.35
CA GLU B 252 4.98 32.05 -5.32
C GLU B 252 6.33 31.38 -5.56
N GLY B 253 6.98 30.94 -4.49
CA GLY B 253 8.26 30.28 -4.62
C GLY B 253 8.09 29.06 -5.52
N MET B 254 7.06 28.27 -5.24
CA MET B 254 6.81 27.08 -6.03
C MET B 254 6.40 27.43 -7.46
N TYR B 255 5.70 28.54 -7.62
CA TYR B 255 5.28 28.96 -8.96
C TYR B 255 6.49 29.33 -9.82
N ILE B 256 7.43 30.10 -9.25
CA ILE B 256 8.63 30.50 -9.98
C ILE B 256 9.35 29.24 -10.47
N ALA B 257 9.59 28.30 -9.55
CA ALA B 257 10.27 27.06 -9.89
C ALA B 257 9.52 26.28 -10.96
N GLU B 258 8.21 26.12 -10.80
CA GLU B 258 7.43 25.37 -11.78
C GLU B 258 7.55 25.99 -13.16
N GLU B 259 7.47 27.32 -13.22
CA GLU B 259 7.56 28.04 -14.47
C GLU B 259 8.91 27.89 -15.15
N ILE B 260 9.98 27.84 -14.37
CA ILE B 260 11.31 27.66 -14.94
C ILE B 260 11.42 26.27 -15.55
N HIS B 261 10.88 25.27 -14.85
CA HIS B 261 10.90 23.90 -15.36
C HIS B 261 10.13 23.81 -16.67
N ASN B 262 9.03 24.55 -16.78
CA ASN B 262 8.25 24.50 -17.99
C ASN B 262 8.97 25.02 -19.22
N THR B 263 10.01 25.80 -19.02
CA THR B 263 10.78 26.34 -20.15
C THR B 263 11.63 25.24 -20.77
N GLY B 264 11.94 24.23 -19.96
CA GLY B 264 12.76 23.13 -20.43
C GLY B 264 14.19 23.52 -20.71
N LEU B 265 14.61 24.68 -20.18
CA LEU B 265 15.95 25.20 -20.41
C LEU B 265 16.86 25.27 -19.17
N LEU B 266 16.44 24.72 -18.05
CA LEU B 266 17.27 24.77 -16.85
C LEU B 266 18.56 23.96 -17.02
N SER B 267 19.72 24.62 -16.85
CA SER B 267 21.02 23.96 -16.97
C SER B 267 21.80 23.90 -15.66
N ALA B 268 21.48 24.81 -14.75
CA ALA B 268 22.15 24.81 -13.46
C ALA B 268 21.29 25.55 -12.43
N LEU B 269 21.32 25.09 -11.19
CA LEU B 269 20.53 25.67 -10.12
C LEU B 269 21.36 25.74 -8.85
N ASP B 270 21.24 26.87 -8.13
CA ASP B 270 21.95 27.05 -6.86
C ASP B 270 20.91 27.23 -5.77
N LEU B 271 21.08 26.52 -4.66
CA LEU B 271 20.17 26.65 -3.52
C LEU B 271 21.13 27.01 -2.41
N VAL B 272 21.08 28.26 -1.98
CA VAL B 272 22.03 28.71 -0.97
C VAL B 272 21.51 29.38 0.29
N GLU B 273 22.43 29.61 1.22
CA GLU B 273 22.15 30.30 2.48
C GLU B 273 21.30 29.56 3.52
N VAL B 274 21.11 28.26 3.37
CA VAL B 274 20.36 27.53 4.37
C VAL B 274 21.28 27.27 5.56
N ASN B 275 21.02 27.92 6.68
CA ASN B 275 21.86 27.75 7.86
C ASN B 275 21.07 27.10 9.00
N PRO B 276 21.23 25.78 9.19
CA PRO B 276 20.52 25.07 10.25
C PRO B 276 20.72 25.65 11.65
N GLN B 277 21.97 26.04 11.97
CA GLN B 277 22.27 26.57 13.30
C GLN B 277 21.53 27.84 13.70
N LEU B 278 21.12 28.64 12.72
CA LEU B 278 20.41 29.88 13.03
C LEU B 278 18.93 29.66 13.34
N ALA B 279 18.49 28.40 13.33
CA ALA B 279 17.10 28.08 13.61
C ALA B 279 16.84 28.06 15.11
N THR B 280 15.70 28.57 15.53
CA THR B 280 15.34 28.61 16.94
C THR B 280 15.10 27.21 17.49
N SER B 281 14.60 26.33 16.64
CA SER B 281 14.32 24.97 17.08
C SER B 281 14.63 23.98 15.97
N GLU B 282 14.52 22.70 16.31
CA GLU B 282 14.78 21.61 15.39
C GLU B 282 13.78 21.69 14.23
N GLU B 283 12.51 21.98 14.55
CA GLU B 283 11.47 22.07 13.54
C GLU B 283 11.72 23.21 12.54
N GLU B 284 12.15 24.37 13.05
CA GLU B 284 12.41 25.50 12.16
C GLU B 284 13.46 25.10 11.14
N ALA B 285 14.51 24.44 11.62
CA ALA B 285 15.59 23.99 10.76
C ALA B 285 15.04 23.04 9.69
N LYS B 286 14.25 22.08 10.13
CA LYS B 286 13.67 21.11 9.22
C LYS B 286 12.72 21.77 8.23
N THR B 287 11.98 22.80 8.68
CA THR B 287 11.06 23.49 7.79
C THR B 287 11.81 24.08 6.61
N THR B 288 12.91 24.80 6.91
CA THR B 288 13.73 25.44 5.89
C THR B 288 14.31 24.41 4.91
N ALA B 289 14.88 23.35 5.47
CA ALA B 289 15.46 22.30 4.64
C ALA B 289 14.41 21.72 3.68
N ASN B 290 13.21 21.48 4.19
CA ASN B 290 12.15 20.93 3.35
C ASN B 290 11.78 21.91 2.26
N LEU B 291 11.73 23.19 2.63
CA LEU B 291 11.39 24.24 1.69
C LEU B 291 12.42 24.25 0.58
N ALA B 292 13.69 24.07 0.94
CA ALA B 292 14.76 24.04 -0.05
C ALA B 292 14.50 22.91 -1.04
N VAL B 293 14.25 21.71 -0.51
CA VAL B 293 14.00 20.53 -1.32
C VAL B 293 12.84 20.72 -2.29
N ASP B 294 11.76 21.35 -1.82
CA ASP B 294 10.59 21.60 -2.63
C ASP B 294 10.93 22.46 -3.84
N VAL B 295 11.69 23.53 -3.60
CA VAL B 295 12.11 24.44 -4.67
C VAL B 295 12.89 23.69 -5.74
N ILE B 296 13.85 22.86 -5.31
CA ILE B 296 14.66 22.08 -6.23
C ILE B 296 13.83 21.05 -6.98
N ALA B 297 13.03 20.28 -6.23
CA ALA B 297 12.19 19.25 -6.81
C ALA B 297 11.25 19.88 -7.82
N SER B 298 10.64 20.98 -7.41
CA SER B 298 9.68 21.71 -8.23
C SER B 298 10.34 22.31 -9.49
N SER B 299 11.64 22.59 -9.41
CA SER B 299 12.35 23.16 -10.54
C SER B 299 12.64 22.07 -11.56
N PHE B 300 12.56 20.82 -11.13
CA PHE B 300 12.82 19.70 -12.03
C PHE B 300 11.60 18.87 -12.41
N GLY B 301 10.41 19.38 -12.14
CA GLY B 301 9.23 18.65 -12.53
C GLY B 301 8.15 18.44 -11.49
N GLN B 302 8.47 18.52 -10.19
CA GLN B 302 7.45 18.29 -9.19
C GLN B 302 6.28 19.22 -9.44
N THR B 303 5.07 18.68 -9.30
CA THR B 303 3.85 19.43 -9.55
C THR B 303 2.88 19.42 -8.38
N ARG B 304 2.09 20.48 -8.26
CA ARG B 304 1.11 20.57 -7.19
C ARG B 304 -0.18 19.91 -7.61
N GLU B 305 -0.18 19.40 -8.83
CA GLU B 305 -1.33 18.75 -9.40
C GLU B 305 -1.05 17.27 -9.65
N GLY B 306 0.22 16.87 -9.52
CA GLY B 306 0.59 15.48 -9.73
C GLY B 306 0.88 15.08 -11.17
N HIS C 1 -33.67 32.87 2.45
CA HIS C 1 -33.99 31.45 2.11
C HIS C 1 -33.98 30.60 3.38
N SER C 2 -34.41 29.34 3.27
CA SER C 2 -34.44 28.46 4.44
C SER C 2 -33.28 27.46 4.40
N VAL C 3 -32.66 27.27 5.56
CA VAL C 3 -31.51 26.39 5.68
C VAL C 3 -31.73 25.27 6.70
N ALA C 4 -31.23 24.09 6.36
CA ALA C 4 -31.32 22.92 7.24
C ALA C 4 -29.90 22.52 7.63
N VAL C 5 -29.71 22.21 8.91
CA VAL C 5 -28.40 21.78 9.39
C VAL C 5 -28.47 20.33 9.88
N ILE C 6 -27.53 19.52 9.44
CA ILE C 6 -27.47 18.12 9.84
C ILE C 6 -26.07 17.82 10.32
N GLY C 7 -25.95 17.39 11.58
CA GLY C 7 -24.64 17.06 12.10
C GLY C 7 -24.40 15.57 11.86
N ALA C 8 -23.29 15.24 11.21
CA ALA C 8 -22.95 13.85 10.93
C ALA C 8 -21.63 13.50 11.64
N PRO C 9 -21.70 13.11 12.92
CA PRO C 9 -20.49 12.76 13.67
C PRO C 9 -19.94 11.40 13.26
N PHE C 10 -19.58 11.26 11.99
CA PHE C 10 -19.05 10.00 11.49
C PHE C 10 -17.54 10.10 11.25
N SER C 11 -16.80 9.04 11.57
CA SER C 11 -15.35 9.08 11.37
C SER C 11 -14.76 7.80 10.80
N GLN C 12 -15.61 6.85 10.47
CA GLN C 12 -15.09 5.60 9.95
C GLN C 12 -14.70 5.56 8.47
N GLY C 13 -14.48 6.74 7.90
CA GLY C 13 -14.05 6.84 6.52
C GLY C 13 -12.54 7.01 6.53
N GLN C 14 -11.99 6.98 7.74
CA GLN C 14 -10.56 7.12 7.96
C GLN C 14 -10.19 6.58 9.34
N LYS C 15 -8.92 6.62 9.69
CA LYS C 15 -8.47 6.06 10.96
C LYS C 15 -8.27 7.00 12.14
N ARG C 16 -8.03 8.27 11.88
CA ARG C 16 -7.84 9.21 12.97
C ARG C 16 -9.13 9.40 13.76
N LYS C 17 -8.98 9.41 15.07
CA LYS C 17 -10.14 9.63 15.93
C LYS C 17 -10.23 11.14 16.16
N GLY C 18 -11.45 11.65 16.22
CA GLY C 18 -11.63 13.08 16.45
C GLY C 18 -12.57 13.76 15.49
N VAL C 19 -12.61 13.32 14.23
CA VAL C 19 -13.51 13.95 13.27
C VAL C 19 -14.96 13.89 13.69
N GLU C 20 -15.33 12.90 14.49
CA GLU C 20 -16.72 12.78 14.95
C GLU C 20 -17.08 13.96 15.85
N HIS C 21 -16.05 14.70 16.29
CA HIS C 21 -16.26 15.86 17.14
C HIS C 21 -16.34 17.14 16.34
N GLY C 22 -16.27 17.00 15.01
CA GLY C 22 -16.33 18.15 14.14
C GLY C 22 -17.62 18.95 14.27
N PRO C 23 -18.79 18.28 14.19
CA PRO C 23 -20.07 18.99 14.32
C PRO C 23 -20.14 19.84 15.58
N ALA C 24 -19.89 19.22 16.74
CA ALA C 24 -19.94 19.94 18.01
C ALA C 24 -19.03 21.17 18.00
N ALA C 25 -17.81 21.02 17.49
CA ALA C 25 -16.86 22.12 17.44
C ALA C 25 -17.46 23.27 16.64
N ILE C 26 -17.92 22.97 15.42
CA ILE C 26 -18.51 24.00 14.57
C ILE C 26 -19.73 24.62 15.23
N ARG C 27 -20.60 23.79 15.80
CA ARG C 27 -21.79 24.30 16.46
C ARG C 27 -21.39 25.21 17.61
N GLU C 28 -20.44 24.74 18.41
CA GLU C 28 -19.96 25.50 19.57
C GLU C 28 -19.16 26.75 19.20
N ALA C 29 -19.02 27.01 17.90
CA ALA C 29 -18.33 28.20 17.42
C ALA C 29 -19.38 29.18 16.87
N GLY C 30 -20.61 29.04 17.34
CA GLY C 30 -21.71 29.90 16.95
C GLY C 30 -22.42 29.74 15.61
N LEU C 31 -22.24 28.60 14.93
CA LEU C 31 -22.88 28.39 13.63
C LEU C 31 -24.34 28.79 13.54
N MET C 32 -25.15 28.23 14.42
CA MET C 32 -26.59 28.47 14.40
C MET C 32 -27.11 29.89 14.51
N LYS C 33 -26.69 30.63 15.53
CA LYS C 33 -27.19 31.99 15.67
C LYS C 33 -26.54 32.90 14.62
N ARG C 34 -25.43 32.44 14.08
CA ARG C 34 -24.72 33.17 13.05
C ARG C 34 -25.57 33.13 11.78
N LEU C 35 -26.24 32.01 11.55
CA LEU C 35 -27.12 31.84 10.40
C LEU C 35 -28.44 32.58 10.58
N SER C 36 -28.94 32.67 11.82
CA SER C 36 -30.18 33.41 12.06
C SER C 36 -29.88 34.87 11.84
N SER C 37 -28.79 35.32 12.46
CA SER C 37 -28.31 36.68 12.33
C SER C 37 -28.42 37.13 10.87
N LEU C 38 -28.22 36.20 9.94
CA LEU C 38 -28.30 36.52 8.52
C LEU C 38 -29.75 36.73 8.07
N GLY C 39 -30.67 36.06 8.74
CA GLY C 39 -32.07 36.21 8.37
C GLY C 39 -32.66 34.88 7.96
N CYS C 40 -31.79 33.91 7.72
CA CYS C 40 -32.18 32.56 7.31
C CYS C 40 -33.16 31.89 8.26
N HIS C 41 -34.04 31.06 7.69
CA HIS C 41 -35.00 30.31 8.50
C HIS C 41 -34.36 28.94 8.71
N LEU C 42 -34.04 28.63 9.97
CA LEU C 42 -33.39 27.37 10.30
C LEU C 42 -34.25 26.19 10.75
N LYS C 43 -33.77 25.01 10.41
CA LYS C 43 -34.41 23.74 10.77
C LYS C 43 -33.29 22.78 11.12
N ASP C 44 -32.93 22.73 12.39
CA ASP C 44 -31.86 21.88 12.85
C ASP C 44 -32.37 20.44 12.96
N PHE C 45 -31.71 19.51 12.27
CA PHE C 45 -32.09 18.09 12.34
C PHE C 45 -31.25 17.43 13.40
N GLY C 46 -30.50 18.24 14.15
CA GLY C 46 -29.66 17.70 15.20
C GLY C 46 -28.51 16.89 14.64
N ASP C 47 -27.80 16.21 15.53
CA ASP C 47 -26.67 15.38 15.15
C ASP C 47 -27.10 13.91 15.00
N LEU C 48 -27.04 13.38 13.79
CA LEU C 48 -27.42 11.99 13.54
C LEU C 48 -26.59 10.98 14.31
N SER C 49 -27.21 9.86 14.61
CA SER C 49 -26.57 8.78 15.33
C SER C 49 -26.63 7.60 14.37
N PHE C 50 -25.50 7.25 13.77
CA PHE C 50 -25.47 6.16 12.81
C PHE C 50 -25.30 4.79 13.46
N THR C 51 -26.00 3.80 12.92
CA THR C 51 -25.95 2.43 13.42
C THR C 51 -24.63 1.75 13.13
N PRO C 52 -23.85 1.43 14.18
CA PRO C 52 -22.57 0.73 14.03
C PRO C 52 -22.70 -0.64 13.38
N VAL C 53 -21.59 -1.13 12.82
CA VAL C 53 -21.59 -2.44 12.22
C VAL C 53 -20.44 -3.21 12.87
N PRO C 54 -20.79 -4.15 13.74
CA PRO C 54 -19.82 -4.98 14.46
C PRO C 54 -19.11 -5.93 13.52
N LYS C 55 -17.79 -6.00 13.64
CA LYS C 55 -16.97 -6.90 12.81
C LYS C 55 -17.02 -6.49 11.34
N ASP C 56 -16.71 -5.22 11.10
CA ASP C 56 -16.70 -4.67 9.75
C ASP C 56 -15.26 -4.46 9.37
N ASP C 57 -14.64 -5.51 8.87
CA ASP C 57 -13.25 -5.41 8.49
C ASP C 57 -13.01 -5.15 7.03
N LEU C 58 -11.74 -5.11 6.70
CA LEU C 58 -11.26 -4.83 5.37
C LEU C 58 -11.81 -5.77 4.30
N TYR C 59 -12.37 -5.18 3.25
CA TYR C 59 -12.89 -5.94 2.13
C TYR C 59 -11.63 -6.10 1.27
N ASN C 60 -11.33 -7.32 0.84
CA ASN C 60 -10.13 -7.58 0.04
C ASN C 60 -8.86 -7.16 0.77
N ASN C 61 -8.95 -7.13 2.09
CA ASN C 61 -7.81 -6.80 2.93
C ASN C 61 -7.23 -5.39 2.94
N LEU C 62 -7.98 -4.39 2.48
CA LEU C 62 -7.50 -3.01 2.55
C LEU C 62 -8.62 -2.02 2.80
N ILE C 63 -9.70 -2.12 2.04
CA ILE C 63 -10.83 -1.21 2.19
C ILE C 63 -11.36 -1.24 3.63
N VAL C 64 -11.22 -0.13 4.34
CA VAL C 64 -11.62 0.01 5.74
C VAL C 64 -13.10 0.30 6.04
N ASN C 65 -13.66 -0.37 7.04
CA ASN C 65 -15.07 -0.20 7.46
C ASN C 65 -16.07 0.00 6.30
N PRO C 66 -16.02 -0.87 5.28
CA PRO C 66 -16.94 -0.74 4.15
C PRO C 66 -18.40 -0.57 4.51
N ARG C 67 -19.00 -1.63 5.03
CA ARG C 67 -20.40 -1.62 5.38
C ARG C 67 -20.79 -0.61 6.46
N SER C 68 -19.84 -0.23 7.29
CA SER C 68 -20.11 0.75 8.34
C SER C 68 -20.29 2.11 7.69
N VAL C 69 -19.48 2.37 6.67
CA VAL C 69 -19.52 3.64 5.92
C VAL C 69 -20.72 3.60 4.97
N GLY C 70 -21.00 2.43 4.41
CA GLY C 70 -22.12 2.29 3.50
C GLY C 70 -23.44 2.53 4.21
N LEU C 71 -23.56 1.98 5.41
CA LEU C 71 -24.80 2.12 6.17
C LEU C 71 -24.99 3.55 6.67
N ALA C 72 -23.94 4.14 7.22
CA ALA C 72 -24.01 5.51 7.72
C ALA C 72 -24.45 6.45 6.60
N ASN C 73 -23.87 6.26 5.42
CA ASN C 73 -24.22 7.11 4.30
C ASN C 73 -25.64 6.92 3.83
N GLN C 74 -26.11 5.69 3.79
CA GLN C 74 -27.49 5.46 3.34
C GLN C 74 -28.48 6.23 4.24
N GLU C 75 -28.23 6.23 5.54
CA GLU C 75 -29.09 6.90 6.50
C GLU C 75 -29.06 8.41 6.29
N LEU C 76 -27.85 8.95 6.17
CA LEU C 76 -27.68 10.38 5.95
C LEU C 76 -28.39 10.78 4.66
N ALA C 77 -28.28 9.91 3.66
CA ALA C 77 -28.88 10.15 2.35
C ALA C 77 -30.37 10.38 2.44
N GLU C 78 -31.01 9.72 3.38
CA GLU C 78 -32.45 9.89 3.53
C GLU C 78 -32.80 11.18 4.24
N VAL C 79 -32.02 11.54 5.25
CA VAL C 79 -32.28 12.77 5.98
C VAL C 79 -32.07 13.97 5.07
N VAL C 80 -31.05 13.89 4.22
CA VAL C 80 -30.74 14.97 3.30
C VAL C 80 -31.82 15.13 2.24
N SER C 81 -32.19 14.03 1.58
CA SER C 81 -33.22 14.10 0.55
C SER C 81 -34.55 14.52 1.16
N ARG C 82 -34.66 14.35 2.48
CA ARG C 82 -35.87 14.74 3.20
C ARG C 82 -35.89 16.27 3.27
N ALA C 83 -34.78 16.84 3.73
CA ALA C 83 -34.65 18.29 3.86
C ALA C 83 -34.75 18.99 2.50
N VAL C 84 -33.99 18.50 1.53
CA VAL C 84 -34.00 19.08 0.19
C VAL C 84 -35.40 19.01 -0.38
N SER C 85 -36.13 17.99 0.03
CA SER C 85 -37.49 17.82 -0.44
C SER C 85 -38.38 18.94 0.08
N ASP C 86 -38.30 19.24 1.38
CA ASP C 86 -39.11 20.31 1.98
C ASP C 86 -38.58 21.69 1.59
N GLY C 87 -37.78 21.74 0.54
CA GLY C 87 -37.24 23.02 0.07
C GLY C 87 -36.06 23.63 0.80
N TYR C 88 -35.50 22.94 1.79
CA TYR C 88 -34.37 23.48 2.54
C TYR C 88 -33.04 23.36 1.80
N SER C 89 -32.13 24.29 2.08
CA SER C 89 -30.78 24.21 1.51
C SER C 89 -30.11 23.43 2.62
N CYS C 90 -29.56 22.27 2.26
CA CYS C 90 -28.96 21.39 3.24
C CYS C 90 -27.48 21.56 3.57
N VAL C 91 -27.20 21.85 4.83
CA VAL C 91 -25.84 22.03 5.33
C VAL C 91 -25.43 20.84 6.21
N THR C 92 -24.50 20.01 5.73
CA THR C 92 -24.06 18.87 6.53
C THR C 92 -22.71 19.14 7.20
N LEU C 93 -22.64 18.93 8.52
CA LEU C 93 -21.40 19.15 9.24
C LEU C 93 -20.75 17.80 9.44
N GLY C 94 -19.55 17.63 8.91
CA GLY C 94 -18.86 16.36 9.03
C GLY C 94 -18.01 16.19 10.26
N GLY C 95 -17.89 14.94 10.70
CA GLY C 95 -16.85 14.02 10.29
C GLY C 95 -16.17 14.08 8.93
N ASP C 96 -15.58 12.94 8.56
CA ASP C 96 -14.84 12.79 7.32
C ASP C 96 -15.62 12.94 6.03
N HIS C 97 -14.90 13.19 4.95
CA HIS C 97 -15.48 13.40 3.64
C HIS C 97 -16.18 12.22 2.97
N SER C 98 -16.22 11.06 3.61
CA SER C 98 -16.91 9.91 3.00
C SER C 98 -18.41 10.19 3.02
N LEU C 99 -18.81 11.08 3.92
CA LEU C 99 -20.21 11.46 4.09
C LEU C 99 -20.78 12.10 2.84
N ALA C 100 -19.90 12.51 1.94
CA ALA C 100 -20.34 13.16 0.72
C ALA C 100 -21.08 12.16 -0.15
N ILE C 101 -20.81 10.87 0.08
CA ILE C 101 -21.47 9.82 -0.68
C ILE C 101 -22.95 9.91 -0.36
N GLY C 102 -23.25 10.09 0.92
CA GLY C 102 -24.63 10.22 1.35
C GLY C 102 -25.27 11.54 0.95
N THR C 103 -24.65 12.65 1.35
CA THR C 103 -25.20 13.96 1.04
C THR C 103 -25.45 14.24 -0.44
N ILE C 104 -24.55 13.81 -1.32
CA ILE C 104 -24.76 14.04 -2.75
C ILE C 104 -25.78 13.07 -3.31
N SER C 105 -25.87 11.87 -2.75
CA SER C 105 -26.83 10.88 -3.21
C SER C 105 -28.22 11.35 -2.83
N GLY C 106 -28.36 11.74 -1.57
CA GLY C 106 -29.64 12.23 -1.09
C GLY C 106 -30.07 13.46 -1.87
N HIS C 107 -29.13 14.37 -2.11
CA HIS C 107 -29.40 15.59 -2.83
C HIS C 107 -29.80 15.28 -4.27
N ALA C 108 -29.01 14.45 -4.93
CA ALA C 108 -29.28 14.06 -6.31
C ALA C 108 -30.66 13.43 -6.45
N ARG C 109 -31.09 12.75 -5.40
CA ARG C 109 -32.39 12.08 -5.37
C ARG C 109 -33.54 13.01 -5.77
N HIS C 110 -33.43 14.30 -5.44
CA HIS C 110 -34.48 15.26 -5.80
C HIS C 110 -34.05 16.20 -6.92
N CYS C 111 -32.78 16.60 -6.91
CA CYS C 111 -32.25 17.50 -7.93
C CYS C 111 -31.24 16.76 -8.81
N PRO C 112 -31.75 15.87 -9.69
CA PRO C 112 -30.95 15.06 -10.61
C PRO C 112 -29.95 15.84 -11.46
N ASP C 113 -30.25 17.12 -11.70
CA ASP C 113 -29.39 17.94 -12.52
C ASP C 113 -28.40 18.78 -11.71
N LEU C 114 -28.14 18.39 -10.47
CA LEU C 114 -27.23 19.18 -9.65
C LEU C 114 -25.79 19.12 -10.18
N CYS C 115 -25.01 20.14 -9.86
CA CYS C 115 -23.61 20.20 -10.25
C CYS C 115 -22.84 20.27 -8.93
N VAL C 116 -21.57 19.87 -8.97
CA VAL C 116 -20.75 19.82 -7.76
C VAL C 116 -19.47 20.64 -7.79
N VAL C 117 -19.27 21.48 -6.78
CA VAL C 117 -18.05 22.26 -6.66
C VAL C 117 -17.31 21.63 -5.47
N TRP C 118 -16.19 20.97 -5.75
CA TRP C 118 -15.39 20.28 -4.74
C TRP C 118 -14.14 21.06 -4.33
N VAL C 119 -14.20 21.73 -3.17
CA VAL C 119 -13.10 22.53 -2.64
C VAL C 119 -12.30 21.63 -1.71
N ASP C 120 -11.13 21.21 -2.16
CA ASP C 120 -10.34 20.26 -1.37
C ASP C 120 -8.87 20.30 -1.80
N ALA C 121 -7.99 19.85 -0.91
CA ALA C 121 -6.58 19.80 -1.23
C ALA C 121 -6.36 18.53 -2.06
N HIS C 122 -7.28 17.58 -1.91
CA HIS C 122 -7.20 16.31 -2.61
C HIS C 122 -8.41 16.09 -3.52
N ALA C 123 -8.29 15.18 -4.47
CA ALA C 123 -9.38 14.88 -5.39
C ALA C 123 -10.36 13.84 -4.85
N ASP C 124 -9.96 13.12 -3.81
CA ASP C 124 -10.80 12.08 -3.19
C ASP C 124 -11.48 11.22 -4.26
N ILE C 125 -10.73 10.86 -5.30
CA ILE C 125 -11.30 10.11 -6.41
C ILE C 125 -10.64 8.74 -6.64
N ASN C 126 -9.99 8.23 -5.60
CA ASN C 126 -9.35 6.92 -5.66
C ASN C 126 -10.47 5.88 -5.66
N THR C 127 -10.31 4.78 -6.41
CA THR C 127 -11.34 3.75 -6.41
C THR C 127 -10.86 2.65 -5.46
N PRO C 128 -11.73 1.70 -5.11
CA PRO C 128 -11.33 0.61 -4.21
C PRO C 128 -10.16 -0.19 -4.76
N LEU C 129 -9.95 -0.11 -6.07
CA LEU C 129 -8.87 -0.82 -6.72
C LEU C 129 -7.60 -0.01 -6.94
N THR C 130 -7.64 1.27 -6.59
CA THR C 130 -6.47 2.14 -6.75
C THR C 130 -5.97 2.71 -5.42
N THR C 131 -6.83 2.79 -4.41
CA THR C 131 -6.41 3.36 -3.10
C THR C 131 -5.19 2.64 -2.55
N SER C 132 -4.50 3.32 -1.63
CA SER C 132 -3.31 2.75 -1.01
C SER C 132 -3.58 2.58 0.46
N SER C 133 -4.32 3.52 1.03
CA SER C 133 -4.64 3.49 2.45
C SER C 133 -5.88 2.65 2.74
N GLY C 134 -6.81 2.64 1.80
CA GLY C 134 -8.02 1.87 1.99
C GLY C 134 -9.08 2.68 2.70
N ASN C 135 -8.70 3.86 3.17
CA ASN C 135 -9.63 4.76 3.85
C ASN C 135 -10.60 5.26 2.81
N LEU C 136 -11.89 5.16 3.11
CA LEU C 136 -12.93 5.58 2.16
C LEU C 136 -13.14 7.10 1.99
N HIS C 137 -12.59 7.93 2.86
CA HIS C 137 -12.79 9.37 2.67
C HIS C 137 -11.97 9.91 1.50
N GLY C 138 -11.17 9.05 0.89
CA GLY C 138 -10.38 9.45 -0.26
C GLY C 138 -10.94 8.86 -1.55
N GLN C 139 -12.11 8.25 -1.46
CA GLN C 139 -12.78 7.62 -2.59
C GLN C 139 -14.22 8.08 -2.89
N PRO C 140 -14.79 9.03 -2.11
CA PRO C 140 -16.16 9.48 -2.34
C PRO C 140 -16.57 9.68 -3.78
N VAL C 141 -15.81 10.49 -4.51
CA VAL C 141 -16.14 10.77 -5.90
C VAL C 141 -16.24 9.55 -6.82
N SER C 142 -15.53 8.48 -6.48
CA SER C 142 -15.56 7.25 -7.28
C SER C 142 -16.94 6.62 -7.37
N PHE C 143 -17.65 6.54 -6.26
CA PHE C 143 -18.97 5.94 -6.23
C PHE C 143 -20.04 6.90 -6.74
N LEU C 144 -19.65 8.13 -7.07
CA LEU C 144 -20.62 9.11 -7.54
C LEU C 144 -20.60 9.40 -9.03
N LEU C 145 -19.44 9.33 -9.67
CA LEU C 145 -19.36 9.60 -11.10
C LEU C 145 -19.86 8.44 -11.94
N ARG C 146 -20.66 8.74 -12.96
CA ARG C 146 -21.19 7.68 -13.79
C ARG C 146 -20.18 7.02 -14.72
N GLU C 147 -19.23 7.77 -15.26
CA GLU C 147 -18.26 7.17 -16.17
C GLU C 147 -17.25 6.26 -15.47
N LEU C 148 -17.22 6.29 -14.15
CA LEU C 148 -16.27 5.47 -13.41
C LEU C 148 -16.79 4.11 -12.92
N GLN C 149 -18.10 4.02 -12.69
CA GLN C 149 -18.70 2.79 -12.16
C GLN C 149 -18.20 1.47 -12.72
N ASP C 150 -17.61 1.52 -13.90
CA ASP C 150 -17.10 0.31 -14.52
C ASP C 150 -15.78 -0.17 -13.94
N LYS C 151 -15.07 0.73 -13.29
CA LYS C 151 -13.78 0.38 -12.70
C LYS C 151 -13.83 0.54 -11.19
N VAL C 152 -15.07 0.60 -10.68
CA VAL C 152 -15.33 0.75 -9.26
C VAL C 152 -15.94 -0.54 -8.72
N PRO C 153 -15.16 -1.36 -8.01
CA PRO C 153 -15.67 -2.62 -7.45
C PRO C 153 -16.82 -2.32 -6.50
N GLN C 154 -17.80 -3.23 -6.41
CA GLN C 154 -18.90 -2.99 -5.50
C GLN C 154 -18.55 -3.53 -4.13
N LEU C 155 -18.62 -2.66 -3.14
CA LEU C 155 -18.27 -3.00 -1.76
C LEU C 155 -19.47 -3.42 -0.93
N PRO C 156 -19.20 -4.06 0.22
CA PRO C 156 -20.28 -4.51 1.10
C PRO C 156 -20.91 -3.26 1.70
N GLY C 157 -22.24 -3.17 1.65
CA GLY C 157 -22.93 -2.03 2.21
C GLY C 157 -23.10 -0.87 1.25
N PHE C 158 -22.68 -1.04 -0.01
CA PHE C 158 -22.80 0.02 -1.00
C PHE C 158 -23.83 -0.30 -2.10
N SER C 159 -24.55 -1.41 -1.96
CA SER C 159 -25.55 -1.83 -2.94
C SER C 159 -26.45 -0.69 -3.37
N TRP C 160 -27.03 -0.01 -2.39
CA TRP C 160 -27.94 1.12 -2.61
C TRP C 160 -27.41 2.27 -3.45
N ILE C 161 -26.13 2.62 -3.28
CA ILE C 161 -25.55 3.72 -4.03
C ILE C 161 -25.69 3.50 -5.55
N LYS C 162 -26.06 4.57 -6.25
CA LYS C 162 -26.26 4.53 -7.69
C LYS C 162 -25.63 5.76 -8.35
N PRO C 163 -24.53 5.58 -9.10
CA PRO C 163 -23.82 6.67 -9.79
C PRO C 163 -24.80 7.65 -10.40
N CYS C 164 -24.72 8.91 -9.99
CA CYS C 164 -25.64 9.93 -10.46
C CYS C 164 -25.10 10.96 -11.45
N ILE C 165 -24.25 11.87 -10.97
CA ILE C 165 -23.69 12.93 -11.81
C ILE C 165 -22.62 12.47 -12.79
N SER C 166 -22.51 13.22 -13.89
CA SER C 166 -21.54 12.95 -14.94
C SER C 166 -20.22 13.64 -14.62
N SER C 167 -19.14 13.19 -15.26
CA SER C 167 -17.81 13.73 -15.03
C SER C 167 -17.64 15.21 -15.39
N ALA C 168 -18.56 15.75 -16.19
CA ALA C 168 -18.48 17.15 -16.58
C ALA C 168 -19.29 18.03 -15.65
N SER C 169 -19.97 17.41 -14.67
CA SER C 169 -20.79 18.18 -13.75
C SER C 169 -20.15 18.41 -12.39
N ILE C 170 -18.84 18.20 -12.31
CA ILE C 170 -18.12 18.41 -11.07
C ILE C 170 -16.78 19.13 -11.33
N VAL C 171 -16.51 20.19 -10.56
CA VAL C 171 -15.28 20.95 -10.68
C VAL C 171 -14.52 21.03 -9.35
N TYR C 172 -13.23 20.73 -9.39
CA TYR C 172 -12.37 20.78 -8.21
C TYR C 172 -11.68 22.15 -8.06
N ILE C 173 -11.49 22.57 -6.81
CA ILE C 173 -10.82 23.82 -6.51
C ILE C 173 -9.88 23.66 -5.31
N GLY C 174 -8.58 23.89 -5.53
CA GLY C 174 -7.60 23.79 -4.45
C GLY C 174 -6.68 22.59 -4.43
N LEU C 175 -6.81 21.71 -5.42
CA LEU C 175 -5.97 20.53 -5.46
C LEU C 175 -4.49 20.85 -5.33
N ARG C 176 -3.78 20.07 -4.52
CA ARG C 176 -2.35 20.28 -4.31
C ARG C 176 -1.68 19.00 -3.79
N ASP C 177 -2.42 17.88 -3.82
CA ASP C 177 -1.92 16.57 -3.38
C ASP C 177 -2.71 15.45 -4.04
N VAL C 178 -2.35 15.13 -5.28
CA VAL C 178 -3.04 14.10 -6.04
C VAL C 178 -2.18 12.86 -6.27
N ASP C 179 -2.73 11.68 -5.99
CA ASP C 179 -2.02 10.41 -6.21
C ASP C 179 -1.98 10.10 -7.70
N PRO C 180 -0.94 9.39 -8.17
CA PRO C 180 -0.82 9.06 -9.59
C PRO C 180 -2.09 8.47 -10.22
N PRO C 181 -2.78 7.56 -9.51
CA PRO C 181 -4.00 6.97 -10.07
C PRO C 181 -5.10 8.00 -10.24
N GLU C 182 -5.21 8.91 -9.28
CA GLU C 182 -6.21 9.97 -9.36
C GLU C 182 -5.95 10.85 -10.55
N HIS C 183 -4.68 11.22 -10.76
CA HIS C 183 -4.31 12.06 -11.87
C HIS C 183 -4.69 11.38 -13.19
N PHE C 184 -4.48 10.07 -13.26
CA PHE C 184 -4.81 9.30 -14.45
C PHE C 184 -6.31 9.41 -14.71
N ILE C 185 -7.10 9.25 -13.66
CA ILE C 185 -8.55 9.31 -13.78
C ILE C 185 -9.03 10.69 -14.23
N LEU C 186 -8.53 11.72 -13.56
CA LEU C 186 -8.93 13.08 -13.91
C LEU C 186 -8.66 13.34 -15.38
N LYS C 187 -7.44 13.07 -15.82
CA LYS C 187 -7.08 13.29 -17.21
C LYS C 187 -7.90 12.42 -18.14
N ASN C 188 -8.06 11.17 -17.77
CA ASN C 188 -8.78 10.23 -18.59
C ASN C 188 -10.25 10.54 -18.82
N TYR C 189 -10.92 11.14 -17.85
CA TYR C 189 -12.33 11.47 -18.02
C TYR C 189 -12.57 12.95 -18.18
N ASP C 190 -11.48 13.71 -18.39
CA ASP C 190 -11.53 15.15 -18.57
C ASP C 190 -12.25 15.90 -17.47
N ILE C 191 -12.05 15.45 -16.23
CA ILE C 191 -12.68 16.12 -15.12
C ILE C 191 -11.93 17.44 -14.87
N GLN C 192 -12.69 18.51 -14.75
CA GLN C 192 -12.14 19.84 -14.56
C GLN C 192 -11.70 20.15 -13.14
N TYR C 193 -10.59 20.86 -13.02
CA TYR C 193 -10.09 21.22 -11.71
C TYR C 193 -9.14 22.39 -11.78
N PHE C 194 -9.08 23.13 -10.69
CA PHE C 194 -8.19 24.26 -10.58
C PHE C 194 -7.29 24.00 -9.38
N SER C 195 -6.09 23.49 -9.65
CA SER C 195 -5.13 23.20 -8.59
C SER C 195 -4.64 24.52 -8.01
N MET C 196 -3.94 24.45 -6.87
CA MET C 196 -3.42 25.66 -6.26
C MET C 196 -2.57 26.40 -7.29
N ARG C 197 -1.92 25.65 -8.18
CA ARG C 197 -1.13 26.29 -9.22
C ARG C 197 -2.02 27.11 -10.17
N ASP C 198 -3.12 26.52 -10.63
CA ASP C 198 -4.03 27.23 -11.52
C ASP C 198 -4.52 28.50 -10.84
N ILE C 199 -4.68 28.46 -9.51
CA ILE C 199 -5.14 29.63 -8.77
C ILE C 199 -4.06 30.71 -8.73
N ASP C 200 -2.81 30.30 -8.51
CA ASP C 200 -1.71 31.25 -8.46
C ASP C 200 -1.59 31.98 -9.79
N ARG C 201 -1.95 31.29 -10.86
CA ARG C 201 -1.83 31.84 -12.20
C ARG C 201 -2.99 32.68 -12.69
N LEU C 202 -4.22 32.27 -12.39
CA LEU C 202 -5.38 33.00 -12.88
C LEU C 202 -6.04 33.89 -11.87
N GLY C 203 -5.76 33.63 -10.59
CA GLY C 203 -6.38 34.40 -9.53
C GLY C 203 -7.72 33.77 -9.14
N ILE C 204 -8.05 33.76 -7.85
CA ILE C 204 -9.30 33.14 -7.39
C ILE C 204 -10.56 33.66 -8.07
N GLN C 205 -10.57 34.93 -8.43
CA GLN C 205 -11.72 35.55 -9.08
C GLN C 205 -11.98 34.95 -10.45
N LYS C 206 -10.91 34.80 -11.24
CA LYS C 206 -11.00 34.24 -12.58
C LYS C 206 -11.38 32.76 -12.48
N VAL C 207 -10.85 32.08 -11.47
CA VAL C 207 -11.14 30.67 -11.26
C VAL C 207 -12.64 30.45 -11.16
N MET C 208 -13.30 31.25 -10.34
CA MET C 208 -14.74 31.15 -10.14
C MET C 208 -15.53 31.46 -11.41
N GLU C 209 -15.07 32.44 -12.19
CA GLU C 209 -15.75 32.80 -13.43
C GLU C 209 -15.86 31.53 -14.25
N ARG C 210 -14.73 30.84 -14.32
CA ARG C 210 -14.59 29.62 -15.09
C ARG C 210 -15.35 28.41 -14.60
N THR C 211 -15.30 28.11 -13.31
CA THR C 211 -16.01 26.93 -12.84
C THR C 211 -17.51 27.12 -13.12
N PHE C 212 -18.02 28.34 -12.89
CA PHE C 212 -19.43 28.61 -13.16
C PHE C 212 -19.73 28.53 -14.65
N ASP C 213 -18.74 28.79 -15.49
CA ASP C 213 -18.96 28.67 -16.93
C ASP C 213 -19.14 27.19 -17.24
N LEU C 214 -18.25 26.38 -16.69
CA LEU C 214 -18.30 24.93 -16.91
C LEU C 214 -19.61 24.33 -16.39
N LEU C 215 -20.01 24.73 -15.19
CA LEU C 215 -21.19 24.19 -14.56
C LEU C 215 -22.56 24.79 -14.90
N ILE C 216 -22.69 26.10 -14.79
CA ILE C 216 -23.98 26.73 -15.08
C ILE C 216 -23.96 27.68 -16.27
N GLY C 217 -23.05 27.43 -17.20
CA GLY C 217 -22.91 28.25 -18.38
C GLY C 217 -24.12 28.24 -19.30
N LYS C 218 -24.70 27.07 -19.53
CA LYS C 218 -25.87 26.98 -20.42
C LYS C 218 -27.20 27.00 -19.69
N ARG C 219 -27.20 26.73 -18.40
CA ARG C 219 -28.46 26.72 -17.65
C ARG C 219 -28.30 26.78 -16.13
N GLN C 220 -29.34 27.29 -15.47
CA GLN C 220 -29.33 27.36 -14.03
C GLN C 220 -29.52 25.94 -13.57
N ARG C 221 -28.92 25.61 -12.42
CA ARG C 221 -29.09 24.28 -11.84
C ARG C 221 -28.57 24.25 -10.41
N PRO C 222 -29.05 23.31 -9.59
CA PRO C 222 -28.64 23.20 -8.19
C PRO C 222 -27.15 23.01 -8.00
N ILE C 223 -26.60 23.73 -7.03
CA ILE C 223 -25.18 23.63 -6.73
C ILE C 223 -24.92 22.92 -5.42
N HIS C 224 -24.06 21.90 -5.47
CA HIS C 224 -23.70 21.18 -4.27
C HIS C 224 -22.26 21.57 -3.96
N LEU C 225 -22.05 22.27 -2.85
CA LEU C 225 -20.70 22.68 -2.46
C LEU C 225 -20.13 21.75 -1.40
N SER C 226 -19.18 20.90 -1.80
CA SER C 226 -18.55 20.01 -0.85
C SER C 226 -17.22 20.66 -0.48
N PHE C 227 -17.16 21.19 0.75
CA PHE C 227 -15.99 21.92 1.22
C PHE C 227 -15.16 21.24 2.31
N ASP C 228 -14.00 20.71 1.92
CA ASP C 228 -13.09 20.05 2.85
C ASP C 228 -12.28 21.17 3.48
N ILE C 229 -12.24 21.24 4.81
CA ILE C 229 -11.52 22.30 5.47
C ILE C 229 -10.01 22.27 5.20
N ASP C 230 -9.46 21.13 4.77
CA ASP C 230 -8.02 21.10 4.51
C ASP C 230 -7.61 21.80 3.21
N ALA C 231 -8.59 22.41 2.54
CA ALA C 231 -8.33 23.15 1.31
C ALA C 231 -7.64 24.43 1.77
N PHE C 232 -7.91 24.83 3.00
CA PHE C 232 -7.29 26.02 3.56
C PHE C 232 -5.89 25.61 3.97
N ASP C 233 -4.98 26.57 4.02
CA ASP C 233 -3.62 26.30 4.42
C ASP C 233 -3.60 25.86 5.89
N PRO C 234 -2.74 24.88 6.23
CA PRO C 234 -2.61 24.36 7.60
C PRO C 234 -2.49 25.44 8.67
N THR C 235 -1.95 26.61 8.31
CA THR C 235 -1.82 27.71 9.25
C THR C 235 -3.17 28.35 9.56
N LEU C 236 -4.15 28.18 8.67
CA LEU C 236 -5.47 28.73 8.90
C LEU C 236 -6.37 27.65 9.49
N ALA C 237 -6.19 26.42 9.04
CA ALA C 237 -6.99 25.27 9.50
C ALA C 237 -6.13 24.10 9.98
N PRO C 238 -5.49 24.25 11.15
CA PRO C 238 -4.64 23.22 11.74
C PRO C 238 -5.38 21.93 12.10
N ALA C 239 -6.49 22.08 12.83
CA ALA C 239 -7.27 20.93 13.28
C ALA C 239 -7.91 20.11 12.18
N THR C 240 -7.09 19.35 11.45
CA THR C 240 -7.60 18.51 10.38
C THR C 240 -6.69 17.29 10.20
N GLY C 241 -7.23 16.22 9.65
CA GLY C 241 -6.47 14.99 9.48
C GLY C 241 -5.35 14.91 8.48
N THR C 242 -5.48 15.58 7.35
CA THR C 242 -4.45 15.52 6.35
C THR C 242 -4.00 16.89 5.83
N PRO C 243 -3.19 17.59 6.62
CA PRO C 243 -2.61 18.91 6.34
C PRO C 243 -1.72 18.91 5.11
N VAL C 244 -1.84 19.94 4.26
CA VAL C 244 -0.99 20.05 3.08
C VAL C 244 -0.68 21.53 2.86
N VAL C 245 0.60 21.87 2.87
CA VAL C 245 1.01 23.28 2.76
C VAL C 245 0.76 23.93 1.39
N GLY C 246 0.68 25.25 1.44
CA GLY C 246 0.48 26.06 0.25
C GLY C 246 -0.95 25.98 -0.22
N GLY C 247 -1.88 26.06 0.73
CA GLY C 247 -3.28 25.98 0.38
C GLY C 247 -4.00 27.31 0.24
N LEU C 248 -5.33 27.23 0.23
CA LEU C 248 -6.14 28.42 0.10
C LEU C 248 -5.88 29.39 1.21
N THR C 249 -6.10 30.65 0.89
CA THR C 249 -5.93 31.76 1.80
C THR C 249 -7.31 32.03 2.43
N TYR C 250 -7.36 32.55 3.64
CA TYR C 250 -8.66 32.83 4.25
C TYR C 250 -9.50 33.69 3.30
N ARG C 251 -8.88 34.70 2.72
CA ARG C 251 -9.58 35.61 1.80
C ARG C 251 -10.09 34.90 0.56
N GLU C 252 -9.30 33.96 0.05
CA GLU C 252 -9.67 33.21 -1.14
C GLU C 252 -10.85 32.29 -0.84
N GLY C 253 -10.78 31.63 0.31
CA GLY C 253 -11.84 30.72 0.71
C GLY C 253 -13.11 31.53 0.87
N MET C 254 -13.01 32.70 1.50
CA MET C 254 -14.18 33.53 1.68
C MET C 254 -14.67 34.05 0.33
N TYR C 255 -13.75 34.20 -0.62
CA TYR C 255 -14.13 34.70 -1.93
C TYR C 255 -14.93 33.65 -2.68
N ILE C 256 -14.50 32.39 -2.56
CA ILE C 256 -15.19 31.28 -3.20
C ILE C 256 -16.62 31.25 -2.65
N ALA C 257 -16.74 31.23 -1.33
CA ALA C 257 -18.04 31.22 -0.67
C ALA C 257 -18.96 32.35 -1.15
N GLU C 258 -18.46 33.59 -1.06
CA GLU C 258 -19.24 34.74 -1.47
C GLU C 258 -19.72 34.60 -2.90
N GLU C 259 -18.85 34.11 -3.78
CA GLU C 259 -19.19 33.95 -5.17
C GLU C 259 -20.30 32.93 -5.40
N ILE C 260 -20.23 31.82 -4.68
CA ILE C 260 -21.26 30.78 -4.79
C ILE C 260 -22.58 31.37 -4.30
N HIS C 261 -22.54 32.12 -3.19
CA HIS C 261 -23.74 32.75 -2.68
C HIS C 261 -24.35 33.69 -3.73
N ASN C 262 -23.49 34.33 -4.51
CA ASN C 262 -23.97 35.26 -5.51
C ASN C 262 -24.76 34.63 -6.63
N THR C 263 -24.53 33.34 -6.88
CA THR C 263 -25.26 32.63 -7.94
C THR C 263 -26.71 32.36 -7.55
N GLY C 264 -26.96 32.29 -6.24
CA GLY C 264 -28.30 32.02 -5.75
C GLY C 264 -28.76 30.61 -6.04
N LEU C 265 -27.81 29.72 -6.36
CA LEU C 265 -28.10 28.32 -6.70
C LEU C 265 -27.59 27.28 -5.70
N LEU C 266 -27.21 27.70 -4.51
CA LEU C 266 -26.73 26.74 -3.52
C LEU C 266 -27.90 25.92 -2.94
N SER C 267 -27.82 24.60 -3.06
CA SER C 267 -28.86 23.70 -2.56
C SER C 267 -28.41 22.94 -1.32
N ALA C 268 -27.16 22.51 -1.33
CA ALA C 268 -26.61 21.75 -0.20
C ALA C 268 -25.12 22.02 -0.05
N LEU C 269 -24.66 22.06 1.18
CA LEU C 269 -23.25 22.32 1.48
C LEU C 269 -22.68 21.36 2.51
N ASP C 270 -21.48 20.87 2.23
CA ASP C 270 -20.77 19.97 3.14
C ASP C 270 -19.55 20.68 3.70
N LEU C 271 -19.40 20.67 5.02
CA LEU C 271 -18.23 21.27 5.65
C LEU C 271 -17.64 20.12 6.44
N VAL C 272 -16.63 19.47 5.87
CA VAL C 272 -16.06 18.31 6.51
C VAL C 272 -14.60 18.36 6.97
N GLU C 273 -14.19 17.25 7.59
CA GLU C 273 -12.83 17.03 8.09
C GLU C 273 -12.30 17.91 9.22
N VAL C 274 -13.19 18.57 9.97
CA VAL C 274 -12.70 19.37 11.07
C VAL C 274 -12.45 18.38 12.21
N ASN C 275 -11.22 18.28 12.68
CA ASN C 275 -10.88 17.37 13.78
C ASN C 275 -10.25 18.13 14.93
N PRO C 276 -11.03 18.50 15.94
CA PRO C 276 -10.54 19.24 17.10
C PRO C 276 -9.37 18.56 17.84
N GLN C 277 -9.43 17.23 17.96
CA GLN C 277 -8.40 16.50 18.69
C GLN C 277 -7.02 16.59 18.07
N LEU C 278 -6.94 16.94 16.80
CA LEU C 278 -5.65 17.03 16.13
C LEU C 278 -5.00 18.40 16.37
N ALA C 279 -5.73 19.30 17.02
CA ALA C 279 -5.20 20.63 17.31
C ALA C 279 -4.12 20.54 18.39
N THR C 280 -3.08 21.35 18.23
CA THR C 280 -1.98 21.39 19.18
C THR C 280 -2.43 22.10 20.43
N SER C 281 -3.32 23.07 20.26
CA SER C 281 -3.82 23.83 21.41
C SER C 281 -5.32 24.10 21.32
N GLU C 282 -5.85 24.70 22.38
CA GLU C 282 -7.27 25.02 22.44
C GLU C 282 -7.59 26.05 21.36
N GLU C 283 -6.70 27.04 21.23
CA GLU C 283 -6.89 28.10 20.24
C GLU C 283 -6.85 27.57 18.80
N GLU C 284 -5.91 26.67 18.51
CA GLU C 284 -5.83 26.12 17.16
C GLU C 284 -7.14 25.44 16.78
N ALA C 285 -7.75 24.77 17.74
CA ALA C 285 -9.02 24.10 17.51
C ALA C 285 -10.09 25.15 17.25
N LYS C 286 -10.11 26.17 18.10
CA LYS C 286 -11.09 27.24 17.97
C LYS C 286 -10.94 27.98 16.65
N THR C 287 -9.70 28.14 16.20
CA THR C 287 -9.46 28.84 14.95
C THR C 287 -10.09 28.09 13.80
N THR C 288 -9.88 26.78 13.77
CA THR C 288 -10.41 25.96 12.71
C THR C 288 -11.93 25.93 12.77
N ALA C 289 -12.48 25.88 13.97
CA ALA C 289 -13.92 25.85 14.13
C ALA C 289 -14.50 27.15 13.56
N ASN C 290 -13.93 28.29 13.97
CA ASN C 290 -14.43 29.57 13.48
C ASN C 290 -14.32 29.68 11.98
N LEU C 291 -13.24 29.16 11.41
CA LEU C 291 -13.05 29.22 9.97
C LEU C 291 -14.20 28.45 9.31
N ALA C 292 -14.53 27.28 9.85
CA ALA C 292 -15.61 26.47 9.31
C ALA C 292 -16.92 27.27 9.28
N VAL C 293 -17.24 27.93 10.38
CA VAL C 293 -18.45 28.72 10.46
C VAL C 293 -18.49 29.87 9.45
N ASP C 294 -17.36 30.57 9.30
CA ASP C 294 -17.25 31.68 8.38
C ASP C 294 -17.58 31.19 6.99
N VAL C 295 -16.99 30.07 6.59
CA VAL C 295 -17.25 29.54 5.26
C VAL C 295 -18.74 29.29 5.05
N ILE C 296 -19.39 28.73 6.07
CA ILE C 296 -20.80 28.43 5.95
C ILE C 296 -21.62 29.72 5.95
N ALA C 297 -21.31 30.60 6.89
CA ALA C 297 -22.01 31.88 7.00
C ALA C 297 -21.91 32.61 5.67
N SER C 298 -20.67 32.72 5.19
CA SER C 298 -20.40 33.41 3.95
C SER C 298 -21.14 32.77 2.76
N SER C 299 -21.20 31.45 2.72
CA SER C 299 -21.89 30.77 1.63
C SER C 299 -23.39 31.09 1.62
N PHE C 300 -23.89 31.64 2.72
CA PHE C 300 -25.31 31.99 2.80
C PHE C 300 -25.64 33.48 2.93
N GLY C 301 -24.69 34.34 2.58
CA GLY C 301 -24.95 35.76 2.64
C GLY C 301 -24.03 36.64 3.45
N GLN C 302 -23.25 36.07 4.37
CA GLN C 302 -22.38 36.92 5.15
C GLN C 302 -21.38 37.64 4.25
N THR C 303 -21.22 38.94 4.50
CA THR C 303 -20.35 39.81 3.72
C THR C 303 -19.21 40.45 4.52
N ARG C 304 -18.08 40.70 3.86
CA ARG C 304 -16.94 41.35 4.51
C ARG C 304 -17.10 42.86 4.34
N GLU C 305 -18.21 43.23 3.72
CA GLU C 305 -18.56 44.62 3.43
C GLU C 305 -19.80 45.07 4.22
N GLY C 306 -20.48 44.13 4.88
CA GLY C 306 -21.68 44.48 5.64
C GLY C 306 -23.01 44.34 4.89
N HIS D 1 -6.52 -67.02 5.37
CA HIS D 1 -5.34 -67.68 4.74
C HIS D 1 -4.17 -67.66 5.72
N SER D 2 -3.14 -68.45 5.45
CA SER D 2 -1.98 -68.48 6.33
C SER D 2 -0.82 -67.68 5.74
N VAL D 3 -0.13 -66.95 6.61
CA VAL D 3 0.97 -66.11 6.18
C VAL D 3 2.26 -66.45 6.92
N ALA D 4 3.36 -66.46 6.17
CA ALA D 4 4.66 -66.72 6.74
C ALA D 4 5.47 -65.43 6.66
N VAL D 5 6.29 -65.16 7.67
CA VAL D 5 7.09 -63.95 7.65
C VAL D 5 8.58 -64.27 7.84
N ILE D 6 9.39 -63.88 6.86
CA ILE D 6 10.83 -64.11 6.91
C ILE D 6 11.60 -62.80 6.85
N GLY D 7 12.42 -62.56 7.87
CA GLY D 7 13.22 -61.35 7.90
C GLY D 7 14.59 -61.65 7.32
N ALA D 8 14.98 -60.91 6.29
CA ALA D 8 16.28 -61.10 5.66
C ALA D 8 17.12 -59.82 5.87
N PRO D 9 17.84 -59.74 7.00
CA PRO D 9 18.67 -58.56 7.28
C PRO D 9 19.94 -58.59 6.44
N PHE D 10 19.79 -58.40 5.13
CA PHE D 10 20.92 -58.43 4.22
C PHE D 10 21.16 -57.03 3.66
N SER D 11 22.42 -56.62 3.54
CA SER D 11 22.72 -55.29 3.03
C SER D 11 23.86 -55.25 2.02
N GLN D 12 24.37 -56.40 1.64
CA GLN D 12 25.49 -56.40 0.72
C GLN D 12 25.14 -56.31 -0.75
N GLY D 13 23.87 -56.05 -1.05
CA GLY D 13 23.46 -55.90 -2.42
C GLY D 13 23.68 -54.44 -2.84
N GLN D 14 24.14 -53.64 -1.89
CA GLN D 14 24.39 -52.22 -2.13
C GLN D 14 25.43 -51.71 -1.13
N LYS D 15 25.67 -50.41 -1.08
CA LYS D 15 26.71 -49.92 -0.18
C LYS D 15 26.31 -49.20 1.10
N ARG D 16 25.09 -48.67 1.18
CA ARG D 16 24.72 -47.99 2.41
C ARG D 16 24.47 -48.99 3.55
N LYS D 17 24.93 -48.62 4.73
CA LYS D 17 24.74 -49.46 5.89
C LYS D 17 23.41 -49.08 6.53
N GLY D 18 22.62 -50.08 6.94
CA GLY D 18 21.36 -49.77 7.56
C GLY D 18 20.16 -50.58 7.08
N VAL D 19 20.19 -51.04 5.83
CA VAL D 19 19.07 -51.81 5.33
C VAL D 19 18.93 -53.11 6.10
N GLU D 20 19.99 -53.52 6.79
CA GLU D 20 19.94 -54.76 7.56
C GLU D 20 18.98 -54.61 8.75
N HIS D 21 18.69 -53.36 9.12
CA HIS D 21 17.79 -53.08 10.23
C HIS D 21 16.36 -52.89 9.74
N GLY D 22 16.15 -53.05 8.44
CA GLY D 22 14.81 -52.90 7.89
C GLY D 22 13.78 -53.79 8.57
N PRO D 23 14.04 -55.10 8.67
CA PRO D 23 13.12 -56.05 9.31
C PRO D 23 12.70 -55.60 10.70
N ALA D 24 13.70 -55.30 11.53
CA ALA D 24 13.45 -54.86 12.90
C ALA D 24 12.54 -53.63 12.95
N ALA D 25 12.78 -52.69 12.04
CA ALA D 25 11.99 -51.48 12.01
C ALA D 25 10.55 -51.79 11.66
N ILE D 26 10.34 -52.64 10.65
CA ILE D 26 9.00 -53.01 10.23
C ILE D 26 8.30 -53.80 11.35
N ARG D 27 9.07 -54.66 12.02
CA ARG D 27 8.56 -55.46 13.12
C ARG D 27 8.15 -54.52 14.25
N GLU D 28 8.98 -53.53 14.50
CA GLU D 28 8.71 -52.58 15.58
C GLU D 28 7.64 -51.57 15.22
N ALA D 29 7.01 -51.76 14.07
CA ALA D 29 5.94 -50.88 13.63
C ALA D 29 4.62 -51.64 13.72
N GLY D 30 4.64 -52.80 14.37
CA GLY D 30 3.43 -53.60 14.56
C GLY D 30 2.99 -54.60 13.52
N LEU D 31 3.81 -54.84 12.50
CA LEU D 31 3.46 -55.78 11.45
C LEU D 31 2.72 -57.04 11.93
N MET D 32 3.37 -57.78 12.83
CA MET D 32 2.83 -59.03 13.34
C MET D 32 1.42 -59.03 13.95
N LYS D 33 1.19 -58.22 14.96
CA LYS D 33 -0.14 -58.25 15.55
C LYS D 33 -1.14 -57.58 14.64
N ARG D 34 -0.61 -56.88 13.64
CA ARG D 34 -1.42 -56.18 12.66
C ARG D 34 -2.01 -57.22 11.70
N LEU D 35 -1.19 -58.20 11.33
CA LEU D 35 -1.63 -59.27 10.43
C LEU D 35 -2.66 -60.17 11.10
N SER D 36 -2.42 -60.49 12.37
CA SER D 36 -3.34 -61.32 13.14
C SER D 36 -4.69 -60.62 13.27
N SER D 37 -4.63 -59.32 13.49
CA SER D 37 -5.81 -58.50 13.63
C SER D 37 -6.71 -58.71 12.41
N LEU D 38 -6.09 -59.03 11.28
CA LEU D 38 -6.83 -59.27 10.05
C LEU D 38 -7.47 -60.64 10.07
N GLY D 39 -6.81 -61.59 10.74
CA GLY D 39 -7.36 -62.92 10.81
C GLY D 39 -6.44 -63.94 10.16
N CYS D 40 -5.24 -63.51 9.82
CA CYS D 40 -4.27 -64.40 9.19
C CYS D 40 -3.60 -65.32 10.19
N HIS D 41 -3.32 -66.55 9.77
CA HIS D 41 -2.64 -67.52 10.62
C HIS D 41 -1.16 -67.31 10.35
N LEU D 42 -0.43 -66.83 11.35
CA LEU D 42 0.99 -66.52 11.19
C LEU D 42 2.02 -67.54 11.63
N LYS D 43 3.09 -67.60 10.86
CA LYS D 43 4.20 -68.49 11.11
C LYS D 43 5.45 -67.65 10.94
N ASP D 44 5.97 -67.12 12.03
CA ASP D 44 7.15 -66.27 11.98
C ASP D 44 8.46 -67.06 11.95
N PHE D 45 9.14 -67.06 10.81
CA PHE D 45 10.41 -67.78 10.71
C PHE D 45 11.55 -67.01 11.34
N GLY D 46 11.23 -65.89 11.97
CA GLY D 46 12.24 -65.05 12.61
C GLY D 46 13.12 -64.31 11.59
N ASP D 47 14.26 -63.81 12.05
CA ASP D 47 15.17 -63.11 11.17
C ASP D 47 16.36 -64.01 10.84
N LEU D 48 16.44 -64.40 9.58
CA LEU D 48 17.50 -65.27 9.10
C LEU D 48 18.87 -64.65 9.35
N SER D 49 19.87 -65.50 9.46
CA SER D 49 21.24 -65.10 9.71
C SER D 49 22.06 -65.70 8.56
N PHE D 50 22.37 -64.89 7.54
CA PHE D 50 23.11 -65.40 6.39
C PHE D 50 24.59 -65.57 6.69
N THR D 51 25.19 -66.61 6.11
CA THR D 51 26.61 -66.91 6.29
C THR D 51 27.44 -65.95 5.45
N PRO D 52 28.32 -65.17 6.09
CA PRO D 52 29.15 -64.22 5.35
C PRO D 52 30.21 -64.88 4.48
N VAL D 53 30.82 -64.11 3.59
CA VAL D 53 31.85 -64.62 2.72
C VAL D 53 33.06 -63.70 2.75
N PRO D 54 34.06 -64.05 3.58
CA PRO D 54 35.31 -63.27 3.74
C PRO D 54 36.04 -63.19 2.41
N LYS D 55 36.60 -62.02 2.11
CA LYS D 55 37.29 -61.84 0.84
C LYS D 55 36.37 -62.22 -0.31
N ASP D 56 35.43 -61.31 -0.57
CA ASP D 56 34.48 -61.45 -1.65
C ASP D 56 34.62 -60.10 -2.33
N ASP D 57 35.58 -60.02 -3.24
CA ASP D 57 35.86 -58.77 -3.93
C ASP D 57 35.20 -58.61 -5.28
N LEU D 58 35.40 -57.44 -5.85
CA LEU D 58 34.80 -57.09 -7.13
C LEU D 58 35.15 -58.06 -8.23
N TYR D 59 34.13 -58.47 -8.98
CA TYR D 59 34.33 -59.35 -10.11
C TYR D 59 34.57 -58.38 -11.25
N ASN D 60 35.58 -58.63 -12.05
CA ASN D 60 35.94 -57.77 -13.17
C ASN D 60 36.09 -56.33 -12.71
N ASN D 61 36.33 -56.16 -11.41
CA ASN D 61 36.55 -54.85 -10.82
C ASN D 61 35.36 -53.91 -10.63
N LEU D 62 34.12 -54.41 -10.65
CA LEU D 62 32.98 -53.52 -10.41
C LEU D 62 31.85 -54.17 -9.64
N ILE D 63 31.47 -55.39 -10.02
CA ILE D 63 30.39 -56.09 -9.33
C ILE D 63 30.82 -56.28 -7.87
N VAL D 64 30.00 -55.78 -6.94
CA VAL D 64 30.30 -55.85 -5.50
C VAL D 64 29.68 -57.01 -4.71
N ASN D 65 30.49 -57.64 -3.87
CA ASN D 65 30.08 -58.77 -3.04
C ASN D 65 29.25 -59.82 -3.78
N PRO D 66 29.72 -60.27 -4.94
CA PRO D 66 29.01 -61.28 -5.74
C PRO D 66 28.67 -62.58 -5.01
N ARG D 67 29.69 -63.24 -4.49
CA ARG D 67 29.50 -64.50 -3.80
C ARG D 67 28.81 -64.38 -2.46
N SER D 68 28.95 -63.23 -1.82
CA SER D 68 28.30 -63.01 -0.53
C SER D 68 26.80 -62.90 -0.80
N VAL D 69 26.44 -62.26 -1.92
CA VAL D 69 25.04 -62.08 -2.30
C VAL D 69 24.47 -63.39 -2.84
N GLY D 70 25.27 -64.11 -3.60
CA GLY D 70 24.81 -65.37 -4.15
C GLY D 70 24.49 -66.42 -3.10
N LEU D 71 25.25 -66.40 -2.01
CA LEU D 71 25.06 -67.36 -0.93
C LEU D 71 23.88 -67.00 -0.04
N ALA D 72 23.70 -65.71 0.23
CA ALA D 72 22.62 -65.26 1.06
C ALA D 72 21.30 -65.57 0.36
N ASN D 73 21.27 -65.37 -0.95
CA ASN D 73 20.08 -65.61 -1.73
C ASN D 73 19.79 -67.07 -1.86
N GLN D 74 20.81 -67.89 -2.02
CA GLN D 74 20.59 -69.32 -2.12
C GLN D 74 19.84 -69.59 -0.85
N GLU D 75 20.56 -69.45 0.25
CA GLU D 75 19.99 -69.68 1.56
C GLU D 75 18.53 -69.23 1.72
N LEU D 76 18.21 -67.97 1.42
CA LEU D 76 16.85 -67.46 1.52
C LEU D 76 15.88 -68.24 0.62
N ALA D 77 16.37 -68.66 -0.55
CA ALA D 77 15.56 -69.39 -1.51
C ALA D 77 15.00 -70.68 -0.94
N GLU D 78 15.70 -71.26 0.02
CA GLU D 78 15.23 -72.49 0.61
C GLU D 78 14.17 -72.29 1.68
N VAL D 79 14.37 -71.27 2.50
CA VAL D 79 13.40 -70.97 3.54
C VAL D 79 12.07 -70.62 2.87
N VAL D 80 12.16 -69.83 1.79
CA VAL D 80 10.99 -69.41 1.05
C VAL D 80 10.24 -70.55 0.37
N SER D 81 10.98 -71.47 -0.26
CA SER D 81 10.32 -72.59 -0.94
C SER D 81 9.78 -73.57 0.11
N ARG D 82 10.31 -73.48 1.33
CA ARG D 82 9.86 -74.32 2.41
C ARG D 82 8.46 -73.83 2.79
N ALA D 83 8.36 -72.53 3.05
CA ALA D 83 7.10 -71.90 3.43
C ALA D 83 6.05 -72.05 2.33
N VAL D 84 6.41 -71.70 1.10
CA VAL D 84 5.48 -71.79 -0.01
C VAL D 84 4.99 -73.22 -0.11
N SER D 85 5.89 -74.14 0.20
CA SER D 85 5.61 -75.57 0.16
C SER D 85 4.51 -75.97 1.13
N ASP D 86 4.59 -75.46 2.35
CA ASP D 86 3.59 -75.76 3.36
C ASP D 86 2.32 -74.95 3.18
N GLY D 87 2.18 -74.32 2.02
CA GLY D 87 0.97 -73.56 1.76
C GLY D 87 0.91 -72.13 2.29
N TYR D 88 2.02 -71.62 2.82
CA TYR D 88 2.03 -70.25 3.32
C TYR D 88 2.23 -69.22 2.23
N SER D 89 1.67 -68.04 2.44
CA SER D 89 1.88 -66.93 1.53
C SER D 89 3.14 -66.36 2.19
N CYS D 90 4.23 -66.33 1.44
CA CYS D 90 5.49 -65.87 1.99
C CYS D 90 5.73 -64.38 1.95
N VAL D 91 5.94 -63.79 3.12
CA VAL D 91 6.19 -62.36 3.25
C VAL D 91 7.64 -62.15 3.69
N THR D 92 8.46 -61.59 2.81
CA THR D 92 9.87 -61.35 3.14
C THR D 92 10.19 -59.87 3.40
N LEU D 93 10.80 -59.61 4.55
CA LEU D 93 11.15 -58.24 4.91
C LEU D 93 12.64 -57.99 4.66
N GLY D 94 12.94 -57.11 3.70
CA GLY D 94 14.32 -56.84 3.34
C GLY D 94 15.08 -55.85 4.20
N GLY D 95 16.38 -56.11 4.34
CA GLY D 95 17.40 -55.57 3.45
C GLY D 95 17.12 -55.12 2.03
N ASP D 96 18.18 -55.05 1.23
CA ASP D 96 18.09 -54.58 -0.15
C ASP D 96 17.36 -55.49 -1.12
N HIS D 97 16.98 -54.94 -2.27
CA HIS D 97 16.25 -55.68 -3.28
C HIS D 97 16.97 -56.82 -4.00
N SER D 98 18.25 -57.04 -3.74
CA SER D 98 18.91 -58.14 -4.41
C SER D 98 18.31 -59.44 -3.86
N LEU D 99 17.70 -59.36 -2.68
CA LEU D 99 17.07 -60.50 -2.03
C LEU D 99 15.99 -61.12 -2.90
N ALA D 100 15.42 -60.33 -3.80
CA ALA D 100 14.37 -60.81 -4.68
C ALA D 100 14.84 -62.02 -5.48
N ILE D 101 16.14 -62.10 -5.74
CA ILE D 101 16.69 -63.23 -6.47
C ILE D 101 16.29 -64.49 -5.73
N GLY D 102 16.53 -64.49 -4.43
CA GLY D 102 16.22 -65.66 -3.60
C GLY D 102 14.74 -65.93 -3.43
N THR D 103 13.97 -64.90 -3.04
CA THR D 103 12.52 -65.06 -2.85
C THR D 103 11.79 -65.55 -4.10
N ILE D 104 12.08 -64.97 -5.26
CA ILE D 104 11.42 -65.38 -6.49
C ILE D 104 11.94 -66.74 -6.93
N SER D 105 13.22 -67.02 -6.66
CA SER D 105 13.76 -68.33 -7.02
C SER D 105 13.04 -69.39 -6.19
N GLY D 106 13.10 -69.23 -4.87
CA GLY D 106 12.47 -70.17 -3.97
C GLY D 106 10.97 -70.33 -4.20
N HIS D 107 10.32 -69.23 -4.56
CA HIS D 107 8.88 -69.26 -4.79
C HIS D 107 8.58 -70.02 -6.09
N ALA D 108 9.31 -69.71 -7.15
CA ALA D 108 9.11 -70.37 -8.44
C ALA D 108 9.32 -71.86 -8.32
N ARG D 109 10.19 -72.24 -7.39
CA ARG D 109 10.50 -73.64 -7.14
C ARG D 109 9.23 -74.47 -6.94
N HIS D 110 8.16 -73.85 -6.47
CA HIS D 110 6.92 -74.57 -6.25
C HIS D 110 5.75 -74.03 -7.05
N CYS D 111 5.91 -72.82 -7.58
CA CYS D 111 4.86 -72.21 -8.38
C CYS D 111 5.52 -71.68 -9.66
N PRO D 112 5.94 -72.61 -10.53
CA PRO D 112 6.60 -72.31 -11.79
C PRO D 112 5.84 -71.34 -12.67
N ASP D 113 4.52 -71.29 -12.51
CA ASP D 113 3.69 -70.41 -13.31
C ASP D 113 3.43 -69.06 -12.66
N LEU D 114 4.21 -68.70 -11.65
CA LEU D 114 4.01 -67.42 -10.99
C LEU D 114 4.29 -66.26 -11.92
N CYS D 115 3.63 -65.13 -11.66
CA CYS D 115 3.82 -63.91 -12.43
C CYS D 115 4.30 -62.89 -11.39
N VAL D 116 4.99 -61.84 -11.84
CA VAL D 116 5.53 -60.85 -10.91
C VAL D 116 5.07 -59.42 -11.10
N VAL D 117 4.68 -58.78 -10.00
CA VAL D 117 4.28 -57.38 -10.02
C VAL D 117 5.37 -56.64 -9.25
N TRP D 118 6.19 -55.89 -9.98
CA TRP D 118 7.32 -55.16 -9.40
C TRP D 118 7.00 -53.66 -9.22
N VAL D 119 6.78 -53.24 -7.97
CA VAL D 119 6.47 -51.84 -7.68
C VAL D 119 7.77 -51.21 -7.19
N ASP D 120 8.31 -50.33 -8.01
CA ASP D 120 9.60 -49.73 -7.72
C ASP D 120 9.80 -48.45 -8.54
N ALA D 121 10.70 -47.58 -8.11
CA ALA D 121 10.99 -46.36 -8.87
C ALA D 121 12.01 -46.75 -9.95
N HIS D 122 12.68 -47.87 -9.73
CA HIS D 122 13.69 -48.38 -10.63
C HIS D 122 13.25 -49.73 -11.20
N ALA D 123 13.84 -50.15 -12.32
CA ALA D 123 13.49 -51.42 -12.95
C ALA D 123 14.36 -52.57 -12.48
N ASP D 124 15.44 -52.24 -11.78
CA ASP D 124 16.38 -53.23 -11.25
C ASP D 124 16.70 -54.31 -12.26
N ILE D 125 16.78 -53.94 -13.53
CA ILE D 125 17.08 -54.92 -14.58
C ILE D 125 18.45 -54.74 -15.28
N ASN D 126 19.42 -54.16 -14.58
CA ASN D 126 20.76 -54.00 -15.13
C ASN D 126 21.45 -55.36 -15.01
N THR D 127 22.34 -55.68 -15.94
CA THR D 127 23.07 -56.92 -15.88
C THR D 127 24.46 -56.56 -15.38
N PRO D 128 25.30 -57.55 -15.07
CA PRO D 128 26.65 -57.20 -14.59
C PRO D 128 27.43 -56.53 -15.72
N LEU D 129 26.87 -56.61 -16.93
CA LEU D 129 27.48 -56.07 -18.13
C LEU D 129 27.13 -54.59 -18.31
N THR D 130 25.92 -54.21 -17.90
CA THR D 130 25.44 -52.84 -18.07
C THR D 130 25.43 -51.94 -16.85
N THR D 131 25.63 -52.50 -15.65
CA THR D 131 25.64 -51.71 -14.43
C THR D 131 26.74 -50.63 -14.40
N SER D 132 26.45 -49.53 -13.71
CA SER D 132 27.43 -48.46 -13.57
C SER D 132 27.94 -48.42 -12.15
N SER D 133 27.12 -48.85 -11.21
CA SER D 133 27.49 -48.85 -9.81
C SER D 133 28.17 -50.14 -9.39
N GLY D 134 27.67 -51.26 -9.90
CA GLY D 134 28.23 -52.55 -9.55
C GLY D 134 27.45 -53.16 -8.39
N ASN D 135 26.54 -52.40 -7.81
CA ASN D 135 25.73 -52.93 -6.73
C ASN D 135 24.74 -53.93 -7.33
N LEU D 136 24.52 -55.05 -6.65
CA LEU D 136 23.64 -56.07 -7.18
C LEU D 136 22.14 -55.85 -6.96
N HIS D 137 21.77 -54.97 -6.04
CA HIS D 137 20.36 -54.72 -5.77
C HIS D 137 19.67 -53.99 -6.93
N GLY D 138 20.43 -53.69 -7.98
CA GLY D 138 19.86 -53.02 -9.13
C GLY D 138 19.93 -53.94 -10.33
N GLN D 139 20.18 -55.22 -10.06
CA GLN D 139 20.29 -56.25 -11.09
C GLN D 139 19.44 -57.52 -10.91
N PRO D 140 18.59 -57.59 -9.87
CA PRO D 140 17.73 -58.76 -9.59
C PRO D 140 17.03 -59.38 -10.80
N VAL D 141 16.16 -58.60 -11.43
CA VAL D 141 15.40 -59.06 -12.58
C VAL D 141 16.27 -59.66 -13.69
N SER D 142 17.54 -59.28 -13.77
CA SER D 142 18.43 -59.81 -14.80
C SER D 142 18.64 -61.30 -14.68
N PHE D 143 18.93 -61.73 -13.46
CA PHE D 143 19.18 -63.13 -13.23
C PHE D 143 17.93 -63.99 -13.25
N LEU D 144 16.75 -63.36 -13.27
CA LEU D 144 15.50 -64.08 -13.26
C LEU D 144 14.83 -64.28 -14.62
N LEU D 145 14.96 -63.32 -15.52
CA LEU D 145 14.33 -63.44 -16.84
C LEU D 145 15.08 -64.36 -17.77
N ARG D 146 14.33 -65.23 -18.46
CA ARG D 146 14.95 -66.19 -19.37
C ARG D 146 15.50 -65.58 -20.64
N GLU D 147 14.79 -64.58 -21.19
CA GLU D 147 15.24 -63.96 -22.42
C GLU D 147 16.56 -63.21 -22.26
N LEU D 148 16.92 -62.85 -21.03
CA LEU D 148 18.15 -62.12 -20.79
C LEU D 148 19.30 -63.08 -20.63
N GLN D 149 18.98 -64.30 -20.20
CA GLN D 149 19.95 -65.37 -20.01
C GLN D 149 21.36 -65.12 -20.48
N ASP D 150 21.53 -65.31 -21.78
CA ASP D 150 22.80 -65.17 -22.48
C ASP D 150 23.42 -63.78 -22.61
N LYS D 151 22.82 -62.79 -21.98
CA LYS D 151 23.34 -61.43 -22.00
C LYS D 151 23.70 -61.06 -20.56
N VAL D 152 23.74 -62.08 -19.71
CA VAL D 152 24.03 -61.90 -18.30
C VAL D 152 25.25 -62.72 -17.87
N PRO D 153 26.41 -62.07 -17.76
CA PRO D 153 27.66 -62.72 -17.35
C PRO D 153 27.45 -63.52 -16.08
N GLN D 154 28.08 -64.69 -15.97
CA GLN D 154 27.93 -65.47 -14.75
C GLN D 154 28.96 -65.04 -13.72
N LEU D 155 28.45 -64.72 -12.52
CA LEU D 155 29.30 -64.25 -11.42
C LEU D 155 29.63 -65.35 -10.42
N PRO D 156 30.56 -65.06 -9.51
CA PRO D 156 30.97 -66.03 -8.47
C PRO D 156 29.85 -66.19 -7.43
N GLY D 157 29.36 -67.42 -7.26
CA GLY D 157 28.31 -67.66 -6.29
C GLY D 157 26.93 -67.67 -6.90
N PHE D 158 26.84 -67.44 -8.20
CA PHE D 158 25.55 -67.41 -8.91
C PHE D 158 25.25 -68.65 -9.73
N SER D 159 26.11 -69.67 -9.60
CA SER D 159 25.93 -70.91 -10.33
C SER D 159 24.55 -71.53 -10.14
N TRP D 160 24.08 -71.56 -8.90
CA TRP D 160 22.79 -72.17 -8.59
C TRP D 160 21.60 -71.46 -9.25
N ILE D 161 21.73 -70.17 -9.49
CA ILE D 161 20.62 -69.43 -10.09
C ILE D 161 20.29 -69.84 -11.50
N LYS D 162 19.01 -70.14 -11.71
CA LYS D 162 18.50 -70.58 -13.00
C LYS D 162 17.29 -69.71 -13.38
N PRO D 163 17.37 -69.01 -14.50
CA PRO D 163 16.32 -68.13 -15.01
C PRO D 163 14.95 -68.81 -15.01
N CYS D 164 14.00 -68.28 -14.25
CA CYS D 164 12.67 -68.89 -14.18
C CYS D 164 11.56 -68.28 -15.04
N ILE D 165 11.04 -67.12 -14.64
CA ILE D 165 9.96 -66.50 -15.41
C ILE D 165 10.37 -65.91 -16.76
N SER D 166 9.39 -65.65 -17.61
CA SER D 166 9.66 -65.06 -18.91
C SER D 166 9.37 -63.56 -18.79
N SER D 167 9.90 -62.78 -19.73
CA SER D 167 9.70 -61.34 -19.72
C SER D 167 8.22 -60.95 -19.74
N ALA D 168 7.38 -61.83 -20.29
CA ALA D 168 5.97 -61.54 -20.40
C ALA D 168 5.25 -61.81 -19.08
N SER D 169 5.97 -62.30 -18.09
CA SER D 169 5.37 -62.61 -16.80
C SER D 169 5.67 -61.63 -15.68
N ILE D 170 6.17 -60.46 -16.02
CA ILE D 170 6.47 -59.45 -15.02
C ILE D 170 5.95 -58.09 -15.49
N VAL D 171 5.42 -57.32 -14.56
CA VAL D 171 4.90 -55.99 -14.85
C VAL D 171 5.43 -54.99 -13.84
N TYR D 172 5.89 -53.85 -14.35
CA TYR D 172 6.45 -52.81 -13.49
C TYR D 172 5.46 -51.68 -13.21
N ILE D 173 5.47 -51.20 -11.97
CA ILE D 173 4.62 -50.07 -11.60
C ILE D 173 5.42 -49.06 -10.79
N GLY D 174 5.40 -47.81 -11.22
CA GLY D 174 6.09 -46.75 -10.51
C GLY D 174 7.40 -46.22 -11.09
N LEU D 175 7.94 -46.88 -12.12
CA LEU D 175 9.21 -46.46 -12.74
C LEU D 175 9.29 -44.97 -13.02
N ARG D 176 10.43 -44.38 -12.66
CA ARG D 176 10.67 -42.95 -12.86
C ARG D 176 12.18 -42.65 -12.98
N ASP D 177 13.02 -43.65 -12.72
CA ASP D 177 14.46 -43.50 -12.83
C ASP D 177 15.09 -44.72 -13.50
N VAL D 178 15.02 -44.75 -14.82
CA VAL D 178 15.56 -45.82 -15.62
C VAL D 178 16.79 -45.53 -16.40
N ASP D 179 17.81 -46.37 -16.16
CA ASP D 179 19.13 -46.21 -16.88
C ASP D 179 18.94 -46.55 -18.37
N PRO D 180 19.71 -45.95 -19.27
CA PRO D 180 19.58 -46.22 -20.69
C PRO D 180 19.63 -47.71 -21.05
N PRO D 181 20.57 -48.46 -20.47
CA PRO D 181 20.65 -49.89 -20.80
C PRO D 181 19.35 -50.63 -20.43
N GLU D 182 18.78 -50.27 -19.29
CA GLU D 182 17.54 -50.88 -18.80
C GLU D 182 16.44 -50.54 -19.75
N HIS D 183 16.41 -49.31 -20.21
CA HIS D 183 15.37 -48.91 -21.13
C HIS D 183 15.52 -49.70 -22.44
N PHE D 184 16.76 -49.96 -22.85
CA PHE D 184 17.01 -50.71 -24.08
C PHE D 184 16.45 -52.11 -23.93
N ILE D 185 16.77 -52.77 -22.82
CA ILE D 185 16.29 -54.11 -22.62
C ILE D 185 14.78 -54.16 -22.37
N LEU D 186 14.22 -53.17 -21.69
CA LEU D 186 12.77 -53.18 -21.45
C LEU D 186 12.03 -53.12 -22.79
N LYS D 187 12.56 -52.31 -23.70
CA LYS D 187 11.97 -52.13 -25.04
C LYS D 187 12.26 -53.30 -25.99
N ASN D 188 13.44 -53.88 -25.86
CA ASN D 188 13.85 -54.99 -26.71
C ASN D 188 13.10 -56.31 -26.45
N TYR D 189 12.73 -56.56 -25.21
CA TYR D 189 12.02 -57.79 -24.87
C TYR D 189 10.55 -57.53 -24.56
N ASP D 190 10.09 -56.35 -24.96
CA ASP D 190 8.70 -55.95 -24.76
C ASP D 190 8.13 -56.08 -23.36
N ILE D 191 8.96 -55.89 -22.34
CA ILE D 191 8.48 -56.00 -20.99
C ILE D 191 7.51 -54.84 -20.69
N GLN D 192 6.41 -55.16 -20.05
CA GLN D 192 5.38 -54.18 -19.71
C GLN D 192 5.66 -53.39 -18.46
N TYR D 193 5.41 -52.09 -18.52
CA TYR D 193 5.63 -51.24 -17.36
C TYR D 193 4.73 -50.03 -17.39
N PHE D 194 4.49 -49.48 -16.22
CA PHE D 194 3.67 -48.29 -16.07
C PHE D 194 4.51 -47.32 -15.26
N SER D 195 5.07 -46.34 -15.97
CA SER D 195 5.92 -45.31 -15.37
C SER D 195 5.05 -44.30 -14.65
N MET D 196 5.67 -43.46 -13.82
CA MET D 196 4.91 -42.45 -13.10
C MET D 196 4.09 -41.63 -14.09
N ARG D 197 4.58 -41.52 -15.31
CA ARG D 197 3.84 -40.76 -16.30
C ARG D 197 2.59 -41.53 -16.77
N ASP D 198 2.75 -42.83 -16.97
CA ASP D 198 1.62 -43.66 -17.39
C ASP D 198 0.53 -43.56 -16.32
N ILE D 199 0.95 -43.61 -15.06
CA ILE D 199 0.00 -43.48 -13.94
C ILE D 199 -0.68 -42.13 -13.98
N ASP D 200 0.08 -41.08 -14.30
CA ASP D 200 -0.46 -39.72 -14.38
C ASP D 200 -1.50 -39.60 -15.49
N ARG D 201 -1.25 -40.28 -16.61
CA ARG D 201 -2.14 -40.23 -17.76
C ARG D 201 -3.32 -41.20 -17.70
N LEU D 202 -3.13 -42.35 -17.05
CA LEU D 202 -4.18 -43.38 -16.98
C LEU D 202 -4.99 -43.45 -15.68
N GLY D 203 -4.35 -43.11 -14.55
CA GLY D 203 -5.03 -43.18 -13.27
C GLY D 203 -4.62 -44.51 -12.68
N ILE D 204 -4.38 -44.56 -11.37
CA ILE D 204 -3.93 -45.81 -10.77
C ILE D 204 -4.88 -46.99 -10.97
N GLN D 205 -6.19 -46.75 -10.96
CA GLN D 205 -7.10 -47.87 -11.12
C GLN D 205 -7.04 -48.43 -12.54
N LYS D 206 -6.88 -47.56 -13.53
CA LYS D 206 -6.79 -48.03 -14.91
C LYS D 206 -5.49 -48.83 -15.06
N VAL D 207 -4.47 -48.45 -14.30
CA VAL D 207 -3.18 -49.16 -14.33
C VAL D 207 -3.34 -50.59 -13.80
N MET D 208 -4.05 -50.76 -12.70
CA MET D 208 -4.26 -52.09 -12.14
C MET D 208 -5.14 -52.95 -13.04
N GLU D 209 -6.11 -52.35 -13.73
CA GLU D 209 -6.97 -53.12 -14.62
C GLU D 209 -6.10 -53.80 -15.64
N ARG D 210 -5.15 -53.03 -16.17
CA ARG D 210 -4.25 -53.53 -17.20
C ARG D 210 -3.18 -54.50 -16.77
N THR D 211 -2.53 -54.29 -15.64
CA THR D 211 -1.51 -55.23 -15.26
C THR D 211 -2.12 -56.61 -15.04
N PHE D 212 -3.34 -56.65 -14.51
CA PHE D 212 -3.98 -57.94 -14.29
C PHE D 212 -4.47 -58.58 -15.59
N ASP D 213 -4.71 -57.78 -16.61
CA ASP D 213 -5.09 -58.28 -17.93
C ASP D 213 -3.89 -58.96 -18.53
N LEU D 214 -2.73 -58.32 -18.44
CA LEU D 214 -1.52 -58.92 -18.98
C LEU D 214 -1.22 -60.22 -18.24
N LEU D 215 -1.15 -60.13 -16.92
CA LEU D 215 -0.80 -61.27 -16.09
C LEU D 215 -1.78 -62.41 -15.84
N ILE D 216 -2.99 -62.08 -15.40
CA ILE D 216 -3.95 -63.14 -15.09
C ILE D 216 -5.24 -63.07 -15.89
N GLY D 217 -5.15 -62.50 -17.08
CA GLY D 217 -6.33 -62.39 -17.92
C GLY D 217 -6.85 -63.72 -18.43
N LYS D 218 -5.97 -64.56 -18.94
CA LYS D 218 -6.38 -65.85 -19.51
C LYS D 218 -6.49 -66.98 -18.48
N ARG D 219 -5.83 -66.84 -17.34
CA ARG D 219 -5.86 -67.89 -16.35
C ARG D 219 -5.41 -67.42 -14.97
N GLN D 220 -5.80 -68.17 -13.95
CA GLN D 220 -5.43 -67.84 -12.58
C GLN D 220 -4.01 -68.34 -12.35
N ARG D 221 -3.22 -67.55 -11.63
CA ARG D 221 -1.88 -67.98 -11.30
C ARG D 221 -1.28 -67.21 -10.13
N PRO D 222 -0.34 -67.83 -9.41
CA PRO D 222 0.32 -67.25 -8.25
C PRO D 222 0.96 -65.90 -8.56
N ILE D 223 0.74 -64.93 -7.68
CA ILE D 223 1.31 -63.62 -7.86
C ILE D 223 2.37 -63.34 -6.83
N HIS D 224 3.50 -62.84 -7.32
CA HIS D 224 4.62 -62.46 -6.47
C HIS D 224 4.68 -60.93 -6.52
N LEU D 225 4.46 -60.29 -5.37
CA LEU D 225 4.50 -58.85 -5.30
C LEU D 225 5.82 -58.39 -4.69
N SER D 226 6.72 -57.88 -5.52
CA SER D 226 7.98 -57.38 -5.02
C SER D 226 7.81 -55.86 -4.89
N PHE D 227 7.78 -55.38 -3.66
CA PHE D 227 7.55 -53.97 -3.38
C PHE D 227 8.75 -53.27 -2.77
N ASP D 228 9.31 -52.32 -3.52
CA ASP D 228 10.45 -51.51 -3.09
C ASP D 228 9.85 -50.25 -2.47
N ILE D 229 10.15 -49.99 -1.20
CA ILE D 229 9.58 -48.83 -0.53
C ILE D 229 9.84 -47.50 -1.27
N ASP D 230 10.92 -47.44 -2.07
CA ASP D 230 11.23 -46.21 -2.80
C ASP D 230 10.30 -45.93 -3.97
N ALA D 231 9.29 -46.78 -4.13
CA ALA D 231 8.30 -46.57 -5.18
C ALA D 231 7.42 -45.42 -4.68
N PHE D 232 7.42 -45.21 -3.38
CA PHE D 232 6.63 -44.13 -2.79
C PHE D 232 7.47 -42.86 -2.90
N ASP D 233 6.81 -41.72 -2.90
CA ASP D 233 7.51 -40.45 -2.97
C ASP D 233 8.34 -40.30 -1.69
N PRO D 234 9.58 -39.84 -1.82
CA PRO D 234 10.48 -39.66 -0.68
C PRO D 234 9.89 -38.96 0.54
N THR D 235 8.88 -38.11 0.33
CA THR D 235 8.28 -37.42 1.47
C THR D 235 7.49 -38.40 2.32
N LEU D 236 6.96 -39.43 1.67
CA LEU D 236 6.19 -40.48 2.36
C LEU D 236 7.09 -41.57 2.92
N ALA D 237 8.18 -41.86 2.22
CA ALA D 237 9.13 -42.91 2.63
C ALA D 237 10.58 -42.39 2.60
N PRO D 238 10.96 -41.60 3.59
CA PRO D 238 12.30 -41.02 3.71
C PRO D 238 13.43 -42.04 3.90
N ALA D 239 13.22 -42.96 4.82
CA ALA D 239 14.23 -43.95 5.16
C ALA D 239 14.54 -45.00 4.12
N THR D 240 15.19 -44.58 3.04
CA THR D 240 15.55 -45.53 2.00
C THR D 240 16.78 -45.07 1.24
N GLY D 241 17.55 -46.04 0.75
CA GLY D 241 18.79 -45.77 0.03
C GLY D 241 18.83 -44.96 -1.23
N THR D 242 17.78 -45.01 -2.04
CA THR D 242 17.78 -44.25 -3.30
C THR D 242 16.48 -43.53 -3.63
N PRO D 243 16.19 -42.44 -2.90
CA PRO D 243 14.97 -41.67 -3.11
C PRO D 243 14.89 -41.16 -4.53
N VAL D 244 13.69 -40.86 -5.00
CA VAL D 244 13.48 -40.31 -6.34
C VAL D 244 12.16 -39.56 -6.25
N VAL D 245 12.19 -38.25 -6.48
CA VAL D 245 11.00 -37.42 -6.39
C VAL D 245 9.92 -37.81 -7.40
N GLY D 246 8.70 -37.36 -7.15
CA GLY D 246 7.58 -37.64 -8.05
C GLY D 246 7.15 -39.10 -8.04
N GLY D 247 7.18 -39.73 -6.86
CA GLY D 247 6.78 -41.12 -6.75
C GLY D 247 5.33 -41.37 -6.44
N LEU D 248 5.04 -42.59 -6.02
CA LEU D 248 3.69 -42.99 -5.67
C LEU D 248 3.14 -42.25 -4.47
N THR D 249 1.85 -42.03 -4.51
CA THR D 249 1.14 -41.34 -3.47
C THR D 249 0.77 -42.40 -2.43
N TYR D 250 0.56 -42.01 -1.19
CA TYR D 250 0.20 -42.98 -0.15
C TYR D 250 -1.04 -43.74 -0.62
N ARG D 251 -2.04 -43.00 -1.07
CA ARG D 251 -3.27 -43.58 -1.56
C ARG D 251 -3.09 -44.57 -2.69
N GLU D 252 -2.36 -44.19 -3.71
CA GLU D 252 -2.10 -45.07 -4.86
C GLU D 252 -1.36 -46.33 -4.44
N GLY D 253 -0.46 -46.17 -3.46
CA GLY D 253 0.28 -47.31 -2.96
C GLY D 253 -0.67 -48.29 -2.35
N MET D 254 -1.58 -47.77 -1.53
CA MET D 254 -2.57 -48.59 -0.86
C MET D 254 -3.53 -49.17 -1.90
N TYR D 255 -3.85 -48.39 -2.92
CA TYR D 255 -4.74 -48.86 -3.97
C TYR D 255 -4.18 -50.09 -4.68
N ILE D 256 -2.88 -50.07 -4.97
CA ILE D 256 -2.22 -51.19 -5.64
C ILE D 256 -2.35 -52.43 -4.76
N ALA D 257 -1.98 -52.29 -3.49
CA ALA D 257 -2.06 -53.38 -2.53
C ALA D 257 -3.50 -53.92 -2.41
N GLU D 258 -4.47 -53.02 -2.29
CA GLU D 258 -5.86 -53.44 -2.15
C GLU D 258 -6.28 -54.27 -3.36
N GLU D 259 -5.93 -53.77 -4.54
CA GLU D 259 -6.27 -54.42 -5.78
C GLU D 259 -5.68 -55.83 -5.87
N ILE D 260 -4.43 -55.96 -5.47
CA ILE D 260 -3.77 -57.25 -5.48
C ILE D 260 -4.51 -58.19 -4.56
N HIS D 261 -4.80 -57.75 -3.34
CA HIS D 261 -5.57 -58.58 -2.41
C HIS D 261 -6.87 -59.05 -3.07
N ASN D 262 -7.54 -58.15 -3.78
CA ASN D 262 -8.80 -58.47 -4.46
C ASN D 262 -8.69 -59.57 -5.51
N THR D 263 -7.49 -59.89 -5.92
CA THR D 263 -7.31 -60.96 -6.91
C THR D 263 -7.41 -62.31 -6.22
N GLY D 264 -7.05 -62.33 -4.93
CA GLY D 264 -7.06 -63.55 -4.16
C GLY D 264 -5.95 -64.47 -4.62
N LEU D 265 -5.03 -63.95 -5.44
CA LEU D 265 -3.93 -64.77 -5.95
C LEU D 265 -2.53 -64.51 -5.37
N LEU D 266 -2.41 -63.66 -4.37
CA LEU D 266 -1.11 -63.37 -3.79
C LEU D 266 -0.45 -64.57 -3.09
N SER D 267 0.74 -64.97 -3.54
CA SER D 267 1.46 -66.10 -2.92
C SER D 267 2.59 -65.61 -2.05
N ALA D 268 3.35 -64.64 -2.57
CA ALA D 268 4.49 -64.11 -1.82
C ALA D 268 4.59 -62.59 -1.99
N LEU D 269 5.27 -61.95 -1.05
CA LEU D 269 5.44 -60.53 -1.08
C LEU D 269 6.77 -60.11 -0.49
N ASP D 270 7.44 -59.18 -1.15
CA ASP D 270 8.72 -58.65 -0.68
C ASP D 270 8.55 -57.17 -0.34
N LEU D 271 8.98 -56.78 0.84
CA LEU D 271 8.90 -55.39 1.26
C LEU D 271 10.37 -55.08 1.55
N VAL D 272 11.02 -54.43 0.59
CA VAL D 272 12.45 -54.13 0.71
C VAL D 272 12.90 -52.67 0.74
N GLU D 273 14.21 -52.51 0.99
CA GLU D 273 14.89 -51.22 0.99
C GLU D 273 14.54 -50.21 2.09
N VAL D 274 13.95 -50.67 3.17
CA VAL D 274 13.65 -49.75 4.26
C VAL D 274 14.95 -49.63 5.06
N ASN D 275 15.53 -48.44 5.10
CA ASN D 275 16.76 -48.20 5.83
C ASN D 275 16.57 -47.11 6.88
N PRO D 276 16.36 -47.50 8.15
CA PRO D 276 16.16 -46.55 9.25
C PRO D 276 17.25 -45.50 9.42
N GLN D 277 18.51 -45.94 9.41
CA GLN D 277 19.64 -45.03 9.59
C GLN D 277 19.68 -43.89 8.58
N LEU D 278 19.12 -44.11 7.40
CA LEU D 278 19.13 -43.05 6.40
C LEU D 278 18.07 -41.97 6.63
N ALA D 279 17.36 -42.06 7.76
CA ALA D 279 16.34 -41.07 8.09
C ALA D 279 16.94 -39.90 8.86
N THR D 280 16.42 -38.71 8.60
CA THR D 280 16.87 -37.49 9.27
C THR D 280 16.54 -37.49 10.76
N SER D 281 15.36 -37.97 11.11
CA SER D 281 14.94 -38.00 12.50
C SER D 281 14.26 -39.31 12.86
N GLU D 282 13.88 -39.42 14.13
CA GLU D 282 13.24 -40.62 14.63
C GLU D 282 11.86 -40.80 13.98
N GLU D 283 11.14 -39.68 13.80
CA GLU D 283 9.82 -39.71 13.21
C GLU D 283 9.83 -40.12 11.74
N GLU D 284 10.86 -39.72 11.00
CA GLU D 284 10.95 -40.06 9.59
C GLU D 284 11.14 -41.55 9.40
N ALA D 285 11.88 -42.16 10.33
CA ALA D 285 12.14 -43.59 10.27
C ALA D 285 10.86 -44.34 10.63
N LYS D 286 10.11 -43.80 11.59
CA LYS D 286 8.86 -44.44 11.99
C LYS D 286 7.83 -44.34 10.89
N THR D 287 7.84 -43.22 10.17
CA THR D 287 6.90 -42.99 9.08
C THR D 287 7.10 -44.01 7.98
N THR D 288 8.36 -44.29 7.65
CA THR D 288 8.65 -45.25 6.59
C THR D 288 8.26 -46.67 7.03
N ALA D 289 8.60 -47.03 8.26
CA ALA D 289 8.27 -48.36 8.75
C ALA D 289 6.74 -48.55 8.74
N ASN D 290 6.01 -47.56 9.22
CA ASN D 290 4.55 -47.67 9.26
C ASN D 290 3.96 -47.77 7.87
N LEU D 291 4.60 -47.14 6.90
CA LEU D 291 4.10 -47.19 5.54
C LEU D 291 4.30 -48.63 5.04
N ALA D 292 5.43 -49.22 5.40
CA ALA D 292 5.75 -50.58 5.00
C ALA D 292 4.69 -51.56 5.53
N VAL D 293 4.28 -51.40 6.77
CA VAL D 293 3.27 -52.27 7.38
C VAL D 293 1.93 -52.08 6.69
N ASP D 294 1.57 -50.82 6.42
CA ASP D 294 0.30 -50.55 5.75
C ASP D 294 0.23 -51.24 4.39
N VAL D 295 1.35 -51.26 3.67
CA VAL D 295 1.41 -51.92 2.37
C VAL D 295 1.18 -53.42 2.52
N ILE D 296 1.89 -54.03 3.46
CA ILE D 296 1.76 -55.45 3.70
C ILE D 296 0.37 -55.77 4.24
N ALA D 297 -0.09 -55.02 5.23
CA ALA D 297 -1.39 -55.25 5.81
C ALA D 297 -2.47 -55.11 4.75
N SER D 298 -2.33 -54.09 3.93
CA SER D 298 -3.29 -53.85 2.86
C SER D 298 -3.29 -54.95 1.81
N SER D 299 -2.12 -55.52 1.53
CA SER D 299 -2.01 -56.59 0.54
C SER D 299 -2.73 -57.85 1.00
N PHE D 300 -2.93 -57.95 2.31
CA PHE D 300 -3.57 -59.11 2.89
C PHE D 300 -4.98 -58.89 3.40
N GLY D 301 -5.64 -57.84 2.91
CA GLY D 301 -7.00 -57.59 3.34
C GLY D 301 -7.36 -56.28 4.01
N GLN D 302 -6.44 -55.64 4.74
CA GLN D 302 -6.77 -54.38 5.40
C GLN D 302 -7.49 -53.45 4.44
N THR D 303 -8.58 -52.85 4.90
CA THR D 303 -9.40 -51.96 4.08
C THR D 303 -9.52 -50.52 4.57
N ARG D 304 -9.80 -49.62 3.64
CA ARG D 304 -9.97 -48.21 3.98
C ARG D 304 -11.42 -47.88 4.28
N GLU D 305 -12.29 -48.88 4.14
CA GLU D 305 -13.71 -48.68 4.47
C GLU D 305 -14.27 -49.78 5.36
N GLY D 306 -13.41 -50.30 6.22
CA GLY D 306 -13.79 -51.34 7.17
C GLY D 306 -14.34 -52.68 6.69
N HIS E 1 -24.08 -12.60 1.68
CA HIS E 1 -25.05 -13.26 2.62
C HIS E 1 -24.55 -13.08 4.06
N SER E 2 -25.44 -13.32 5.03
CA SER E 2 -25.06 -13.18 6.44
C SER E 2 -24.63 -14.50 7.05
N VAL E 3 -23.60 -14.40 7.89
CA VAL E 3 -23.03 -15.57 8.55
C VAL E 3 -23.00 -15.38 10.07
N ALA E 4 -23.31 -16.45 10.80
CA ALA E 4 -23.28 -16.41 12.25
C ALA E 4 -22.17 -17.35 12.68
N VAL E 5 -21.48 -17.00 13.75
CA VAL E 5 -20.39 -17.81 14.25
C VAL E 5 -20.63 -18.16 15.71
N ILE E 6 -20.58 -19.45 16.03
CA ILE E 6 -20.81 -19.92 17.39
C ILE E 6 -19.63 -20.79 17.78
N GLY E 7 -19.05 -20.48 18.94
CA GLY E 7 -17.92 -21.28 19.42
C GLY E 7 -18.44 -22.27 20.43
N ALA E 8 -18.20 -23.55 20.19
CA ALA E 8 -18.65 -24.60 21.08
C ALA E 8 -17.46 -25.34 21.69
N PRO E 9 -16.89 -24.79 22.78
CA PRO E 9 -15.74 -25.37 23.49
C PRO E 9 -16.12 -26.63 24.25
N PHE E 10 -16.64 -27.64 23.56
CA PHE E 10 -17.04 -28.86 24.23
C PHE E 10 -16.02 -29.95 23.96
N SER E 11 -15.78 -30.82 24.93
CA SER E 11 -14.81 -31.89 24.74
C SER E 11 -15.24 -33.24 25.30
N GLN E 12 -16.40 -33.28 25.96
CA GLN E 12 -16.86 -34.52 26.56
C GLN E 12 -17.49 -35.56 25.63
N GLY E 13 -17.21 -35.46 24.34
CA GLY E 13 -17.72 -36.44 23.41
C GLY E 13 -16.57 -37.42 23.20
N GLN E 14 -15.46 -37.15 23.86
CA GLN E 14 -14.27 -37.98 23.77
C GLN E 14 -13.36 -37.74 24.98
N LYS E 15 -12.24 -38.44 25.06
CA LYS E 15 -11.37 -38.33 26.23
C LYS E 15 -10.16 -37.40 26.17
N ARG E 16 -9.73 -37.02 24.97
CA ARG E 16 -8.57 -36.14 24.84
C ARG E 16 -8.89 -34.73 25.30
N LYS E 17 -7.99 -34.16 26.09
CA LYS E 17 -8.18 -32.80 26.56
C LYS E 17 -7.56 -31.84 25.54
N GLY E 18 -8.27 -30.76 25.26
CA GLY E 18 -7.75 -29.78 24.32
C GLY E 18 -8.70 -29.35 23.22
N VAL E 19 -9.64 -30.21 22.83
CA VAL E 19 -10.58 -29.85 21.77
C VAL E 19 -11.46 -28.67 22.18
N GLU E 20 -11.52 -28.38 23.48
CA GLU E 20 -12.32 -27.27 23.97
C GLU E 20 -11.64 -25.94 23.63
N HIS E 21 -10.37 -26.00 23.22
CA HIS E 21 -9.62 -24.81 22.84
C HIS E 21 -9.69 -24.59 21.33
N GLY E 22 -10.26 -25.54 20.61
CA GLY E 22 -10.38 -25.41 19.17
C GLY E 22 -10.93 -24.08 18.75
N PRO E 23 -12.10 -23.66 19.30
CA PRO E 23 -12.70 -22.37 18.94
C PRO E 23 -11.72 -21.20 19.03
N ALA E 24 -11.01 -21.12 20.15
CA ALA E 24 -10.01 -20.06 20.35
C ALA E 24 -8.91 -20.12 19.30
N ALA E 25 -8.42 -21.33 19.01
CA ALA E 25 -7.37 -21.50 18.02
C ALA E 25 -7.82 -20.97 16.65
N ILE E 26 -8.99 -21.43 16.20
CA ILE E 26 -9.51 -21.00 14.91
C ILE E 26 -9.73 -19.49 14.89
N ARG E 27 -10.29 -18.95 15.97
CA ARG E 27 -10.56 -17.51 16.08
C ARG E 27 -9.26 -16.73 15.97
N GLU E 28 -8.25 -17.21 16.67
CA GLU E 28 -6.94 -16.58 16.69
C GLU E 28 -6.19 -16.71 15.36
N ALA E 29 -6.70 -17.56 14.48
CA ALA E 29 -6.10 -17.74 13.17
C ALA E 29 -6.71 -16.73 12.20
N GLY E 30 -7.54 -15.81 12.72
CA GLY E 30 -8.16 -14.78 11.89
C GLY E 30 -9.48 -15.07 11.20
N LEU E 31 -10.19 -16.10 11.65
CA LEU E 31 -11.46 -16.47 11.03
C LEU E 31 -12.39 -15.28 10.81
N MET E 32 -12.67 -14.55 11.88
CA MET E 32 -13.58 -13.44 11.80
C MET E 32 -13.28 -12.36 10.76
N LYS E 33 -12.10 -11.78 10.79
CA LYS E 33 -11.81 -10.73 9.83
C LYS E 33 -11.62 -11.31 8.43
N ARG E 34 -11.35 -12.61 8.38
CA ARG E 34 -11.18 -13.27 7.11
C ARG E 34 -12.56 -13.39 6.46
N LEU E 35 -13.61 -13.49 7.27
CA LEU E 35 -14.96 -13.61 6.73
C LEU E 35 -15.48 -12.27 6.21
N SER E 36 -15.26 -11.17 6.93
CA SER E 36 -15.74 -9.88 6.42
C SER E 36 -14.95 -9.54 5.17
N SER E 37 -13.68 -9.94 5.14
CA SER E 37 -12.84 -9.69 3.99
C SER E 37 -13.53 -10.15 2.70
N LEU E 38 -14.39 -11.15 2.81
CA LEU E 38 -15.13 -11.66 1.67
C LEU E 38 -16.35 -10.79 1.42
N GLY E 39 -16.87 -10.17 2.48
CA GLY E 39 -18.02 -9.31 2.34
C GLY E 39 -19.22 -9.78 3.12
N CYS E 40 -19.04 -10.86 3.88
CA CYS E 40 -20.11 -11.42 4.68
C CYS E 40 -20.51 -10.50 5.83
N HIS E 41 -21.79 -10.49 6.16
CA HIS E 41 -22.29 -9.70 7.28
C HIS E 41 -22.18 -10.66 8.46
N LEU E 42 -21.44 -10.28 9.49
CA LEU E 42 -21.23 -11.15 10.64
C LEU E 42 -21.99 -10.90 11.93
N LYS E 43 -22.32 -12.00 12.60
CA LYS E 43 -23.02 -11.99 13.88
C LYS E 43 -22.28 -13.03 14.72
N ASP E 44 -21.47 -12.59 15.65
CA ASP E 44 -20.72 -13.50 16.50
C ASP E 44 -21.52 -13.72 17.77
N PHE E 45 -21.91 -14.97 18.01
CA PHE E 45 -22.67 -15.31 19.23
C PHE E 45 -21.72 -15.59 20.39
N GLY E 46 -20.41 -15.46 20.12
CA GLY E 46 -19.42 -15.71 21.14
C GLY E 46 -19.18 -17.20 21.32
N ASP E 47 -18.46 -17.55 22.37
CA ASP E 47 -18.18 -18.94 22.68
C ASP E 47 -19.15 -19.37 23.77
N LEU E 48 -19.92 -20.41 23.50
CA LEU E 48 -20.90 -20.89 24.47
C LEU E 48 -20.24 -21.52 25.68
N SER E 49 -20.91 -21.47 26.81
CA SER E 49 -20.41 -22.08 28.03
C SER E 49 -21.46 -23.10 28.43
N PHE E 50 -21.14 -24.38 28.26
CA PHE E 50 -22.09 -25.42 28.56
C PHE E 50 -22.14 -25.82 30.04
N THR E 51 -23.35 -26.13 30.51
CA THR E 51 -23.58 -26.55 31.90
C THR E 51 -23.13 -28.00 32.12
N PRO E 52 -22.05 -28.19 32.90
CA PRO E 52 -21.52 -29.54 33.20
C PRO E 52 -22.53 -30.36 33.98
N VAL E 53 -22.37 -31.66 33.95
CA VAL E 53 -23.27 -32.54 34.68
C VAL E 53 -22.46 -33.39 35.64
N PRO E 54 -22.45 -33.03 36.94
CA PRO E 54 -21.70 -33.76 37.98
C PRO E 54 -22.20 -35.18 38.14
N LYS E 55 -21.26 -36.11 38.20
CA LYS E 55 -21.60 -37.52 38.35
C LYS E 55 -22.45 -37.94 37.15
N ASP E 56 -21.82 -37.96 35.99
CA ASP E 56 -22.46 -38.36 34.76
C ASP E 56 -21.62 -39.57 34.33
N ASP E 57 -21.98 -40.73 34.84
CA ASP E 57 -21.22 -41.93 34.55
C ASP E 57 -21.69 -42.80 33.43
N LEU E 58 -20.83 -43.77 33.14
CA LEU E 58 -21.04 -44.71 32.08
C LEU E 58 -22.42 -45.32 32.14
N TYR E 59 -23.04 -45.39 30.97
CA TYR E 59 -24.34 -46.00 30.83
C TYR E 59 -24.00 -47.42 30.41
N ASN E 60 -24.61 -48.40 31.08
CA ASN E 60 -24.33 -49.79 30.78
C ASN E 60 -22.85 -50.07 30.79
N ASN E 61 -22.10 -49.23 31.49
CA ASN E 61 -20.65 -49.36 31.65
C ASN E 61 -19.70 -49.03 30.49
N LEU E 62 -20.15 -48.33 29.46
CA LEU E 62 -19.23 -47.95 28.38
C LEU E 62 -19.51 -46.58 27.79
N ILE E 63 -20.78 -46.24 27.60
CA ILE E 63 -21.12 -44.93 27.04
C ILE E 63 -20.65 -43.88 28.03
N VAL E 64 -19.72 -43.04 27.61
CA VAL E 64 -19.15 -41.99 28.46
C VAL E 64 -19.91 -40.65 28.41
N ASN E 65 -19.94 -39.98 29.55
CA ASN E 65 -20.62 -38.69 29.73
C ASN E 65 -21.89 -38.50 28.93
N PRO E 66 -22.83 -39.46 29.00
CA PRO E 66 -24.09 -39.34 28.27
C PRO E 66 -24.85 -38.04 28.48
N ARG E 67 -25.28 -37.79 29.71
CA ARG E 67 -26.07 -36.59 29.99
C ARG E 67 -25.32 -35.28 29.91
N SER E 68 -24.01 -35.34 29.95
CA SER E 68 -23.19 -34.14 29.84
C SER E 68 -23.22 -33.76 28.35
N VAL E 69 -23.13 -34.76 27.49
CA VAL E 69 -23.16 -34.54 26.05
C VAL E 69 -24.57 -34.18 25.60
N GLY E 70 -25.58 -34.82 26.20
CA GLY E 70 -26.95 -34.53 25.82
C GLY E 70 -27.37 -33.12 26.19
N LEU E 71 -26.90 -32.62 27.33
CA LEU E 71 -27.26 -31.27 27.74
C LEU E 71 -26.53 -30.20 26.91
N ALA E 72 -25.24 -30.40 26.67
CA ALA E 72 -24.50 -29.44 25.86
C ALA E 72 -25.11 -29.30 24.47
N ASN E 73 -25.46 -30.42 23.86
CA ASN E 73 -26.05 -30.40 22.52
C ASN E 73 -27.43 -29.75 22.50
N GLN E 74 -28.19 -29.94 23.57
CA GLN E 74 -29.53 -29.38 23.68
C GLN E 74 -29.45 -27.85 23.73
N GLU E 75 -28.40 -27.36 24.38
CA GLU E 75 -28.19 -25.93 24.50
C GLU E 75 -27.73 -25.35 23.18
N LEU E 76 -26.75 -26.01 22.58
CA LEU E 76 -26.22 -25.60 21.28
C LEU E 76 -27.33 -25.60 20.24
N ALA E 77 -28.23 -26.57 20.34
CA ALA E 77 -29.34 -26.70 19.40
C ALA E 77 -30.23 -25.46 19.40
N GLU E 78 -30.44 -24.88 20.58
CA GLU E 78 -31.29 -23.70 20.67
C GLU E 78 -30.64 -22.47 20.07
N VAL E 79 -29.34 -22.34 20.27
CA VAL E 79 -28.61 -21.19 19.72
C VAL E 79 -28.55 -21.28 18.19
N VAL E 80 -28.30 -22.48 17.68
CA VAL E 80 -28.21 -22.68 16.24
C VAL E 80 -29.55 -22.44 15.55
N SER E 81 -30.64 -22.93 16.15
CA SER E 81 -31.94 -22.74 15.54
C SER E 81 -32.31 -21.26 15.55
N ARG E 82 -31.80 -20.56 16.56
CA ARG E 82 -32.05 -19.13 16.72
C ARG E 82 -31.39 -18.37 15.58
N ALA E 83 -30.14 -18.70 15.31
CA ALA E 83 -29.39 -18.05 14.25
C ALA E 83 -29.98 -18.39 12.88
N VAL E 84 -30.24 -19.68 12.63
CA VAL E 84 -30.81 -20.12 11.37
C VAL E 84 -32.17 -19.50 11.17
N SER E 85 -32.85 -19.24 12.27
CA SER E 85 -34.17 -18.64 12.24
C SER E 85 -34.11 -17.18 11.79
N ASP E 86 -33.07 -16.45 12.20
CA ASP E 86 -32.90 -15.05 11.80
C ASP E 86 -32.27 -14.93 10.43
N GLY E 87 -32.26 -16.03 9.68
CA GLY E 87 -31.69 -16.00 8.35
C GLY E 87 -30.20 -16.18 8.21
N TYR E 88 -29.48 -16.40 9.31
CA TYR E 88 -28.04 -16.56 9.23
C TYR E 88 -27.60 -17.96 8.80
N SER E 89 -26.41 -18.04 8.20
CA SER E 89 -25.82 -19.31 7.83
C SER E 89 -25.01 -19.60 9.06
N CYS E 90 -25.30 -20.69 9.75
CA CYS E 90 -24.61 -20.95 10.99
C CYS E 90 -23.29 -21.72 10.93
N VAL E 91 -22.25 -21.08 11.43
CA VAL E 91 -20.92 -21.66 11.48
C VAL E 91 -20.64 -22.02 12.93
N THR E 92 -20.47 -23.32 13.22
CA THR E 92 -20.20 -23.73 14.59
C THR E 92 -18.78 -24.25 14.68
N LEU E 93 -18.03 -23.73 15.63
CA LEU E 93 -16.66 -24.16 15.83
C LEU E 93 -16.63 -25.11 17.01
N GLY E 94 -16.15 -26.34 16.77
CA GLY E 94 -16.08 -27.34 17.84
C GLY E 94 -14.75 -27.39 18.57
N GLY E 95 -14.81 -27.79 19.85
CA GLY E 95 -14.69 -29.18 20.25
C GLY E 95 -14.96 -30.35 19.33
N ASP E 96 -15.23 -31.50 19.94
CA ASP E 96 -15.48 -32.77 19.26
C ASP E 96 -16.74 -32.87 18.42
N HIS E 97 -16.74 -33.85 17.52
CA HIS E 97 -17.86 -34.04 16.60
C HIS E 97 -19.21 -34.46 17.18
N SER E 98 -19.30 -34.64 18.49
CA SER E 98 -20.60 -35.01 19.05
C SER E 98 -21.50 -33.77 18.98
N LEU E 99 -20.89 -32.61 18.82
CA LEU E 99 -21.65 -31.37 18.72
C LEU E 99 -22.57 -31.37 17.49
N ALA E 100 -22.30 -32.27 16.56
CA ALA E 100 -23.10 -32.34 15.34
C ALA E 100 -24.53 -32.76 15.68
N ILE E 101 -24.70 -33.33 16.88
CA ILE E 101 -26.03 -33.74 17.32
C ILE E 101 -26.87 -32.48 17.48
N GLY E 102 -26.35 -31.53 18.25
CA GLY E 102 -27.05 -30.28 18.48
C GLY E 102 -27.20 -29.35 17.29
N THR E 103 -26.11 -29.13 16.55
CA THR E 103 -26.18 -28.23 15.40
C THR E 103 -27.13 -28.75 14.32
N ILE E 104 -27.12 -30.05 14.07
CA ILE E 104 -28.01 -30.58 13.06
C ILE E 104 -29.44 -30.64 13.58
N SER E 105 -29.61 -30.81 14.89
CA SER E 105 -30.95 -30.86 15.49
C SER E 105 -31.56 -29.46 15.52
N GLY E 106 -30.74 -28.47 15.85
CA GLY E 106 -31.22 -27.10 15.89
C GLY E 106 -31.49 -26.60 14.48
N HIS E 107 -30.63 -26.97 13.53
CA HIS E 107 -30.81 -26.55 12.15
C HIS E 107 -32.09 -27.18 11.59
N ALA E 108 -32.22 -28.48 11.74
CA ALA E 108 -33.38 -29.22 11.25
C ALA E 108 -34.66 -28.64 11.83
N ARG E 109 -34.54 -27.94 12.95
CA ARG E 109 -35.71 -27.36 13.59
C ARG E 109 -36.38 -26.34 12.67
N HIS E 110 -35.61 -25.69 11.80
CA HIS E 110 -36.18 -24.70 10.90
C HIS E 110 -36.13 -25.07 9.42
N CYS E 111 -35.28 -26.02 9.08
CA CYS E 111 -35.13 -26.47 7.70
C CYS E 111 -35.19 -27.99 7.69
N PRO E 112 -36.39 -28.54 7.90
CA PRO E 112 -36.68 -29.97 7.93
C PRO E 112 -36.16 -30.74 6.73
N ASP E 113 -36.13 -30.08 5.57
CA ASP E 113 -35.68 -30.73 4.34
C ASP E 113 -34.18 -30.65 4.09
N LEU E 114 -33.40 -30.21 5.07
CA LEU E 114 -31.96 -30.10 4.88
C LEU E 114 -31.30 -31.45 4.57
N CYS E 115 -30.19 -31.40 3.84
CA CYS E 115 -29.41 -32.57 3.52
C CYS E 115 -28.07 -32.36 4.20
N VAL E 116 -27.32 -33.43 4.40
CA VAL E 116 -26.02 -33.33 5.08
C VAL E 116 -24.83 -33.86 4.30
N VAL E 117 -23.75 -33.07 4.27
CA VAL E 117 -22.50 -33.48 3.61
C VAL E 117 -21.55 -33.67 4.78
N TRP E 118 -21.11 -34.91 4.97
CA TRP E 118 -20.22 -35.24 6.07
C TRP E 118 -18.81 -35.54 5.54
N VAL E 119 -17.88 -34.61 5.79
CA VAL E 119 -16.49 -34.72 5.36
C VAL E 119 -15.70 -35.15 6.59
N ASP E 120 -15.16 -36.37 6.56
CA ASP E 120 -14.51 -36.92 7.74
C ASP E 120 -13.72 -38.16 7.35
N ALA E 121 -12.75 -38.56 8.16
CA ALA E 121 -12.00 -39.77 7.89
C ALA E 121 -12.80 -40.95 8.44
N HIS E 122 -13.74 -40.65 9.35
CA HIS E 122 -14.58 -41.65 9.98
C HIS E 122 -16.04 -41.41 9.63
N ALA E 123 -16.90 -42.40 9.87
CA ALA E 123 -18.32 -42.29 9.56
C ALA E 123 -19.15 -41.84 10.75
N ASP E 124 -18.55 -41.89 11.93
CA ASP E 124 -19.22 -41.49 13.18
C ASP E 124 -20.67 -41.96 13.18
N ILE E 125 -20.88 -43.22 12.82
CA ILE E 125 -22.22 -43.76 12.79
C ILE E 125 -22.42 -44.98 13.70
N ASN E 126 -21.57 -45.12 14.70
CA ASN E 126 -21.72 -46.21 15.66
C ASN E 126 -22.90 -45.83 16.55
N THR E 127 -23.58 -46.82 17.12
CA THR E 127 -24.69 -46.55 18.03
C THR E 127 -24.21 -46.95 19.42
N PRO E 128 -24.90 -46.51 20.48
CA PRO E 128 -24.47 -46.89 21.84
C PRO E 128 -24.35 -48.41 21.93
N LEU E 129 -24.95 -49.05 20.94
CA LEU E 129 -25.03 -50.49 20.80
C LEU E 129 -23.80 -51.17 20.18
N THR E 130 -23.15 -50.50 19.22
CA THR E 130 -21.99 -51.06 18.52
C THR E 130 -20.63 -50.47 18.87
N THR E 131 -20.61 -49.33 19.55
CA THR E 131 -19.36 -48.68 19.90
C THR E 131 -18.42 -49.57 20.71
N SER E 132 -17.12 -49.36 20.52
CA SER E 132 -16.10 -50.11 21.25
C SER E 132 -15.49 -49.23 22.35
N SER E 133 -15.47 -47.92 22.10
CA SER E 133 -14.88 -46.97 23.03
C SER E 133 -15.86 -46.39 24.02
N GLY E 134 -17.06 -46.11 23.55
CA GLY E 134 -18.06 -45.51 24.42
C GLY E 134 -18.07 -44.01 24.22
N ASN E 135 -17.12 -43.51 23.44
CA ASN E 135 -16.97 -42.08 23.15
C ASN E 135 -18.05 -41.60 22.18
N LEU E 136 -18.88 -40.67 22.64
CA LEU E 136 -19.97 -40.17 21.84
C LEU E 136 -19.65 -39.42 20.54
N HIS E 137 -18.43 -38.93 20.37
CA HIS E 137 -18.12 -38.21 19.13
C HIS E 137 -18.03 -39.14 17.92
N GLY E 138 -18.13 -40.44 18.16
CA GLY E 138 -18.09 -41.40 17.05
C GLY E 138 -19.47 -41.97 16.78
N GLN E 139 -20.48 -41.38 17.41
CA GLN E 139 -21.86 -41.84 17.26
C GLN E 139 -22.88 -40.79 16.80
N PRO E 140 -22.45 -39.54 16.57
CA PRO E 140 -23.37 -38.47 16.14
C PRO E 140 -24.48 -38.85 15.18
N VAL E 141 -24.09 -39.37 14.02
CA VAL E 141 -25.03 -39.76 12.97
C VAL E 141 -26.12 -40.73 13.42
N SER E 142 -25.82 -41.61 14.36
CA SER E 142 -26.80 -42.56 14.88
C SER E 142 -28.08 -41.88 15.30
N PHE E 143 -27.93 -40.93 16.22
CA PHE E 143 -29.06 -40.20 16.77
C PHE E 143 -29.76 -39.26 15.81
N LEU E 144 -29.34 -39.22 14.56
CA LEU E 144 -29.97 -38.29 13.60
C LEU E 144 -30.71 -38.95 12.45
N LEU E 145 -30.32 -40.18 12.12
CA LEU E 145 -30.96 -40.93 11.04
C LEU E 145 -32.23 -41.62 11.51
N ARG E 146 -33.29 -41.46 10.74
CA ARG E 146 -34.57 -42.05 11.11
C ARG E 146 -34.69 -43.58 11.00
N GLU E 147 -34.05 -44.18 10.00
CA GLU E 147 -34.11 -45.64 9.83
C GLU E 147 -33.34 -46.39 10.91
N LEU E 148 -32.48 -45.71 11.65
CA LEU E 148 -31.69 -46.35 12.70
C LEU E 148 -32.27 -46.30 14.12
N GLN E 149 -33.18 -45.35 14.39
CA GLN E 149 -33.70 -45.21 15.75
C GLN E 149 -34.10 -46.50 16.46
N ASP E 150 -34.40 -47.53 15.71
CA ASP E 150 -34.79 -48.82 16.29
C ASP E 150 -33.61 -49.63 16.83
N LYS E 151 -32.41 -49.23 16.43
CA LYS E 151 -31.20 -49.91 16.87
C LYS E 151 -30.29 -48.93 17.57
N VAL E 152 -30.91 -47.91 18.14
CA VAL E 152 -30.20 -46.86 18.85
C VAL E 152 -30.74 -46.69 20.26
N PRO E 153 -30.17 -47.43 21.24
CA PRO E 153 -30.62 -47.31 22.62
C PRO E 153 -30.73 -45.84 23.00
N GLN E 154 -31.68 -45.52 23.86
CA GLN E 154 -31.84 -44.14 24.29
C GLN E 154 -30.99 -43.91 25.54
N LEU E 155 -30.17 -42.88 25.50
CA LEU E 155 -29.27 -42.56 26.60
C LEU E 155 -29.81 -41.47 27.49
N PRO E 156 -29.35 -41.42 28.74
CA PRO E 156 -29.80 -40.40 29.69
C PRO E 156 -29.44 -39.04 29.10
N GLY E 157 -30.39 -38.11 29.07
CA GLY E 157 -30.12 -36.78 28.54
C GLY E 157 -30.35 -36.63 27.05
N PHE E 158 -30.68 -37.74 26.38
CA PHE E 158 -30.93 -37.72 24.93
C PHE E 158 -32.42 -37.75 24.63
N SER E 159 -33.22 -37.55 25.66
CA SER E 159 -34.69 -37.54 25.54
C SER E 159 -35.14 -36.62 24.41
N TRP E 160 -34.70 -35.37 24.50
CA TRP E 160 -35.04 -34.32 23.56
C TRP E 160 -34.73 -34.55 22.09
N ILE E 161 -33.67 -35.29 21.80
CA ILE E 161 -33.31 -35.55 20.41
C ILE E 161 -34.39 -36.35 19.70
N LYS E 162 -34.75 -35.91 18.50
CA LYS E 162 -35.75 -36.63 17.70
C LYS E 162 -35.26 -36.83 16.27
N PRO E 163 -34.88 -38.07 15.91
CA PRO E 163 -34.39 -38.44 14.59
C PRO E 163 -35.12 -37.72 13.47
N CYS E 164 -34.38 -36.95 12.70
CA CYS E 164 -34.98 -36.16 11.64
C CYS E 164 -34.72 -36.61 10.21
N ILE E 165 -33.49 -36.44 9.74
CA ILE E 165 -33.15 -36.76 8.35
C ILE E 165 -33.15 -38.25 7.99
N SER E 166 -33.50 -38.52 6.73
CA SER E 166 -33.54 -39.86 6.21
C SER E 166 -32.15 -40.28 5.76
N SER E 167 -31.91 -41.59 5.71
CA SER E 167 -30.62 -42.12 5.32
C SER E 167 -30.20 -41.72 3.91
N ALA E 168 -31.14 -41.28 3.09
CA ALA E 168 -30.82 -40.86 1.73
C ALA E 168 -30.36 -39.39 1.66
N SER E 169 -30.55 -38.65 2.74
CA SER E 169 -30.18 -37.23 2.79
C SER E 169 -28.82 -36.90 3.41
N ILE E 170 -27.92 -37.87 3.44
CA ILE E 170 -26.58 -37.64 3.98
C ILE E 170 -25.56 -38.36 3.11
N VAL E 171 -24.47 -37.67 2.78
CA VAL E 171 -23.43 -38.25 1.96
C VAL E 171 -22.09 -38.03 2.65
N TYR E 172 -21.25 -39.05 2.63
CA TYR E 172 -19.94 -38.99 3.26
C TYR E 172 -18.84 -38.79 2.22
N ILE E 173 -17.78 -38.11 2.61
CA ILE E 173 -16.66 -37.87 1.74
C ILE E 173 -15.38 -37.94 2.54
N GLY E 174 -14.49 -38.83 2.15
CA GLY E 174 -13.21 -38.96 2.83
C GLY E 174 -13.03 -40.13 3.75
N LEU E 175 -14.05 -40.97 3.89
CA LEU E 175 -13.96 -42.13 4.77
C LEU E 175 -12.70 -42.95 4.48
N ARG E 176 -12.01 -43.35 5.53
CA ARG E 176 -10.81 -44.17 5.37
C ARG E 176 -10.50 -45.05 6.60
N ASP E 177 -11.37 -45.00 7.60
CA ASP E 177 -11.23 -45.79 8.82
C ASP E 177 -12.62 -46.08 9.41
N VAL E 178 -13.28 -47.10 8.87
CA VAL E 178 -14.62 -47.48 9.30
C VAL E 178 -14.65 -48.77 10.08
N ASP E 179 -15.35 -48.81 11.21
CA ASP E 179 -15.44 -50.05 11.98
C ASP E 179 -16.42 -51.01 11.28
N PRO E 180 -16.26 -52.33 11.49
CA PRO E 180 -17.16 -53.30 10.85
C PRO E 180 -18.66 -53.01 11.08
N PRO E 181 -19.06 -52.66 12.30
CA PRO E 181 -20.49 -52.38 12.53
C PRO E 181 -20.96 -51.20 11.69
N GLU E 182 -20.12 -50.17 11.60
CA GLU E 182 -20.45 -48.99 10.82
C GLU E 182 -20.65 -49.36 9.35
N HIS E 183 -19.79 -50.25 8.86
CA HIS E 183 -19.87 -50.68 7.48
C HIS E 183 -21.16 -51.45 7.24
N PHE E 184 -21.60 -52.22 8.25
CA PHE E 184 -22.85 -52.97 8.15
C PHE E 184 -24.02 -52.00 8.04
N ILE E 185 -23.98 -50.95 8.84
CA ILE E 185 -25.05 -49.94 8.82
C ILE E 185 -25.11 -49.16 7.51
N LEU E 186 -23.95 -48.80 6.98
CA LEU E 186 -23.94 -48.05 5.74
C LEU E 186 -24.50 -48.87 4.58
N LYS E 187 -24.12 -50.13 4.53
CA LYS E 187 -24.60 -51.02 3.47
C LYS E 187 -26.07 -51.38 3.63
N ASN E 188 -26.46 -51.74 4.84
CA ASN E 188 -27.83 -52.12 5.14
C ASN E 188 -28.85 -51.05 4.83
N TYR E 189 -28.52 -49.80 5.12
CA TYR E 189 -29.45 -48.70 4.86
C TYR E 189 -29.15 -47.93 3.60
N ASP E 190 -28.21 -48.43 2.81
CA ASP E 190 -27.84 -47.77 1.56
C ASP E 190 -27.40 -46.32 1.70
N ILE E 191 -26.64 -46.01 2.74
CA ILE E 191 -26.16 -44.65 2.93
C ILE E 191 -25.01 -44.44 1.92
N GLN E 192 -25.07 -43.33 1.18
CA GLN E 192 -24.07 -43.04 0.17
C GLN E 192 -22.80 -42.44 0.71
N TYR E 193 -21.67 -42.92 0.21
CA TYR E 193 -20.39 -42.43 0.66
C TYR E 193 -19.31 -42.57 -0.41
N PHE E 194 -18.27 -41.76 -0.26
CA PHE E 194 -17.13 -41.78 -1.16
C PHE E 194 -15.89 -41.82 -0.27
N SER E 195 -15.33 -43.02 -0.14
CA SER E 195 -14.14 -43.22 0.66
C SER E 195 -12.94 -42.67 -0.10
N MET E 196 -11.80 -42.60 0.57
CA MET E 196 -10.60 -42.11 -0.09
C MET E 196 -10.39 -42.97 -1.35
N ARG E 197 -10.74 -44.25 -1.26
CA ARG E 197 -10.59 -45.13 -2.40
C ARG E 197 -11.48 -44.70 -3.57
N ASP E 198 -12.69 -44.25 -3.26
CA ASP E 198 -13.58 -43.79 -4.31
C ASP E 198 -13.01 -42.52 -4.95
N ILE E 199 -12.40 -41.67 -4.12
CA ILE E 199 -11.79 -40.43 -4.58
C ILE E 199 -10.58 -40.75 -5.46
N ASP E 200 -9.87 -41.83 -5.13
CA ASP E 200 -8.70 -42.24 -5.93
C ASP E 200 -9.11 -42.72 -7.31
N ARG E 201 -10.36 -43.16 -7.45
CA ARG E 201 -10.83 -43.67 -8.72
C ARG E 201 -11.61 -42.69 -9.56
N LEU E 202 -12.44 -41.89 -8.91
CA LEU E 202 -13.28 -40.92 -9.60
C LEU E 202 -12.70 -39.52 -9.67
N GLY E 203 -11.93 -39.14 -8.66
CA GLY E 203 -11.38 -37.80 -8.63
C GLY E 203 -12.36 -36.93 -7.87
N ILE E 204 -11.84 -36.02 -7.06
CA ILE E 204 -12.69 -35.16 -6.25
C ILE E 204 -13.79 -34.44 -7.05
N GLN E 205 -13.50 -34.12 -8.30
CA GLN E 205 -14.49 -33.42 -9.11
C GLN E 205 -15.71 -34.28 -9.38
N LYS E 206 -15.46 -35.48 -9.87
CA LYS E 206 -16.52 -36.42 -10.16
C LYS E 206 -17.30 -36.78 -8.87
N VAL E 207 -16.59 -36.79 -7.74
CA VAL E 207 -17.20 -37.11 -6.46
C VAL E 207 -18.23 -36.06 -6.06
N MET E 208 -17.92 -34.79 -6.28
CA MET E 208 -18.85 -33.72 -5.93
C MET E 208 -20.06 -33.65 -6.88
N GLU E 209 -19.89 -34.05 -8.15
CA GLU E 209 -21.00 -34.03 -9.10
C GLU E 209 -22.06 -34.95 -8.51
N ARG E 210 -21.62 -36.17 -8.21
CA ARG E 210 -22.50 -37.17 -7.66
C ARG E 210 -23.12 -36.86 -6.32
N THR E 211 -22.34 -36.43 -5.33
CA THR E 211 -22.96 -36.14 -4.05
C THR E 211 -24.07 -35.10 -4.23
N PHE E 212 -23.88 -34.12 -5.13
CA PHE E 212 -24.92 -33.15 -5.33
C PHE E 212 -26.10 -33.74 -6.10
N ASP E 213 -25.81 -34.74 -6.94
CA ASP E 213 -26.87 -35.42 -7.66
C ASP E 213 -27.77 -36.12 -6.64
N LEU E 214 -27.13 -36.83 -5.70
CA LEU E 214 -27.87 -37.55 -4.68
C LEU E 214 -28.70 -36.61 -3.82
N LEU E 215 -28.08 -35.55 -3.31
CA LEU E 215 -28.75 -34.61 -2.42
C LEU E 215 -29.71 -33.58 -3.02
N ILE E 216 -29.25 -32.78 -3.97
CA ILE E 216 -30.09 -31.75 -4.55
C ILE E 216 -30.40 -31.94 -6.02
N GLY E 217 -30.33 -33.19 -6.47
CA GLY E 217 -30.62 -33.52 -7.85
C GLY E 217 -32.05 -33.20 -8.29
N LYS E 218 -33.05 -33.55 -7.47
CA LYS E 218 -34.43 -33.28 -7.87
C LYS E 218 -34.98 -31.95 -7.32
N ARG E 219 -34.29 -31.34 -6.38
CA ARG E 219 -34.77 -30.07 -5.83
C ARG E 219 -33.74 -29.36 -4.97
N GLN E 220 -33.89 -28.04 -4.87
CA GLN E 220 -32.99 -27.23 -4.07
C GLN E 220 -33.34 -27.46 -2.61
N ARG E 221 -32.34 -27.46 -1.75
CA ARG E 221 -32.61 -27.60 -0.33
C ARG E 221 -31.42 -27.24 0.54
N PRO E 222 -31.69 -26.82 1.78
CA PRO E 222 -30.63 -26.43 2.71
C PRO E 222 -29.54 -27.47 2.84
N ILE E 223 -28.29 -27.01 2.81
CA ILE E 223 -27.17 -27.93 2.93
C ILE E 223 -26.47 -27.70 4.26
N HIS E 224 -26.13 -28.80 4.92
CA HIS E 224 -25.44 -28.73 6.19
C HIS E 224 -24.10 -29.41 6.01
N LEU E 225 -23.02 -28.66 6.15
CA LEU E 225 -21.68 -29.22 5.98
C LEU E 225 -21.03 -29.45 7.33
N SER E 226 -20.85 -30.72 7.68
CA SER E 226 -20.19 -31.06 8.93
C SER E 226 -18.81 -31.51 8.48
N PHE E 227 -17.82 -30.66 8.74
CA PHE E 227 -16.45 -30.90 8.33
C PHE E 227 -15.54 -31.23 9.50
N ASP E 228 -15.01 -32.46 9.49
CA ASP E 228 -14.10 -32.91 10.54
C ASP E 228 -12.69 -32.66 10.01
N ILE E 229 -11.92 -31.86 10.75
CA ILE E 229 -10.57 -31.54 10.34
C ILE E 229 -9.70 -32.77 10.08
N ASP E 230 -10.02 -33.91 10.69
CA ASP E 230 -9.19 -35.10 10.44
C ASP E 230 -9.46 -35.70 9.07
N ALA E 231 -10.34 -35.06 8.31
CA ALA E 231 -10.62 -35.50 6.95
C ALA E 231 -9.38 -35.18 6.11
N PHE E 232 -8.60 -34.20 6.54
CA PHE E 232 -7.37 -33.82 5.84
C PHE E 232 -6.28 -34.76 6.28
N ASP E 233 -5.26 -34.95 5.44
CA ASP E 233 -4.15 -35.82 5.79
C ASP E 233 -3.49 -35.29 7.06
N PRO E 234 -3.00 -36.17 7.93
CA PRO E 234 -2.36 -35.71 9.16
C PRO E 234 -1.18 -34.75 8.94
N THR E 235 -0.58 -34.77 7.77
CA THR E 235 0.54 -33.86 7.53
C THR E 235 0.00 -32.44 7.37
N LEU E 236 -1.24 -32.31 6.88
CA LEU E 236 -1.86 -31.00 6.73
C LEU E 236 -2.58 -30.56 8.02
N ALA E 237 -3.09 -31.53 8.79
CA ALA E 237 -3.81 -31.21 10.01
C ALA E 237 -3.38 -32.10 11.18
N PRO E 238 -2.20 -31.83 11.75
CA PRO E 238 -1.61 -32.56 12.87
C PRO E 238 -2.39 -32.44 14.17
N ALA E 239 -2.84 -31.23 14.46
CA ALA E 239 -3.54 -30.95 15.69
C ALA E 239 -4.96 -31.52 15.76
N THR E 240 -5.07 -32.84 15.91
CA THR E 240 -6.37 -33.48 15.99
C THR E 240 -6.30 -34.82 16.73
N GLY E 241 -7.41 -35.18 17.36
CA GLY E 241 -7.49 -36.40 18.15
C GLY E 241 -7.26 -37.76 17.51
N THR E 242 -7.81 -37.98 16.32
CA THR E 242 -7.65 -39.27 15.67
C THR E 242 -7.18 -39.16 14.22
N PRO E 243 -5.88 -38.92 14.03
CA PRO E 243 -5.26 -38.80 12.72
C PRO E 243 -5.27 -40.12 11.96
N VAL E 244 -5.38 -40.06 10.64
CA VAL E 244 -5.39 -41.25 9.82
C VAL E 244 -4.76 -40.94 8.45
N VAL E 245 -3.55 -41.45 8.22
CA VAL E 245 -2.84 -41.20 6.98
C VAL E 245 -3.67 -41.55 5.76
N GLY E 246 -3.31 -40.94 4.62
CA GLY E 246 -4.01 -41.19 3.37
C GLY E 246 -5.24 -40.33 3.20
N GLY E 247 -5.21 -39.15 3.82
CA GLY E 247 -6.35 -38.25 3.75
C GLY E 247 -6.47 -37.31 2.57
N LEU E 248 -7.47 -36.44 2.67
CA LEU E 248 -7.70 -35.43 1.64
C LEU E 248 -6.49 -34.54 1.52
N THR E 249 -6.32 -34.02 0.31
CA THR E 249 -5.22 -33.14 -0.02
C THR E 249 -5.72 -31.72 0.28
N TYR E 250 -4.81 -30.75 0.41
CA TYR E 250 -5.23 -29.35 0.69
C TYR E 250 -6.13 -28.85 -0.42
N ARG E 251 -5.78 -29.20 -1.65
CA ARG E 251 -6.55 -28.79 -2.81
C ARG E 251 -7.93 -29.42 -2.82
N GLU E 252 -7.99 -30.73 -2.54
CA GLU E 252 -9.27 -31.42 -2.53
C GLU E 252 -10.15 -30.83 -1.46
N GLY E 253 -9.59 -30.57 -0.29
CA GLY E 253 -10.36 -29.99 0.78
C GLY E 253 -10.92 -28.66 0.32
N MET E 254 -10.09 -27.84 -0.30
CA MET E 254 -10.52 -26.54 -0.79
C MET E 254 -11.52 -26.69 -1.93
N TYR E 255 -11.36 -27.72 -2.74
CA TYR E 255 -12.27 -27.95 -3.85
C TYR E 255 -13.66 -28.29 -3.35
N ILE E 256 -13.76 -29.18 -2.35
CA ILE E 256 -15.05 -29.56 -1.79
C ILE E 256 -15.76 -28.32 -1.30
N ALA E 257 -15.08 -27.51 -0.51
CA ALA E 257 -15.64 -26.28 0.05
C ALA E 257 -16.08 -25.32 -1.05
N GLU E 258 -15.21 -25.10 -2.04
CA GLU E 258 -15.56 -24.20 -3.14
C GLU E 258 -16.82 -24.66 -3.83
N GLU E 259 -16.90 -25.95 -4.10
CA GLU E 259 -18.06 -26.53 -4.78
C GLU E 259 -19.37 -26.37 -3.99
N ILE E 260 -19.28 -26.50 -2.67
CA ILE E 260 -20.46 -26.35 -1.85
C ILE E 260 -20.94 -24.89 -1.92
N HIS E 261 -20.01 -23.96 -1.86
CA HIS E 261 -20.35 -22.54 -1.95
C HIS E 261 -21.03 -22.24 -3.29
N ASN E 262 -20.56 -22.87 -4.36
CA ASN E 262 -21.14 -22.63 -5.67
C ASN E 262 -22.60 -23.05 -5.77
N THR E 263 -23.05 -23.93 -4.89
CA THR E 263 -24.44 -24.38 -4.92
C THR E 263 -25.35 -23.26 -4.41
N GLY E 264 -24.78 -22.37 -3.59
CA GLY E 264 -25.54 -21.27 -3.01
C GLY E 264 -26.59 -21.73 -2.01
N LEU E 265 -26.46 -22.97 -1.53
CA LEU E 265 -27.41 -23.55 -0.59
C LEU E 265 -26.87 -23.83 0.83
N LEU E 266 -25.66 -23.38 1.14
CA LEU E 266 -25.11 -23.64 2.46
C LEU E 266 -25.90 -22.90 3.56
N SER E 267 -26.42 -23.64 4.54
CA SER E 267 -27.21 -23.07 5.64
C SER E 267 -26.51 -23.21 6.99
N ALA E 268 -25.64 -24.20 7.11
CA ALA E 268 -24.92 -24.41 8.36
C ALA E 268 -23.65 -25.20 8.09
N LEU E 269 -22.60 -24.89 8.84
CA LEU E 269 -21.32 -25.55 8.68
C LEU E 269 -20.70 -25.84 10.05
N ASP E 270 -20.10 -27.02 10.19
CA ASP E 270 -19.44 -27.40 11.44
C ASP E 270 -17.98 -27.64 11.13
N LEU E 271 -17.10 -27.08 11.95
CA LEU E 271 -15.67 -27.29 11.78
C LEU E 271 -15.27 -27.85 13.13
N VAL E 272 -14.98 -29.15 13.18
CA VAL E 272 -14.68 -29.77 14.45
C VAL E 272 -13.38 -30.56 14.61
N GLU E 273 -13.11 -30.95 15.85
CA GLU E 273 -11.96 -31.76 16.21
C GLU E 273 -10.57 -31.11 16.15
N VAL E 274 -10.51 -29.79 16.07
CA VAL E 274 -9.21 -29.12 16.06
C VAL E 274 -8.71 -29.07 17.49
N ASN E 275 -7.67 -29.83 17.80
CA ASN E 275 -7.13 -29.86 19.15
C ASN E 275 -5.71 -29.31 19.17
N PRO E 276 -5.55 -28.04 19.57
CA PRO E 276 -4.23 -27.42 19.63
C PRO E 276 -3.20 -28.17 20.48
N GLN E 277 -3.63 -28.67 21.64
CA GLN E 277 -2.72 -29.38 22.54
C GLN E 277 -2.08 -30.64 21.98
N LEU E 278 -2.72 -31.29 21.02
CA LEU E 278 -2.15 -32.50 20.44
C LEU E 278 -1.08 -32.23 19.39
N ALA E 279 -0.76 -30.95 19.17
CA ALA E 279 0.26 -30.57 18.20
C ALA E 279 1.65 -30.72 18.80
N THR E 280 2.59 -31.20 17.99
CA THR E 280 3.96 -31.38 18.45
C THR E 280 4.65 -30.05 18.70
N SER E 281 4.27 -29.04 17.93
CA SER E 281 4.86 -27.74 18.10
C SER E 281 3.84 -26.63 17.88
N GLU E 282 4.28 -25.40 18.14
CA GLU E 282 3.43 -24.23 17.98
C GLU E 282 2.99 -24.10 16.52
N GLU E 283 3.93 -24.35 15.60
CA GLU E 283 3.65 -24.25 14.17
C GLU E 283 2.61 -25.27 13.71
N GLU E 284 2.71 -26.51 14.20
CA GLU E 284 1.76 -27.53 13.80
C GLU E 284 0.35 -27.09 14.19
N ALA E 285 0.23 -26.56 15.40
CA ALA E 285 -1.06 -26.09 15.90
C ALA E 285 -1.57 -24.98 14.98
N LYS E 286 -0.70 -24.03 14.68
CA LYS E 286 -1.09 -22.92 13.82
C LYS E 286 -1.45 -23.40 12.42
N THR E 287 -0.73 -24.41 11.93
CA THR E 287 -1.03 -24.93 10.60
C THR E 287 -2.47 -25.43 10.52
N THR E 288 -2.86 -26.23 11.51
CA THR E 288 -4.21 -26.81 11.57
C THR E 288 -5.26 -25.71 11.66
N ALA E 289 -5.04 -24.76 12.57
CA ALA E 289 -5.98 -23.65 12.73
C ALA E 289 -6.17 -22.91 11.41
N ASN E 290 -5.08 -22.65 10.70
CA ASN E 290 -5.18 -21.92 9.44
C ASN E 290 -5.95 -22.76 8.43
N LEU E 291 -5.70 -24.06 8.44
CA LEU E 291 -6.36 -24.96 7.52
C LEU E 291 -7.86 -24.90 7.78
N ALA E 292 -8.23 -24.84 9.06
CA ALA E 292 -9.64 -24.76 9.42
C ALA E 292 -10.26 -23.51 8.83
N VAL E 293 -9.59 -22.38 9.04
CA VAL E 293 -10.06 -21.10 8.54
C VAL E 293 -10.26 -21.09 7.02
N ASP E 294 -9.31 -21.71 6.31
CA ASP E 294 -9.38 -21.76 4.86
C ASP E 294 -10.64 -22.49 4.40
N VAL E 295 -10.91 -23.64 5.02
CA VAL E 295 -12.10 -24.45 4.70
C VAL E 295 -13.36 -23.61 4.87
N ILE E 296 -13.48 -22.93 6.00
CA ILE E 296 -14.64 -22.09 6.28
C ILE E 296 -14.74 -20.91 5.30
N ALA E 297 -13.63 -20.20 5.13
CA ALA E 297 -13.59 -19.04 4.24
C ALA E 297 -13.95 -19.49 2.84
N SER E 298 -13.35 -20.59 2.42
CA SER E 298 -13.58 -21.14 1.09
C SER E 298 -15.02 -21.63 0.90
N SER E 299 -15.68 -22.00 1.99
CA SER E 299 -17.06 -22.48 1.93
C SER E 299 -18.00 -21.30 1.75
N PHE E 300 -17.51 -20.10 2.05
CA PHE E 300 -18.32 -18.90 1.93
C PHE E 300 -17.92 -17.95 0.81
N GLY E 301 -17.09 -18.42 -0.10
CA GLY E 301 -16.72 -17.57 -1.21
C GLY E 301 -15.25 -17.42 -1.55
N GLN E 302 -14.35 -17.68 -0.59
CA GLN E 302 -12.94 -17.50 -0.89
C GLN E 302 -12.58 -18.32 -2.11
N THR E 303 -11.76 -17.72 -2.97
CA THR E 303 -11.35 -18.35 -4.22
C THR E 303 -9.84 -18.41 -4.40
N ARG E 304 -9.39 -19.42 -5.13
CA ARG E 304 -7.97 -19.59 -5.39
C ARG E 304 -7.58 -18.79 -6.62
N GLU E 305 -8.56 -18.15 -7.20
CA GLU E 305 -8.37 -17.35 -8.39
C GLU E 305 -8.63 -15.88 -8.11
N GLY E 306 -9.18 -15.58 -6.94
CA GLY E 306 -9.48 -14.20 -6.56
C GLY E 306 -10.81 -13.65 -7.05
N HIS F 1 18.20 -30.64 -30.82
CA HIS F 1 18.19 -29.18 -31.10
C HIS F 1 19.30 -28.49 -30.32
N SER F 2 19.53 -27.21 -30.58
CA SER F 2 20.58 -26.47 -29.87
C SER F 2 19.98 -25.55 -28.80
N VAL F 3 20.61 -25.54 -27.64
CA VAL F 3 20.16 -24.76 -26.51
C VAL F 3 21.20 -23.76 -26.01
N ALA F 4 20.73 -22.58 -25.63
CA ALA F 4 21.59 -21.53 -25.09
C ALA F 4 21.17 -21.25 -23.66
N VAL F 5 22.14 -21.10 -22.77
CA VAL F 5 21.86 -20.84 -21.37
C VAL F 5 22.41 -19.45 -21.00
N ILE F 6 21.57 -18.66 -20.34
CA ILE F 6 21.99 -17.34 -19.91
C ILE F 6 21.65 -17.19 -18.44
N GLY F 7 22.67 -16.93 -17.63
CA GLY F 7 22.41 -16.74 -16.21
C GLY F 7 22.17 -15.25 -15.96
N ALA F 8 21.04 -14.92 -15.34
CA ALA F 8 20.71 -13.53 -15.02
C ALA F 8 20.61 -13.35 -13.50
N PRO F 9 21.75 -13.12 -12.84
CA PRO F 9 21.75 -12.95 -11.37
C PRO F 9 21.19 -11.59 -10.97
N PHE F 10 19.94 -11.32 -11.32
CA PHE F 10 19.32 -10.04 -10.99
C PHE F 10 18.30 -10.22 -9.88
N SER F 11 18.23 -9.26 -8.96
CA SER F 11 17.27 -9.36 -7.86
C SER F 11 16.55 -8.06 -7.53
N GLN F 12 16.79 -7.02 -8.30
CA GLN F 12 16.16 -5.75 -7.98
C GLN F 12 14.73 -5.56 -8.44
N GLY F 13 14.05 -6.68 -8.70
CA GLY F 13 12.65 -6.64 -9.09
C GLY F 13 11.84 -6.90 -7.85
N GLN F 14 12.55 -7.06 -6.75
CA GLN F 14 11.94 -7.31 -5.44
C GLN F 14 12.93 -6.97 -4.33
N LYS F 15 12.52 -7.13 -3.08
CA LYS F 15 13.38 -6.77 -1.96
C LYS F 15 14.20 -7.85 -1.27
N ARG F 16 13.77 -9.11 -1.37
CA ARG F 16 14.51 -10.17 -0.74
C ARG F 16 15.86 -10.38 -1.41
N LYS F 17 16.89 -10.56 -0.59
CA LYS F 17 18.22 -10.80 -1.12
C LYS F 17 18.36 -12.32 -1.25
N GLY F 18 19.04 -12.75 -2.32
CA GLY F 18 19.23 -14.17 -2.52
C GLY F 18 18.90 -14.67 -3.90
N VAL F 19 17.91 -14.09 -4.55
CA VAL F 19 17.52 -14.53 -5.89
C VAL F 19 18.68 -14.43 -6.88
N GLU F 20 19.62 -13.51 -6.64
CA GLU F 20 20.76 -13.36 -7.53
C GLU F 20 21.63 -14.61 -7.50
N HIS F 21 21.40 -15.47 -6.50
CA HIS F 21 22.15 -16.71 -6.37
C HIS F 21 21.43 -17.88 -7.00
N GLY F 22 20.30 -17.59 -7.63
CA GLY F 22 19.52 -18.62 -8.29
C GLY F 22 20.28 -19.33 -9.39
N PRO F 23 20.89 -18.59 -10.32
CA PRO F 23 21.65 -19.21 -11.41
C PRO F 23 22.70 -20.21 -10.91
N ALA F 24 23.56 -19.76 -10.01
CA ALA F 24 24.60 -20.62 -9.46
C ALA F 24 24.03 -21.90 -8.85
N ALA F 25 22.94 -21.77 -8.09
CA ALA F 25 22.31 -22.91 -7.46
C ALA F 25 21.88 -23.90 -8.52
N ILE F 26 21.14 -23.44 -9.52
CA ILE F 26 20.68 -24.30 -10.59
C ILE F 26 21.86 -24.92 -11.34
N ARG F 27 22.86 -24.12 -11.66
CA ARG F 27 24.02 -24.63 -12.37
C ARG F 27 24.71 -25.71 -11.53
N GLU F 28 24.89 -25.40 -10.24
CA GLU F 28 25.54 -26.32 -9.33
C GLU F 28 24.72 -27.57 -8.99
N ALA F 29 23.55 -27.67 -9.61
CA ALA F 29 22.68 -28.83 -9.42
C ALA F 29 22.73 -29.66 -10.72
N GLY F 30 23.80 -29.49 -11.48
CA GLY F 30 24.02 -30.23 -12.72
C GLY F 30 23.31 -29.85 -14.00
N LEU F 31 22.70 -28.67 -14.07
CA LEU F 31 21.98 -28.27 -15.29
C LEU F 31 22.67 -28.55 -16.60
N MET F 32 23.89 -28.05 -16.74
CA MET F 32 24.63 -28.19 -17.98
C MET F 32 24.92 -29.58 -18.52
N LYS F 33 25.50 -30.46 -17.71
CA LYS F 33 25.79 -31.80 -18.23
C LYS F 33 24.51 -32.60 -18.36
N ARG F 34 23.47 -32.16 -17.67
CA ARG F 34 22.18 -32.81 -17.72
C ARG F 34 21.59 -32.57 -19.10
N LEU F 35 21.84 -31.38 -19.64
CA LEU F 35 21.36 -31.02 -20.97
C LEU F 35 22.18 -31.69 -22.07
N SER F 36 23.47 -31.90 -21.83
CA SER F 36 24.31 -32.57 -22.83
C SER F 36 23.86 -34.01 -22.88
N SER F 37 23.75 -34.59 -21.68
CA SER F 37 23.30 -35.96 -21.52
C SER F 37 22.11 -36.23 -22.45
N LEU F 38 21.28 -35.21 -22.66
CA LEU F 38 20.12 -35.35 -23.53
C LEU F 38 20.51 -35.41 -25.00
N GLY F 39 21.62 -34.77 -25.35
CA GLY F 39 22.07 -34.77 -26.73
C GLY F 39 22.13 -33.38 -27.28
N CYS F 40 21.52 -32.44 -26.55
CA CYS F 40 21.47 -31.02 -26.94
C CYS F 40 22.84 -30.41 -27.17
N HIS F 41 22.91 -29.46 -28.11
CA HIS F 41 24.14 -28.76 -28.38
C HIS F 41 24.07 -27.48 -27.58
N LEU F 42 24.96 -27.33 -26.61
CA LEU F 42 24.97 -26.16 -25.74
C LEU F 42 25.90 -24.99 -26.07
N LYS F 43 25.43 -23.80 -25.70
CA LYS F 43 26.16 -22.56 -25.90
C LYS F 43 25.90 -21.73 -24.65
N ASP F 44 26.78 -21.86 -23.67
CA ASP F 44 26.64 -21.12 -22.42
C ASP F 44 27.10 -19.69 -22.63
N PHE F 45 26.23 -18.72 -22.33
CA PHE F 45 26.58 -17.31 -22.44
C PHE F 45 27.07 -16.84 -21.09
N GLY F 46 27.23 -17.77 -20.16
CA GLY F 46 27.68 -17.42 -18.83
C GLY F 46 26.65 -16.62 -18.06
N ASP F 47 27.06 -16.10 -16.91
CA ASP F 47 26.17 -15.31 -16.07
C ASP F 47 26.39 -13.80 -16.33
N LEU F 48 25.36 -13.14 -16.86
CA LEU F 48 25.45 -11.72 -17.16
C LEU F 48 25.71 -10.87 -15.93
N SER F 49 26.38 -9.75 -16.15
CA SER F 49 26.70 -8.80 -15.09
C SER F 49 26.01 -7.50 -15.51
N PHE F 50 24.91 -7.17 -14.85
CA PHE F 50 24.17 -5.97 -15.21
C PHE F 50 24.72 -4.72 -14.55
N THR F 51 24.70 -3.62 -15.31
CA THR F 51 25.19 -2.33 -14.83
C THR F 51 24.27 -1.70 -13.81
N PRO F 52 24.75 -1.56 -12.56
CA PRO F 52 23.97 -0.93 -11.47
C PRO F 52 23.59 0.51 -11.76
N VAL F 53 22.55 0.99 -11.08
CA VAL F 53 22.13 2.36 -11.24
C VAL F 53 22.10 2.96 -9.85
N PRO F 54 23.08 3.82 -9.56
CA PRO F 54 23.22 4.48 -8.26
C PRO F 54 22.09 5.51 -8.04
N LYS F 55 21.49 5.47 -6.86
CA LYS F 55 20.41 6.40 -6.52
C LYS F 55 19.18 6.18 -7.39
N ASP F 56 18.72 4.93 -7.42
CA ASP F 56 17.56 4.55 -8.20
C ASP F 56 16.45 4.29 -7.23
N ASP F 57 15.75 5.35 -6.84
CA ASP F 57 14.68 5.20 -5.89
C ASP F 57 13.31 5.10 -6.52
N LEU F 58 12.33 5.02 -5.63
CA LEU F 58 10.93 4.89 -5.97
C LEU F 58 10.40 5.97 -6.89
N TYR F 59 9.79 5.54 -7.99
CA TYR F 59 9.18 6.46 -8.94
C TYR F 59 7.79 6.64 -8.31
N ASN F 60 7.36 7.89 -8.16
CA ASN F 60 6.06 8.17 -7.55
C ASN F 60 5.95 7.59 -6.15
N ASN F 61 7.10 7.39 -5.51
CA ASN F 61 7.16 6.89 -4.14
C ASN F 61 6.77 5.45 -3.82
N LEU F 62 6.72 4.57 -4.82
CA LEU F 62 6.42 3.17 -4.54
C LEU F 62 7.17 2.23 -5.47
N ILE F 63 7.12 2.49 -6.77
CA ILE F 63 7.81 1.64 -7.74
C ILE F 63 9.30 1.53 -7.42
N VAL F 64 9.74 0.33 -7.06
CA VAL F 64 11.13 0.06 -6.66
C VAL F 64 12.16 -0.17 -7.78
N ASN F 65 13.34 0.40 -7.63
CA ASN F 65 14.44 0.28 -8.61
C ASN F 65 14.01 0.30 -10.08
N PRO F 66 13.19 1.28 -10.47
CA PRO F 66 12.73 1.34 -11.86
C PRO F 66 13.82 1.23 -12.90
N ARG F 67 14.66 2.26 -13.00
CA ARG F 67 15.72 2.29 -14.00
C ARG F 67 16.76 1.19 -13.88
N SER F 68 16.92 0.65 -12.67
CA SER F 68 17.87 -0.43 -12.46
C SER F 68 17.34 -1.69 -13.13
N VAL F 69 16.02 -1.88 -13.01
CA VAL F 69 15.33 -3.03 -13.60
C VAL F 69 15.21 -2.81 -15.11
N GLY F 70 14.97 -1.57 -15.50
CA GLY F 70 14.83 -1.24 -16.90
C GLY F 70 16.11 -1.47 -17.66
N LEU F 71 17.22 -1.06 -17.06
CA LEU F 71 18.52 -1.22 -17.71
C LEU F 71 18.93 -2.69 -17.78
N ALA F 72 18.80 -3.40 -16.68
CA ALA F 72 19.17 -4.82 -16.63
C ALA F 72 18.41 -5.58 -17.71
N ASN F 73 17.12 -5.30 -17.82
CA ASN F 73 16.30 -5.97 -18.82
C ASN F 73 16.69 -5.65 -20.25
N GLN F 74 17.01 -4.39 -20.52
CA GLN F 74 17.40 -4.01 -21.87
C GLN F 74 18.63 -4.80 -22.31
N GLU F 75 19.58 -4.97 -21.41
CA GLU F 75 20.81 -5.72 -21.70
C GLU F 75 20.52 -7.19 -21.95
N LEU F 76 19.71 -7.78 -21.08
CA LEU F 76 19.35 -9.18 -21.22
C LEU F 76 18.62 -9.37 -22.55
N ALA F 77 17.79 -8.39 -22.90
CA ALA F 77 17.00 -8.44 -24.13
C ALA F 77 17.87 -8.58 -25.36
N GLU F 78 19.05 -8.00 -25.32
CA GLU F 78 19.96 -8.09 -26.45
C GLU F 78 20.65 -9.43 -26.53
N VAL F 79 21.04 -9.96 -25.38
CA VAL F 79 21.73 -11.25 -25.35
C VAL F 79 20.76 -12.34 -25.81
N VAL F 80 19.51 -12.23 -25.40
CA VAL F 80 18.50 -13.21 -25.76
C VAL F 80 18.18 -13.16 -27.25
N SER F 81 17.91 -11.98 -27.78
CA SER F 81 17.60 -11.85 -29.21
C SER F 81 18.82 -12.26 -30.04
N ARG F 82 19.99 -12.25 -29.40
CA ARG F 82 21.21 -12.64 -30.08
C ARG F 82 21.18 -14.15 -30.24
N ALA F 83 20.92 -14.84 -29.14
CA ALA F 83 20.87 -16.31 -29.14
C ALA F 83 19.74 -16.83 -30.01
N VAL F 84 18.55 -16.29 -29.84
CA VAL F 84 17.39 -16.70 -30.64
C VAL F 84 17.69 -16.47 -32.10
N SER F 85 18.49 -15.45 -32.38
CA SER F 85 18.85 -15.12 -33.75
C SER F 85 19.71 -16.26 -34.36
N ASP F 86 20.72 -16.72 -33.63
CA ASP F 86 21.58 -17.79 -34.11
C ASP F 86 20.88 -19.15 -34.05
N GLY F 87 19.56 -19.13 -33.95
CA GLY F 87 18.78 -20.36 -33.89
C GLY F 87 18.73 -21.14 -32.59
N TYR F 88 19.30 -20.61 -31.52
CA TYR F 88 19.27 -21.30 -30.23
C TYR F 88 17.93 -21.18 -29.50
N SER F 89 17.61 -22.20 -28.69
CA SER F 89 16.41 -22.14 -27.87
C SER F 89 17.02 -21.55 -26.61
N CYS F 90 16.49 -20.40 -26.21
CA CYS F 90 17.05 -19.69 -25.08
C CYS F 90 16.52 -19.99 -23.69
N VAL F 91 17.41 -20.45 -22.81
CA VAL F 91 17.07 -20.78 -21.43
C VAL F 91 17.65 -19.73 -20.47
N THR F 92 16.81 -18.90 -19.86
CA THR F 92 17.31 -17.90 -18.91
C THR F 92 17.12 -18.34 -17.45
N LEU F 93 18.18 -18.31 -16.66
CA LEU F 93 18.10 -18.69 -15.27
C LEU F 93 18.01 -17.41 -14.46
N GLY F 94 16.92 -17.27 -13.72
CA GLY F 94 16.72 -16.07 -12.92
C GLY F 94 17.31 -16.09 -11.54
N GLY F 95 17.71 -14.91 -11.04
CA GLY F 95 16.86 -14.02 -10.28
C GLY F 95 15.35 -13.96 -10.45
N ASP F 96 14.79 -12.83 -10.00
CA ASP F 96 13.35 -12.58 -10.03
C ASP F 96 12.70 -12.51 -11.41
N HIS F 97 11.38 -12.67 -11.40
CA HIS F 97 10.59 -12.70 -12.61
C HIS F 97 10.49 -11.40 -13.42
N SER F 98 11.12 -10.32 -12.97
CA SER F 98 11.05 -9.07 -13.74
C SER F 98 11.87 -9.25 -15.02
N LEU F 99 12.79 -10.21 -14.98
CA LEU F 99 13.66 -10.51 -16.10
C LEU F 99 12.88 -10.97 -17.32
N ALA F 100 11.63 -11.33 -17.12
CA ALA F 100 10.81 -11.80 -18.22
C ALA F 100 10.54 -10.65 -19.18
N ILE F 101 10.67 -9.42 -18.67
CA ILE F 101 10.46 -8.22 -19.50
C ILE F 101 11.53 -8.28 -20.58
N GLY F 102 12.75 -8.60 -20.18
CA GLY F 102 13.85 -8.68 -21.12
C GLY F 102 13.78 -9.88 -22.02
N THR F 103 13.70 -11.07 -21.42
CA THR F 103 13.66 -12.31 -22.20
C THR F 103 12.54 -12.39 -23.24
N ILE F 104 11.35 -11.91 -22.90
CA ILE F 104 10.25 -11.95 -23.86
C ILE F 104 10.39 -10.85 -24.92
N SER F 105 10.98 -9.73 -24.54
CA SER F 105 11.19 -8.63 -25.47
C SER F 105 12.24 -9.04 -26.49
N GLY F 106 13.34 -9.58 -25.98
CA GLY F 106 14.40 -10.05 -26.85
C GLY F 106 13.91 -11.14 -27.77
N HIS F 107 13.14 -12.06 -27.23
CA HIS F 107 12.60 -13.18 -27.99
C HIS F 107 11.63 -12.67 -29.07
N ALA F 108 10.70 -11.81 -28.65
CA ALA F 108 9.72 -11.24 -29.57
C ALA F 108 10.40 -10.53 -30.72
N ARG F 109 11.56 -9.93 -30.43
CA ARG F 109 12.33 -9.19 -31.42
C ARG F 109 12.56 -10.01 -32.72
N HIS F 110 12.69 -11.32 -32.60
CA HIS F 110 12.90 -12.16 -33.79
C HIS F 110 11.66 -12.97 -34.13
N CYS F 111 10.95 -13.46 -33.11
CA CYS F 111 9.75 -14.27 -33.32
C CYS F 111 8.52 -13.49 -32.86
N PRO F 112 8.11 -12.47 -33.65
CA PRO F 112 6.96 -11.60 -33.38
C PRO F 112 5.66 -12.35 -33.09
N ASP F 113 5.54 -13.57 -33.62
CA ASP F 113 4.32 -14.34 -33.44
C ASP F 113 4.40 -15.33 -32.28
N LEU F 114 5.33 -15.11 -31.35
CA LEU F 114 5.47 -16.05 -30.24
C LEU F 114 4.25 -16.02 -29.33
N CYS F 115 4.02 -17.13 -28.63
CA CYS F 115 2.93 -17.21 -27.66
C CYS F 115 3.60 -17.51 -26.33
N VAL F 116 2.93 -17.18 -25.24
CA VAL F 116 3.50 -17.34 -23.90
C VAL F 116 2.72 -18.22 -22.94
N VAL F 117 3.40 -19.19 -22.34
CA VAL F 117 2.79 -20.05 -21.34
C VAL F 117 3.43 -19.62 -20.02
N TRP F 118 2.62 -19.02 -19.14
CA TRP F 118 3.07 -18.50 -17.85
C TRP F 118 2.68 -19.42 -16.67
N VAL F 119 3.62 -20.21 -16.19
CA VAL F 119 3.43 -21.14 -15.08
C VAL F 119 3.85 -20.43 -13.80
N ASP F 120 2.86 -20.02 -13.01
CA ASP F 120 3.15 -19.24 -11.83
C ASP F 120 1.99 -19.31 -10.83
N ALA F 121 2.27 -19.05 -9.55
CA ALA F 121 1.25 -19.03 -8.54
C ALA F 121 0.53 -17.69 -8.66
N HIS F 122 1.20 -16.71 -9.23
CA HIS F 122 0.67 -15.36 -9.38
C HIS F 122 0.58 -14.96 -10.85
N ALA F 123 -0.22 -13.94 -11.14
CA ALA F 123 -0.39 -13.47 -12.51
C ALA F 123 0.67 -12.44 -12.92
N ASP F 124 1.37 -11.87 -11.94
CA ASP F 124 2.42 -10.87 -12.20
C ASP F 124 1.94 -9.86 -13.23
N ILE F 125 0.68 -9.42 -13.12
CA ILE F 125 0.12 -8.49 -14.10
C ILE F 125 -0.35 -7.17 -13.50
N ASN F 126 0.21 -6.83 -12.34
CA ASN F 126 -0.11 -5.56 -11.68
C ASN F 126 0.57 -4.45 -12.49
N THR F 127 -0.07 -3.29 -12.63
CA THR F 127 0.57 -2.19 -13.36
C THR F 127 1.16 -1.26 -12.32
N PRO F 128 2.01 -0.31 -12.75
CA PRO F 128 2.61 0.63 -11.80
C PRO F 128 1.56 1.44 -11.03
N LEU F 129 0.34 1.48 -11.56
CA LEU F 129 -0.75 2.20 -10.91
C LEU F 129 -1.67 1.34 -10.07
N THR F 130 -1.44 0.03 -10.06
CA THR F 130 -2.26 -0.88 -9.27
C THR F 130 -1.46 -1.64 -8.21
N THR F 131 -0.15 -1.79 -8.40
CA THR F 131 0.67 -2.53 -7.43
C THR F 131 0.52 -1.98 -6.01
N SER F 132 0.88 -2.80 -5.03
CA SER F 132 0.78 -2.38 -3.65
C SER F 132 2.17 -2.38 -3.06
N SER F 133 2.98 -3.34 -3.48
CA SER F 133 4.35 -3.46 -3.00
C SER F 133 5.32 -2.57 -3.77
N GLY F 134 5.04 -2.37 -5.05
CA GLY F 134 5.91 -1.56 -5.87
C GLY F 134 7.02 -2.39 -6.48
N ASN F 135 7.13 -3.64 -6.04
CA ASN F 135 8.15 -4.55 -6.57
C ASN F 135 7.78 -4.85 -8.01
N LEU F 136 8.73 -4.71 -8.92
CA LEU F 136 8.48 -4.95 -10.32
C LEU F 136 8.34 -6.41 -10.78
N HIS F 137 8.73 -7.38 -9.95
CA HIS F 137 8.58 -8.76 -10.40
C HIS F 137 7.12 -9.21 -10.41
N GLY F 138 6.23 -8.34 -9.96
CA GLY F 138 4.81 -8.65 -9.97
C GLY F 138 4.07 -7.87 -11.05
N GLN F 139 4.84 -7.20 -11.90
CA GLN F 139 4.29 -6.40 -12.99
C GLN F 139 4.79 -6.73 -14.42
N PRO F 140 5.69 -7.73 -14.58
CA PRO F 140 6.20 -8.06 -15.91
C PRO F 140 5.22 -8.04 -17.05
N VAL F 141 4.14 -8.80 -16.90
CA VAL F 141 3.14 -8.91 -17.96
C VAL F 141 2.50 -7.57 -18.38
N SER F 142 2.47 -6.59 -17.48
CA SER F 142 1.90 -5.28 -17.79
C SER F 142 2.61 -4.56 -18.92
N PHE F 143 3.93 -4.57 -18.90
CA PHE F 143 4.71 -3.89 -19.92
C PHE F 143 4.80 -4.71 -21.20
N LEU F 144 4.24 -5.91 -21.20
CA LEU F 144 4.31 -6.77 -22.38
C LEU F 144 3.03 -6.87 -23.19
N LEU F 145 1.87 -6.80 -22.54
CA LEU F 145 0.62 -6.91 -23.29
C LEU F 145 0.26 -5.62 -24.01
N ARG F 146 -0.18 -5.74 -25.26
CA ARG F 146 -0.51 -4.56 -26.03
C ARG F 146 -1.80 -3.85 -25.59
N GLU F 147 -2.82 -4.60 -25.19
CA GLU F 147 -4.07 -3.96 -24.77
C GLU F 147 -3.97 -3.20 -23.45
N LEU F 148 -2.89 -3.39 -22.72
CA LEU F 148 -2.72 -2.72 -21.44
C LEU F 148 -1.95 -1.41 -21.45
N GLN F 149 -1.03 -1.27 -22.40
CA GLN F 149 -0.18 -0.08 -22.47
C GLN F 149 -0.84 1.26 -22.19
N ASP F 150 -2.15 1.33 -22.34
CA ASP F 150 -2.86 2.57 -22.10
C ASP F 150 -3.06 2.89 -20.63
N LYS F 151 -2.96 1.87 -19.78
CA LYS F 151 -3.16 2.05 -18.36
C LYS F 151 -1.87 1.72 -17.61
N VAL F 152 -0.78 1.69 -18.38
CA VAL F 152 0.54 1.38 -17.85
C VAL F 152 1.42 2.63 -17.93
N PRO F 153 1.63 3.32 -16.80
CA PRO F 153 2.46 4.53 -16.77
C PRO F 153 3.87 4.20 -17.26
N GLN F 154 4.53 5.14 -17.91
CA GLN F 154 5.88 4.87 -18.40
C GLN F 154 6.88 5.21 -17.29
N LEU F 155 7.68 4.23 -16.93
CA LEU F 155 8.67 4.38 -15.87
C LEU F 155 10.05 4.78 -16.37
N PRO F 156 10.90 5.26 -15.45
CA PRO F 156 12.26 5.66 -15.84
C PRO F 156 13.02 4.40 -16.20
N GLY F 157 13.70 4.40 -17.33
CA GLY F 157 14.46 3.24 -17.76
C GLY F 157 13.66 2.22 -18.56
N PHE F 158 12.41 2.52 -18.86
CA PHE F 158 11.57 1.60 -19.61
C PHE F 158 11.23 2.10 -21.02
N SER F 159 11.81 3.23 -21.41
CA SER F 159 11.57 3.84 -22.73
C SER F 159 11.61 2.82 -23.85
N TRP F 160 12.69 2.06 -23.88
CA TRP F 160 12.94 1.05 -24.90
C TRP F 160 11.87 -0.04 -25.05
N ILE F 161 11.29 -0.47 -23.94
CA ILE F 161 10.27 -1.52 -23.98
C ILE F 161 9.11 -1.12 -24.88
N LYS F 162 8.65 -2.06 -25.69
CA LYS F 162 7.55 -1.84 -26.62
C LYS F 162 6.58 -3.02 -26.60
N PRO F 163 5.36 -2.81 -26.06
CA PRO F 163 4.32 -3.86 -25.97
C PRO F 163 4.28 -4.69 -27.23
N CYS F 164 4.50 -5.99 -27.09
CA CYS F 164 4.53 -6.89 -28.24
C CYS F 164 3.34 -7.82 -28.43
N ILE F 165 3.24 -8.84 -27.58
CA ILE F 165 2.17 -9.82 -27.68
C ILE F 165 0.78 -9.33 -27.26
N SER F 166 -0.25 -9.94 -27.85
CA SER F 166 -1.64 -9.61 -27.56
C SER F 166 -2.14 -10.43 -26.37
N SER F 167 -3.22 -9.97 -25.76
CA SER F 167 -3.80 -10.63 -24.58
C SER F 167 -4.28 -12.06 -24.81
N ALA F 168 -4.49 -12.43 -26.07
CA ALA F 168 -4.96 -13.77 -26.37
C ALA F 168 -3.78 -14.71 -26.66
N SER F 169 -2.56 -14.16 -26.64
CA SER F 169 -1.40 -14.98 -26.94
C SER F 169 -0.62 -15.43 -25.70
N ILE F 170 -1.26 -15.30 -24.54
CA ILE F 170 -0.63 -15.72 -23.29
C ILE F 170 -1.61 -16.48 -22.40
N VAL F 171 -1.17 -17.63 -21.89
CA VAL F 171 -2.01 -18.46 -21.00
C VAL F 171 -1.32 -18.75 -19.67
N TYR F 172 -2.03 -18.54 -18.58
CA TYR F 172 -1.51 -18.78 -17.24
C TYR F 172 -1.85 -20.20 -16.75
N ILE F 173 -0.94 -20.78 -15.97
CA ILE F 173 -1.13 -22.11 -15.40
C ILE F 173 -0.63 -22.15 -13.95
N GLY F 174 -1.54 -22.44 -13.01
CA GLY F 174 -1.15 -22.53 -11.61
C GLY F 174 -1.56 -21.40 -10.68
N LEU F 175 -2.26 -20.40 -11.19
CA LEU F 175 -2.66 -19.27 -10.38
C LEU F 175 -3.38 -19.72 -9.11
N ARG F 176 -3.03 -19.10 -7.98
CA ARG F 176 -3.66 -19.42 -6.70
C ARG F 176 -3.50 -18.25 -5.72
N ASP F 177 -3.06 -17.09 -6.22
CA ASP F 177 -2.87 -15.88 -5.40
C ASP F 177 -2.92 -14.63 -6.29
N VAL F 178 -4.13 -14.18 -6.60
CA VAL F 178 -4.32 -13.03 -7.47
C VAL F 178 -4.91 -11.83 -6.72
N ASP F 179 -4.29 -10.67 -6.90
CA ASP F 179 -4.77 -9.43 -6.27
C ASP F 179 -6.03 -8.95 -7.00
N PRO F 180 -6.93 -8.25 -6.27
CA PRO F 180 -8.17 -7.75 -6.89
C PRO F 180 -7.97 -7.02 -8.23
N PRO F 181 -6.94 -6.15 -8.33
CA PRO F 181 -6.70 -5.43 -9.57
C PRO F 181 -6.32 -6.36 -10.70
N GLU F 182 -5.52 -7.37 -10.38
CA GLU F 182 -5.09 -8.33 -11.39
C GLU F 182 -6.31 -9.08 -11.92
N HIS F 183 -7.18 -9.50 -11.01
CA HIS F 183 -8.39 -10.23 -11.40
C HIS F 183 -9.22 -9.37 -12.34
N PHE F 184 -9.31 -8.08 -12.04
CA PHE F 184 -10.07 -7.16 -12.86
C PHE F 184 -9.50 -7.13 -14.27
N ILE F 185 -8.17 -7.05 -14.34
CA ILE F 185 -7.48 -7.00 -15.63
C ILE F 185 -7.69 -8.28 -16.43
N LEU F 186 -7.48 -9.42 -15.80
CA LEU F 186 -7.64 -10.69 -16.47
C LEU F 186 -9.03 -10.79 -17.07
N LYS F 187 -10.04 -10.54 -16.25
CA LYS F 187 -11.41 -10.62 -16.72
C LYS F 187 -11.70 -9.60 -17.79
N ASN F 188 -11.21 -8.39 -17.57
CA ASN F 188 -11.45 -7.31 -18.50
C ASN F 188 -10.87 -7.49 -19.90
N TYR F 189 -9.72 -8.17 -20.00
CA TYR F 189 -9.12 -8.39 -21.32
C TYR F 189 -9.22 -9.82 -21.79
N ASP F 190 -10.03 -10.60 -21.08
CA ASP F 190 -10.26 -12.01 -21.39
C ASP F 190 -8.99 -12.83 -21.48
N ILE F 191 -8.04 -12.56 -20.61
CA ILE F 191 -6.81 -13.31 -20.61
C ILE F 191 -7.10 -14.69 -20.02
N GLN F 192 -6.66 -15.73 -20.73
CA GLN F 192 -6.87 -17.11 -20.33
C GLN F 192 -5.95 -17.60 -19.24
N TYR F 193 -6.49 -18.40 -18.33
CA TYR F 193 -5.70 -18.93 -17.25
C TYR F 193 -6.34 -20.15 -16.62
N PHE F 194 -5.51 -21.02 -16.08
CA PHE F 194 -5.99 -22.21 -15.41
C PHE F 194 -5.45 -22.16 -13.99
N SER F 195 -6.30 -21.71 -13.07
CA SER F 195 -5.93 -21.61 -11.67
C SER F 195 -5.79 -23.02 -11.12
N MET F 196 -5.21 -23.13 -9.91
CA MET F 196 -5.05 -24.43 -9.28
C MET F 196 -6.44 -25.10 -9.22
N ARG F 197 -7.49 -24.30 -9.08
CA ARG F 197 -8.83 -24.86 -9.04
C ARG F 197 -9.20 -25.49 -10.38
N ASP F 198 -8.93 -24.78 -11.47
CA ASP F 198 -9.24 -25.32 -12.79
C ASP F 198 -8.47 -26.63 -13.00
N ILE F 199 -7.28 -26.73 -12.41
CA ILE F 199 -6.49 -27.95 -12.55
C ILE F 199 -7.12 -29.10 -11.76
N ASP F 200 -7.58 -28.81 -10.54
CA ASP F 200 -8.20 -29.83 -9.71
C ASP F 200 -9.42 -30.40 -10.41
N ARG F 201 -10.08 -29.55 -11.19
CA ARG F 201 -11.30 -29.93 -11.88
C ARG F 201 -11.13 -30.65 -13.22
N LEU F 202 -10.20 -30.19 -14.04
CA LEU F 202 -10.02 -30.77 -15.35
C LEU F 202 -8.87 -31.75 -15.48
N GLY F 203 -7.94 -31.66 -14.53
CA GLY F 203 -6.75 -32.52 -14.58
C GLY F 203 -5.68 -31.84 -15.41
N ILE F 204 -4.41 -31.96 -15.00
CA ILE F 204 -3.32 -31.33 -15.71
C ILE F 204 -3.24 -31.67 -17.21
N GLN F 205 -3.62 -32.89 -17.56
CA GLN F 205 -3.57 -33.35 -18.93
C GLN F 205 -4.54 -32.57 -19.81
N LYS F 206 -5.76 -32.40 -19.32
CA LYS F 206 -6.79 -31.67 -20.05
C LYS F 206 -6.42 -30.21 -20.13
N VAL F 207 -5.80 -29.69 -19.07
CA VAL F 207 -5.39 -28.29 -19.02
C VAL F 207 -4.46 -27.98 -20.19
N MET F 208 -3.46 -28.84 -20.41
CA MET F 208 -2.51 -28.66 -21.50
C MET F 208 -3.17 -28.76 -22.87
N GLU F 209 -4.13 -29.68 -23.03
CA GLU F 209 -4.82 -29.84 -24.31
C GLU F 209 -5.38 -28.48 -24.69
N ARG F 210 -6.01 -27.86 -23.69
CA ARG F 210 -6.64 -26.56 -23.84
C ARG F 210 -5.74 -25.37 -24.06
N THR F 211 -4.66 -25.23 -23.30
CA THR F 211 -3.80 -24.08 -23.50
C THR F 211 -3.23 -24.13 -24.92
N PHE F 212 -2.85 -25.33 -25.37
CA PHE F 212 -2.33 -25.48 -26.72
C PHE F 212 -3.40 -25.20 -27.76
N ASP F 213 -4.66 -25.42 -27.42
CA ASP F 213 -5.73 -25.11 -28.36
C ASP F 213 -5.80 -23.60 -28.50
N LEU F 214 -5.77 -22.90 -27.37
CA LEU F 214 -5.84 -21.45 -27.36
C LEU F 214 -4.65 -20.83 -28.10
N LEU F 215 -3.45 -21.36 -27.83
CA LEU F 215 -2.24 -20.81 -28.43
C LEU F 215 -1.82 -21.28 -29.81
N ILE F 216 -1.75 -22.58 -30.04
CA ILE F 216 -1.34 -23.09 -31.34
C ILE F 216 -2.40 -23.89 -32.07
N GLY F 217 -3.66 -23.58 -31.77
CA GLY F 217 -4.77 -24.27 -32.40
C GLY F 217 -4.88 -24.07 -33.90
N LYS F 218 -4.69 -22.84 -34.37
CA LYS F 218 -4.79 -22.57 -35.79
C LYS F 218 -3.46 -22.59 -36.53
N ARG F 219 -2.36 -22.48 -35.80
CA ARG F 219 -1.05 -22.48 -36.46
C ARG F 219 0.13 -22.73 -35.53
N GLN F 220 1.21 -23.24 -36.10
CA GLN F 220 2.41 -23.49 -35.33
C GLN F 220 3.00 -22.11 -35.06
N ARG F 221 3.65 -21.96 -33.92
CA ARG F 221 4.30 -20.72 -33.59
C ARG F 221 5.22 -20.89 -32.39
N PRO F 222 6.24 -20.02 -32.24
CA PRO F 222 7.19 -20.12 -31.13
C PRO F 222 6.56 -20.05 -29.75
N ILE F 223 7.03 -20.91 -28.87
CA ILE F 223 6.51 -20.96 -27.51
C ILE F 223 7.51 -20.42 -26.50
N HIS F 224 7.08 -19.46 -25.69
CA HIS F 224 7.93 -18.92 -24.65
C HIS F 224 7.38 -19.43 -23.34
N LEU F 225 8.15 -20.27 -22.65
CA LEU F 225 7.71 -20.81 -21.37
C LEU F 225 8.35 -20.06 -20.21
N SER F 226 7.56 -19.25 -19.52
CA SER F 226 8.07 -18.50 -18.38
C SER F 226 7.61 -19.28 -17.15
N PHE F 227 8.57 -19.95 -16.51
CA PHE F 227 8.28 -20.80 -15.37
C PHE F 227 8.78 -20.33 -14.00
N ASP F 228 7.87 -19.84 -13.18
CA ASP F 228 8.18 -19.35 -11.83
C ASP F 228 8.19 -20.59 -10.95
N ILE F 229 9.28 -20.81 -10.23
CA ILE F 229 9.38 -21.99 -9.39
C ILE F 229 8.34 -22.03 -8.28
N ASP F 230 7.75 -20.90 -7.92
CA ASP F 230 6.75 -20.91 -6.85
C ASP F 230 5.40 -21.48 -7.29
N ALA F 231 5.32 -21.95 -8.53
CA ALA F 231 4.11 -22.55 -9.06
C ALA F 231 4.03 -23.91 -8.40
N PHE F 232 5.18 -24.44 -8.01
CA PHE F 232 5.23 -25.72 -7.33
C PHE F 232 4.85 -25.45 -5.89
N ASP F 233 4.33 -26.48 -5.22
CA ASP F 233 3.95 -26.34 -3.83
C ASP F 233 5.19 -26.08 -2.97
N PRO F 234 5.07 -25.22 -1.96
CA PRO F 234 6.17 -24.87 -1.06
C PRO F 234 6.93 -26.09 -0.52
N THR F 235 6.26 -27.22 -0.40
CA THR F 235 6.90 -28.44 0.08
C THR F 235 7.87 -29.02 -0.96
N LEU F 236 7.66 -28.69 -2.23
CA LEU F 236 8.54 -29.17 -3.29
C LEU F 236 9.60 -28.13 -3.60
N ALA F 237 9.20 -26.85 -3.53
CA ALA F 237 10.09 -25.72 -3.82
C ALA F 237 10.10 -24.67 -2.70
N PRO F 238 10.72 -25.01 -1.56
CA PRO F 238 10.83 -24.11 -0.41
C PRO F 238 11.61 -22.83 -0.68
N ALA F 239 12.80 -22.98 -1.24
CA ALA F 239 13.69 -21.87 -1.52
C ALA F 239 13.17 -20.88 -2.53
N THR F 240 12.18 -20.09 -2.14
CA THR F 240 11.62 -19.09 -3.04
C THR F 240 11.04 -17.93 -2.23
N GLY F 241 10.94 -16.75 -2.85
CA GLY F 241 10.47 -15.57 -2.15
C GLY F 241 9.02 -15.43 -1.73
N THR F 242 8.11 -15.96 -2.54
CA THR F 242 6.72 -15.84 -2.19
C THR F 242 5.94 -17.16 -2.27
N PRO F 243 6.13 -18.02 -1.26
CA PRO F 243 5.50 -19.33 -1.08
C PRO F 243 3.97 -19.23 -0.99
N VAL F 244 3.27 -20.15 -1.66
CA VAL F 244 1.80 -20.17 -1.59
C VAL F 244 1.36 -21.64 -1.63
N VAL F 245 0.64 -22.06 -0.59
CA VAL F 245 0.23 -23.45 -0.48
C VAL F 245 -0.81 -23.92 -1.49
N GLY F 246 -0.82 -25.23 -1.70
CA GLY F 246 -1.76 -25.87 -2.61
C GLY F 246 -1.37 -25.65 -4.05
N GLY F 247 -0.08 -25.78 -4.32
CA GLY F 247 0.40 -25.56 -5.67
C GLY F 247 0.58 -26.81 -6.51
N LEU F 248 1.31 -26.65 -7.62
CA LEU F 248 1.56 -27.76 -8.51
C LEU F 248 2.29 -28.87 -7.82
N THR F 249 2.04 -30.07 -8.32
CA THR F 249 2.65 -31.28 -7.82
C THR F 249 3.91 -31.53 -8.68
N TYR F 250 4.91 -32.20 -8.12
CA TYR F 250 6.10 -32.46 -8.92
C TYR F 250 5.72 -33.15 -10.24
N ARG F 251 4.83 -34.13 -10.15
CA ARG F 251 4.38 -34.86 -11.33
C ARG F 251 3.66 -33.98 -12.35
N GLU F 252 2.86 -33.04 -11.84
CA GLU F 252 2.11 -32.12 -12.69
C GLU F 252 3.07 -31.17 -13.41
N GLY F 253 4.04 -30.64 -12.66
CA GLY F 253 5.02 -29.73 -13.23
C GLY F 253 5.79 -30.47 -14.31
N MET F 254 6.20 -31.70 -14.02
CA MET F 254 6.93 -32.48 -15.01
C MET F 254 6.02 -32.81 -16.19
N TYR F 255 4.72 -32.91 -15.95
CA TYR F 255 3.78 -33.21 -17.02
C TYR F 255 3.66 -32.02 -17.97
N ILE F 256 3.61 -30.81 -17.40
CA ILE F 256 3.53 -29.60 -18.18
C ILE F 256 4.76 -29.54 -19.09
N ALA F 257 5.93 -29.69 -18.48
CA ALA F 257 7.20 -29.66 -19.21
C ALA F 257 7.22 -30.66 -20.37
N GLU F 258 6.95 -31.93 -20.06
CA GLU F 258 6.95 -32.96 -21.07
C GLU F 258 6.02 -32.63 -22.22
N GLU F 259 4.85 -32.09 -21.89
CA GLU F 259 3.87 -31.75 -22.91
C GLU F 259 4.36 -30.64 -23.83
N ILE F 260 5.01 -29.62 -23.26
CA ILE F 260 5.55 -28.52 -24.05
C ILE F 260 6.64 -29.07 -24.96
N HIS F 261 7.47 -29.95 -24.43
CA HIS F 261 8.51 -30.56 -25.24
C HIS F 261 7.90 -31.32 -26.42
N ASN F 262 6.75 -31.92 -26.20
CA ASN F 262 6.12 -32.70 -27.26
C ASN F 262 5.63 -31.87 -28.42
N THR F 263 5.40 -30.58 -28.21
CA THR F 263 4.93 -29.70 -29.30
C THR F 263 6.08 -29.39 -30.28
N GLY F 264 7.32 -29.47 -29.78
CA GLY F 264 8.49 -29.18 -30.61
C GLY F 264 8.58 -27.69 -30.97
N LEU F 265 7.85 -26.84 -30.23
CA LEU F 265 7.82 -25.41 -30.50
C LEU F 265 8.44 -24.53 -29.42
N LEU F 266 9.21 -25.11 -28.51
CA LEU F 266 9.84 -24.32 -27.46
C LEU F 266 11.00 -23.50 -28.03
N SER F 267 10.95 -22.17 -27.88
CA SER F 267 12.01 -21.27 -28.37
C SER F 267 12.84 -20.70 -27.25
N ALA F 268 12.18 -20.36 -26.14
CA ALA F 268 12.87 -19.79 -24.99
C ALA F 268 12.16 -20.17 -23.70
N LEU F 269 12.94 -20.38 -22.65
CA LEU F 269 12.41 -20.76 -21.36
C LEU F 269 13.03 -19.97 -20.22
N ASP F 270 12.17 -19.53 -19.28
CA ASP F 270 12.61 -18.79 -18.11
C ASP F 270 12.37 -19.65 -16.88
N LEU F 271 13.39 -19.80 -16.04
CA LEU F 271 13.25 -20.55 -14.79
C LEU F 271 13.66 -19.55 -13.74
N VAL F 272 12.67 -18.91 -13.13
CA VAL F 272 12.97 -17.85 -12.16
C VAL F 272 12.56 -18.06 -10.72
N GLU F 273 12.93 -17.07 -9.90
CA GLU F 273 12.63 -17.00 -8.47
C GLU F 273 13.24 -18.04 -7.52
N VAL F 274 14.29 -18.73 -7.94
CA VAL F 274 14.91 -19.68 -7.03
C VAL F 274 15.79 -18.87 -6.11
N ASN F 275 15.52 -18.90 -4.81
CA ASN F 275 16.30 -18.16 -3.84
C ASN F 275 16.87 -19.10 -2.78
N PRO F 276 18.13 -19.52 -2.95
CA PRO F 276 18.77 -20.42 -1.99
C PRO F 276 18.81 -19.92 -0.55
N GLN F 277 19.03 -18.62 -0.38
CA GLN F 277 19.13 -18.04 0.97
C GLN F 277 17.85 -18.15 1.78
N LEU F 278 16.71 -18.34 1.12
CA LEU F 278 15.45 -18.46 1.84
C LEU F 278 15.21 -19.87 2.33
N ALA F 279 16.10 -20.79 1.96
CA ALA F 279 15.96 -22.17 2.40
C ALA F 279 16.28 -22.29 3.90
N THR F 280 15.52 -23.14 4.59
CA THR F 280 15.72 -23.36 6.01
C THR F 280 16.96 -24.21 6.23
N SER F 281 17.26 -25.09 5.27
CA SER F 281 18.43 -25.94 5.37
C SER F 281 19.14 -26.09 4.05
N GLU F 282 20.28 -26.78 4.08
CA GLU F 282 21.08 -27.02 2.88
C GLU F 282 20.29 -27.88 1.92
N GLU F 283 19.64 -28.92 2.47
CA GLU F 283 18.84 -29.81 1.66
C GLU F 283 17.65 -29.13 1.00
N GLU F 284 16.95 -28.26 1.73
CA GLU F 284 15.81 -27.56 1.15
C GLU F 284 16.25 -26.76 -0.09
N ALA F 285 17.43 -26.17 0.00
CA ALA F 285 17.97 -25.39 -1.10
C ALA F 285 18.26 -26.34 -2.24
N LYS F 286 18.93 -27.45 -1.94
CA LYS F 286 19.27 -28.41 -2.95
C LYS F 286 18.05 -29.01 -3.63
N THR F 287 16.98 -29.21 -2.86
CA THR F 287 15.76 -29.76 -3.41
C THR F 287 15.19 -28.84 -4.46
N THR F 288 15.14 -27.55 -4.13
CA THR F 288 14.59 -26.57 -5.05
C THR F 288 15.46 -26.45 -6.29
N ALA F 289 16.77 -26.50 -6.10
CA ALA F 289 17.69 -26.41 -7.22
C ALA F 289 17.45 -27.58 -8.15
N ASN F 290 17.41 -28.79 -7.59
CA ASN F 290 17.18 -29.97 -8.43
C ASN F 290 15.85 -29.92 -9.15
N LEU F 291 14.83 -29.40 -8.48
CA LEU F 291 13.52 -29.30 -9.11
C LEU F 291 13.63 -28.37 -10.33
N ALA F 292 14.35 -27.27 -10.17
CA ALA F 292 14.52 -26.32 -11.28
C ALA F 292 15.16 -27.01 -12.49
N VAL F 293 16.22 -27.78 -12.25
CA VAL F 293 16.91 -28.52 -13.31
C VAL F 293 16.00 -29.52 -14.02
N ASP F 294 15.22 -30.25 -13.23
CA ASP F 294 14.31 -31.26 -13.78
C ASP F 294 13.36 -30.59 -14.74
N VAL F 295 12.77 -29.47 -14.32
CA VAL F 295 11.83 -28.76 -15.18
C VAL F 295 12.49 -28.39 -16.50
N ILE F 296 13.73 -27.91 -16.44
CA ILE F 296 14.43 -27.51 -17.66
C ILE F 296 14.79 -28.73 -18.49
N ALA F 297 15.35 -29.75 -17.85
CA ALA F 297 15.73 -30.98 -18.53
C ALA F 297 14.51 -31.56 -19.23
N SER F 298 13.44 -31.68 -18.47
CA SER F 298 12.21 -32.23 -18.99
C SER F 298 11.66 -31.41 -20.16
N SER F 299 11.74 -30.09 -20.07
CA SER F 299 11.24 -29.23 -21.15
C SER F 299 12.03 -29.46 -22.45
N PHE F 300 13.19 -30.10 -22.35
CA PHE F 300 14.01 -30.37 -23.54
C PHE F 300 14.20 -31.83 -23.92
N GLY F 301 13.32 -32.71 -23.42
CA GLY F 301 13.43 -34.10 -23.78
C GLY F 301 13.55 -35.13 -22.67
N GLN F 302 13.94 -34.74 -21.47
CA GLN F 302 14.05 -35.73 -20.42
C GLN F 302 12.70 -36.40 -20.15
N THR F 303 12.75 -37.73 -20.04
CA THR F 303 11.57 -38.56 -19.83
C THR F 303 11.56 -39.35 -18.53
N ARG F 304 10.39 -39.60 -17.97
CA ARG F 304 10.26 -40.39 -16.74
C ARG F 304 10.11 -41.85 -17.15
N GLU F 305 10.17 -42.08 -18.46
CA GLU F 305 10.03 -43.40 -19.07
C GLU F 305 11.33 -43.84 -19.73
N GLY F 306 12.32 -42.95 -19.84
CA GLY F 306 13.59 -43.32 -20.48
C GLY F 306 13.69 -43.00 -21.98
S SO4 G . -18.89 43.22 -5.52
O1 SO4 G . -17.70 42.69 -4.84
O2 SO4 G . -19.54 41.98 -5.94
O3 SO4 G . -18.65 43.88 -6.79
O4 SO4 G . -19.85 44.02 -4.72
S SO4 H . -15.30 49.18 -10.86
O1 SO4 H . -15.39 48.88 -9.43
O2 SO4 H . -15.39 47.85 -11.45
O3 SO4 H . -13.99 49.63 -11.35
O4 SO4 H . -16.35 50.06 -11.47
S SO4 I . -21.26 65.33 34.55
O1 SO4 I . -21.71 66.52 35.28
O2 SO4 I . -21.72 64.26 35.47
O3 SO4 I . -19.81 65.11 34.53
O4 SO4 I . -21.83 65.06 33.22
S SO4 J . -18.16 68.92 29.58
O1 SO4 J . -18.97 70.10 29.79
O2 SO4 J . -18.60 68.07 30.72
O3 SO4 J . -16.73 69.07 29.86
O4 SO4 J . -18.34 68.15 28.33
MN MN K . -9.60 51.42 14.92
MN MN L . -9.60 48.18 14.33
CL CL M . 17.23 51.43 18.54
OXT S2C N . -17.42 47.38 19.99
N S2C N . -17.78 47.57 16.58
CA S2C N . -16.83 47.58 17.70
C S2C N . -17.48 48.21 18.94
O S2C N . -17.97 49.31 18.99
CB S2C N . -15.65 48.37 17.21
SG S2C N . -14.14 47.74 17.90
CD S2C N . -13.16 49.16 17.49
CE S2C N . -11.72 48.96 17.92
B S2C N . -10.69 49.53 16.93
O1 S2C N . -11.21 49.58 15.58
O2 S2C N . -10.25 50.86 17.28
O3 S2C N . -9.52 48.68 16.91
S SO4 O . 22.52 39.56 -25.12
O1 SO4 O . 23.20 40.86 -25.22
O2 SO4 O . 22.18 39.54 -23.68
O3 SO4 O . 23.40 38.38 -25.23
O4 SO4 O . 21.27 39.33 -25.90
MN MN P . 21.98 35.96 -1.89
MN MN Q . 19.72 37.18 0.16
OXT S2C R . 26.29 43.28 3.76
N S2C R . 24.00 44.36 1.43
CA S2C R . 24.50 43.21 2.20
C S2C R . 26.01 43.35 2.44
O S2C R . 26.84 43.48 1.59
CB S2C R . 24.17 42.00 1.37
SG S2C R . 23.78 40.60 2.41
CD S2C R . 23.93 39.40 1.11
CE S2C R . 23.62 38.01 1.64
B S2C R . 22.84 37.13 0.66
O1 S2C R . 22.06 37.92 -0.26
O2 S2C R . 23.70 36.26 -0.12
O3 S2C R . 21.93 36.27 1.39
S SO4 S . -0.33 24.77 -17.03
O1 SO4 S . -1.02 25.93 -16.50
O2 SO4 S . -0.92 23.68 -16.20
O3 SO4 S . 1.09 24.64 -16.69
O4 SO4 S . -0.51 24.40 -18.46
S SO4 T . -25.02 -5.21 0.89
O1 SO4 T . -25.77 -6.17 0.08
O2 SO4 T . -24.28 -6.11 1.79
O3 SO4 T . -25.82 -4.40 1.83
O4 SO4 T . -24.04 -4.34 0.22
MN MN U . -8.76 16.88 1.68
MN MN V . -11.72 15.58 1.08
CL CL W . -32.13 28.60 -17.28
OXT S2C X . -5.12 7.93 1.39
N S2C X . -4.96 9.97 -1.37
CA S2C X . -5.43 9.84 0.02
C S2C X . -5.79 8.38 0.32
O S2C X . -6.58 7.72 -0.30
CB S2C X . -6.62 10.75 0.11
SG S2C X . -6.73 11.48 1.74
CD S2C X . -8.41 12.02 1.55
CE S2C X . -8.85 12.76 2.80
B S2C X . -9.75 13.99 2.52
O1 S2C X . -9.51 14.54 1.20
O2 S2C X . -11.17 13.66 2.60
O3 S2C X . -9.49 15.01 3.48
S SO4 Y . 2.74 -40.72 -23.99
O1 SO4 Y . 2.35 -39.34 -23.73
O2 SO4 Y . 1.68 -41.43 -23.28
O3 SO4 Y . 3.94 -41.20 -23.29
O4 SO4 Y . 2.75 -41.20 -25.38
S SO4 Z . 30.12 -70.65 -7.71
O1 SO4 Z . 30.65 -71.87 -8.32
O2 SO4 Z . 31.37 -69.97 -7.30
O3 SO4 Z . 29.44 -70.82 -6.43
O4 SO4 Z . 29.35 -69.72 -8.56
S SO4 AA . 36.10 -67.40 -7.20
O1 SO4 AA . 36.91 -68.60 -7.45
O2 SO4 AA . 37.16 -66.40 -6.95
O3 SO4 AA . 35.37 -67.39 -5.91
O4 SO4 AA . 35.22 -66.89 -8.27
S SO4 BA . -3.72 -45.88 -24.44
O1 SO4 BA . -4.21 -44.55 -24.05
O2 SO4 BA . -4.58 -46.73 -23.61
O3 SO4 BA . -2.38 -46.24 -23.95
O4 SO4 BA . -3.87 -46.32 -25.84
MN MN CA . 14.32 -52.10 -6.25
MN MN DA . 14.05 -48.83 -6.18
CL CL EA . 36.48 -48.75 -9.97
OXT S2C FA . 23.09 -48.18 -9.60
N S2C FA . 20.42 -47.94 -11.75
CA S2C FA . 20.85 -48.15 -10.35
C S2C FA . 22.19 -48.87 -10.31
O S2C FA . 22.43 -49.94 -10.83
CB S2C FA . 19.75 -48.95 -9.72
SG S2C FA . 19.54 -48.50 -8.01
CD S2C FA . 18.57 -49.94 -7.59
CE S2C FA . 18.15 -49.87 -6.13
B S2C FA . 16.73 -50.38 -5.87
O1 S2C FA . 15.88 -50.24 -7.03
O2 S2C FA . 16.70 -51.78 -5.47
O3 S2C FA . 16.13 -49.63 -4.79
MN MN GA . -15.90 -36.83 13.05
MN MN HA . -13.03 -38.14 12.11
CL CL IA . -35.80 -37.42 0.41
OXT S2C JA . -14.03 -45.05 18.83
N S2C JA . -14.78 -45.71 15.54
CA S2C JA . -14.34 -44.68 16.50
C S2C JA . -14.97 -44.95 17.88
O S2C JA . -16.15 -45.03 18.10
CB S2C JA . -14.77 -43.37 15.91
SG S2C JA . -13.61 -42.09 16.31
CD S2C JA . -14.71 -40.75 15.89
CE S2C JA . -14.00 -39.42 16.07
B S2C JA . -14.33 -38.37 14.99
O1 S2C JA . -14.74 -39.00 13.75
O2 S2C JA . -15.41 -37.48 15.40
O3 S2C JA . -13.18 -37.56 14.73
S SO4 KA . -15.49 -22.42 -12.26
O1 SO4 KA . -16.47 -22.00 -13.27
O2 SO4 KA . -16.01 -23.76 -11.93
O3 SO4 KA . -15.57 -21.74 -10.97
O4 SO4 KA . -14.06 -22.54 -12.66
S SO4 LA . -15.76 -27.41 -19.13
O1 SO4 LA . -16.41 -27.92 -20.32
O2 SO4 LA . -15.40 -28.65 -18.44
O3 SO4 LA . -16.63 -26.74 -18.14
O4 SO4 LA . -14.54 -26.58 -19.29
S SO4 MA . 14.70 6.61 -19.74
O1 SO4 MA . 14.59 7.71 -20.70
O2 SO4 MA . 15.01 7.34 -18.49
O3 SO4 MA . 15.87 5.74 -19.89
O4 SO4 MA . 13.50 5.79 -19.51
S SO4 NA . -4.57 -14.99 -32.79
O1 SO4 NA . -5.13 -14.70 -34.12
O2 SO4 NA . -5.44 -16.12 -32.35
O3 SO4 NA . -4.84 -13.99 -31.74
O4 SO4 NA . -3.17 -15.40 -32.67
MN MN OA . 5.06 -16.34 -8.47
MN MN PA . 6.25 -14.79 -11.10
CL CL QA . 1.02 -24.19 -39.59
OXT S2C RA . 3.43 -7.70 -4.47
N S2C RA . 0.89 -9.40 -6.05
CA S2C RA . 2.32 -9.41 -5.69
C S2C RA . 2.87 -7.98 -5.65
O S2C RA . 2.83 -7.19 -6.56
CB S2C RA . 2.99 -10.24 -6.75
SG S2C RA . 4.35 -11.16 -6.06
CD S2C RA . 5.08 -11.56 -7.64
CE S2C RA . 6.31 -12.42 -7.43
B S2C RA . 6.48 -13.52 -8.48
O1 S2C RA . 5.21 -13.93 -9.04
O2 S2C RA . 7.34 -13.13 -9.58
O3 S2C RA . 7.07 -14.68 -7.87
#